data_7XJW
#
_entry.id   7XJW
#
_cell.length_a   156.975
_cell.length_b   125.749
_cell.length_c   160.418
_cell.angle_alpha   90.00
_cell.angle_beta   97.47
_cell.angle_gamma   90.00
#
_symmetry.space_group_name_H-M   'C 1 2 1'
#
loop_
_entity.id
_entity.type
_entity.pdbx_description
1 polymer 'ORF1a polyprotein'
2 non-polymer '(1S,2S)-2-({N-[(benzyloxy)carbonyl]-L-leucyl}amino)-1-hydroxy-3-[(3S)-2-oxopyrrolidin-3-yl]propane-1-sulfonic acid'
3 water water
#
_entity_poly.entity_id   1
_entity_poly.type   'polypeptide(L)'
_entity_poly.pdbx_seq_one_letter_code
;SGLRKMAQPSGLVEPCIVRVSYGNNVLNGLWLGDEVICPRHVIASDTTRVINYENEMSSVRLHNFSVSKNNVFLGVVSAK
YKGVNLVLKVNQVNPNTPEHKFKSIKAGESFNILACYEGCPGSVYGVNMRSQGTIKGSFIAGTCGSVGYVLENGILYFVY
MHHLELGNGSHVGSNLEGEMYGGYEDQPSMQLEGTNVMSSDNVVAFLYAALINGERWFVTNTSMSLESYNTWAKTNSFTE
LSSIDAFSMLAAKTGQSVEKLLDSIVRLNKGFGGRTILSYGSLCDEFTPTEVIRQMYGVNLQ
;
_entity_poly.pdbx_strand_id   A,B,C,D,E,F,G,H
#
# COMPACT_ATOMS: atom_id res chain seq x y z
N SER A 1 28.67 -23.07 -25.87
CA SER A 1 29.54 -22.34 -24.81
C SER A 1 30.18 -21.09 -25.44
N GLY A 2 31.06 -21.28 -26.42
CA GLY A 2 31.78 -20.21 -27.12
C GLY A 2 33.10 -19.87 -26.44
N LEU A 3 34.01 -19.26 -27.17
CA LEU A 3 35.34 -18.80 -26.65
C LEU A 3 35.60 -17.39 -27.16
N ARG A 4 35.82 -16.45 -26.28
CA ARG A 4 36.18 -15.06 -26.66
C ARG A 4 37.45 -14.67 -25.93
N LYS A 5 38.29 -13.85 -26.53
CA LYS A 5 39.35 -13.17 -25.78
C LYS A 5 38.72 -12.12 -24.88
N MET A 6 38.94 -12.24 -23.58
CA MET A 6 38.26 -11.38 -22.60
C MET A 6 39.26 -10.50 -21.83
N ALA A 7 38.72 -9.54 -21.11
CA ALA A 7 39.48 -8.63 -20.24
C ALA A 7 38.84 -8.63 -18.85
N GLN A 8 39.68 -8.67 -17.82
CA GLN A 8 39.26 -8.37 -16.45
C GLN A 8 38.75 -6.94 -16.42
N PRO A 9 37.75 -6.62 -15.57
CA PRO A 9 37.16 -5.29 -15.51
C PRO A 9 38.17 -4.19 -15.15
N SER A 10 37.86 -2.97 -15.54
CA SER A 10 38.79 -1.83 -15.65
C SER A 10 38.54 -0.76 -14.58
N GLY A 11 37.56 -0.97 -13.72
CA GLY A 11 36.95 0.09 -12.88
C GLY A 11 37.88 0.62 -11.78
N LEU A 12 38.83 -0.19 -11.29
CA LEU A 12 39.92 0.28 -10.38
C LEU A 12 40.90 1.19 -11.14
N VAL A 13 41.08 0.94 -12.45
CA VAL A 13 42.17 1.54 -13.29
C VAL A 13 41.68 2.83 -13.95
N GLU A 14 40.47 2.83 -14.51
CA GLU A 14 39.90 3.98 -15.24
C GLU A 14 40.32 5.29 -14.57
N PRO A 15 40.14 5.47 -13.23
CA PRO A 15 40.34 6.78 -12.61
C PRO A 15 41.83 7.20 -12.47
N CYS A 16 42.77 6.33 -12.86
CA CYS A 16 44.22 6.55 -12.70
C CYS A 16 44.81 7.21 -13.94
N ILE A 17 44.08 7.25 -15.04
CA ILE A 17 44.60 7.76 -16.34
C ILE A 17 44.47 9.27 -16.36
N VAL A 18 45.55 9.98 -16.70
CA VAL A 18 45.55 11.45 -16.91
C VAL A 18 46.08 11.73 -18.30
N ARG A 19 45.94 12.97 -18.76
CA ARG A 19 46.55 13.53 -20.00
C ARG A 19 47.86 14.22 -19.64
N VAL A 20 48.94 13.88 -20.33
CA VAL A 20 50.30 14.48 -20.17
C VAL A 20 50.73 15.00 -21.53
N SER A 21 51.09 16.27 -21.63
CA SER A 21 51.69 16.85 -22.86
C SER A 21 52.95 17.64 -22.51
N TYR A 22 53.84 17.72 -23.47
CA TYR A 22 55.08 18.53 -23.45
C TYR A 22 55.41 18.88 -24.91
N GLY A 23 55.38 20.16 -25.25
CA GLY A 23 55.47 20.62 -26.65
C GLY A 23 54.35 20.03 -27.47
N ASN A 24 54.63 19.59 -28.69
CA ASN A 24 53.61 19.13 -29.67
C ASN A 24 53.14 17.70 -29.33
N ASN A 25 53.75 17.04 -28.32
CA ASN A 25 53.45 15.64 -27.91
C ASN A 25 52.29 15.59 -26.90
N VAL A 26 51.32 14.71 -27.12
CA VAL A 26 50.23 14.40 -26.13
C VAL A 26 50.13 12.88 -25.97
N LEU A 27 50.05 12.42 -24.73
CA LEU A 27 49.87 10.98 -24.42
C LEU A 27 49.33 10.80 -23.00
N ASN A 28 49.34 9.55 -22.50
CA ASN A 28 48.61 9.15 -21.28
C ASN A 28 49.60 8.93 -20.16
N GLY A 29 49.24 9.35 -18.96
CA GLY A 29 49.99 9.04 -17.73
C GLY A 29 49.17 8.18 -16.79
N LEU A 30 49.83 7.44 -15.93
CA LEU A 30 49.24 6.72 -14.79
C LEU A 30 49.46 7.54 -13.52
N TRP A 31 48.38 8.11 -12.97
CA TRP A 31 48.35 8.90 -11.71
C TRP A 31 48.01 7.97 -10.53
N LEU A 32 49.05 7.56 -9.78
CA LEU A 32 48.91 6.87 -8.47
C LEU A 32 49.55 7.74 -7.39
N GLY A 33 48.88 7.92 -6.24
CA GLY A 33 49.29 8.88 -5.20
C GLY A 33 49.62 10.24 -5.82
N ASP A 34 50.80 10.80 -5.53
CA ASP A 34 51.24 12.11 -6.09
C ASP A 34 52.18 11.87 -7.29
N GLU A 35 52.11 10.68 -7.91
CA GLU A 35 53.07 10.24 -8.96
C GLU A 35 52.35 9.95 -10.29
N VAL A 36 52.76 10.63 -11.36
CA VAL A 36 52.34 10.34 -12.76
C VAL A 36 53.51 9.69 -13.49
N ILE A 37 53.42 8.37 -13.74
CA ILE A 37 54.32 7.64 -14.66
C ILE A 37 53.84 7.90 -16.08
N CYS A 38 54.75 8.00 -17.04
CA CYS A 38 54.46 8.21 -18.48
C CYS A 38 55.71 7.97 -19.30
N PRO A 39 55.60 7.56 -20.58
CA PRO A 39 56.76 7.33 -21.43
C PRO A 39 57.56 8.62 -21.62
N ARG A 40 58.89 8.50 -21.66
CA ARG A 40 59.84 9.65 -21.59
C ARG A 40 59.80 10.42 -22.93
N HIS A 41 59.44 9.77 -24.05
CA HIS A 41 59.48 10.37 -25.41
C HIS A 41 58.41 11.46 -25.52
N VAL A 42 57.71 11.77 -24.44
CA VAL A 42 56.74 12.91 -24.40
C VAL A 42 57.53 14.22 -24.55
N ILE A 43 58.85 14.14 -24.40
CA ILE A 43 59.80 15.29 -24.27
C ILE A 43 60.56 15.51 -25.60
N ALA A 44 60.54 14.52 -26.49
CA ALA A 44 61.24 14.54 -27.78
C ALA A 44 60.61 15.61 -28.69
N SER A 45 61.44 16.53 -29.19
CA SER A 45 61.05 17.67 -30.08
C SER A 45 60.53 17.15 -31.43
N ASP A 46 61.04 16.00 -31.87
CA ASP A 46 60.62 15.33 -33.14
C ASP A 46 60.77 13.80 -32.98
N THR A 47 59.63 13.09 -32.97
CA THR A 47 59.54 11.64 -32.62
C THR A 47 59.55 10.75 -33.87
N THR A 48 59.99 11.26 -35.02
CA THR A 48 60.09 10.49 -36.29
C THR A 48 61.55 10.38 -36.75
N ARG A 49 62.47 10.92 -35.95
CA ARG A 49 63.95 10.87 -36.21
C ARG A 49 64.63 10.38 -34.94
N VAL A 50 65.75 9.65 -35.07
CA VAL A 50 66.49 9.11 -33.91
C VAL A 50 66.67 10.25 -32.91
N ILE A 51 66.66 9.95 -31.62
CA ILE A 51 66.58 10.97 -30.54
C ILE A 51 67.82 10.83 -29.64
N ASN A 52 68.56 11.94 -29.48
CA ASN A 52 69.54 12.12 -28.39
C ASN A 52 68.77 12.41 -27.10
N TYR A 53 68.60 11.42 -26.24
CA TYR A 53 67.74 11.49 -25.05
C TYR A 53 68.42 12.29 -23.94
N GLU A 54 69.77 12.33 -23.91
CA GLU A 54 70.51 13.05 -22.83
C GLU A 54 70.58 14.55 -23.17
N ASN A 55 70.54 14.91 -24.47
CA ASN A 55 70.46 16.33 -24.93
C ASN A 55 69.04 16.84 -24.69
N GLU A 56 68.04 16.09 -25.15
CA GLU A 56 66.60 16.50 -25.12
C GLU A 56 66.16 16.63 -23.66
N MET A 57 66.69 15.79 -22.76
CA MET A 57 66.37 15.82 -21.32
C MET A 57 67.14 16.97 -20.65
N SER A 58 68.28 17.40 -21.23
CA SER A 58 69.19 18.43 -20.66
C SER A 58 68.59 19.83 -20.78
N SER A 59 67.67 20.04 -21.74
CA SER A 59 66.99 21.33 -22.02
C SER A 59 65.54 21.32 -21.51
N VAL A 60 65.15 20.32 -20.71
CA VAL A 60 63.73 20.09 -20.29
C VAL A 60 63.41 21.00 -19.11
N ARG A 61 62.42 21.89 -19.29
CA ARG A 61 61.76 22.70 -18.22
C ARG A 61 60.50 21.98 -17.74
N LEU A 62 60.38 21.75 -16.44
CA LEU A 62 59.25 20.99 -15.81
C LEU A 62 57.97 21.82 -15.89
N HIS A 63 58.06 23.15 -15.92
CA HIS A 63 56.88 24.05 -16.08
C HIS A 63 56.23 23.81 -17.46
N ASN A 64 56.99 23.30 -18.43
CA ASN A 64 56.53 23.07 -19.83
C ASN A 64 55.68 21.79 -19.93
N PHE A 65 55.55 21.03 -18.85
CA PHE A 65 54.64 19.86 -18.79
C PHE A 65 53.23 20.36 -18.60
N SER A 66 52.28 19.65 -19.19
CA SER A 66 50.83 19.79 -18.94
C SER A 66 50.26 18.46 -18.47
N VAL A 67 49.59 18.44 -17.33
CA VAL A 67 49.04 17.20 -16.70
C VAL A 67 47.64 17.48 -16.15
N SER A 68 46.60 16.97 -16.82
CA SER A 68 45.17 17.29 -16.58
C SER A 68 44.30 16.03 -16.54
N LYS A 69 43.26 16.06 -15.71
CA LYS A 69 42.14 15.10 -15.66
C LYS A 69 40.84 15.89 -15.49
N ASN A 70 39.86 15.67 -16.38
CA ASN A 70 38.56 16.40 -16.36
C ASN A 70 38.88 17.91 -16.35
N ASN A 71 39.80 18.31 -17.23
CA ASN A 71 40.31 19.70 -17.45
C ASN A 71 40.65 20.37 -16.10
N VAL A 72 40.86 19.59 -15.03
CA VAL A 72 41.52 20.07 -13.77
C VAL A 72 43.02 19.86 -13.91
N PHE A 73 43.80 20.93 -13.97
CA PHE A 73 45.25 20.87 -14.24
C PHE A 73 46.01 20.61 -12.93
N LEU A 74 46.89 19.60 -12.95
CA LEU A 74 47.90 19.31 -11.89
C LEU A 74 49.22 19.99 -12.26
N GLY A 75 49.97 20.42 -11.24
CA GLY A 75 51.25 21.14 -11.39
C GLY A 75 52.42 20.26 -11.01
N VAL A 76 53.42 20.21 -11.88
CA VAL A 76 54.66 19.40 -11.71
C VAL A 76 55.62 20.14 -10.77
N VAL A 77 56.09 19.48 -9.70
CA VAL A 77 57.10 20.04 -8.76
C VAL A 77 58.47 19.42 -9.03
N SER A 78 58.53 18.10 -9.22
CA SER A 78 59.78 17.32 -9.46
C SER A 78 59.50 16.18 -10.44
N ALA A 79 60.55 15.56 -10.94
CA ALA A 79 60.47 14.31 -11.72
C ALA A 79 61.72 13.48 -11.44
N LYS A 80 61.62 12.15 -11.53
CA LYS A 80 62.82 11.30 -11.72
C LYS A 80 62.72 10.60 -13.08
N TYR A 81 63.86 10.44 -13.73
CA TYR A 81 64.05 9.77 -15.04
C TYR A 81 64.44 8.32 -14.74
N LYS A 82 63.59 7.35 -15.12
CA LYS A 82 63.68 5.92 -14.64
C LYS A 82 63.52 4.94 -15.81
N GLY A 83 64.60 4.65 -16.53
CA GLY A 83 64.60 3.80 -17.72
C GLY A 83 64.03 4.55 -18.91
N VAL A 84 62.98 4.03 -19.54
CA VAL A 84 62.27 4.72 -20.65
C VAL A 84 61.06 5.49 -20.09
N ASN A 85 60.92 5.56 -18.77
CA ASN A 85 59.74 6.18 -18.13
C ASN A 85 60.14 7.46 -17.38
N LEU A 86 59.19 8.39 -17.33
CA LEU A 86 59.23 9.64 -16.56
C LEU A 86 58.30 9.49 -15.35
N VAL A 87 58.72 9.91 -14.16
CA VAL A 87 57.85 9.83 -12.94
C VAL A 87 57.73 11.24 -12.35
N LEU A 88 56.63 11.93 -12.70
CA LEU A 88 56.35 13.32 -12.30
C LEU A 88 55.73 13.31 -10.90
N LYS A 89 56.31 14.06 -9.95
CA LYS A 89 55.66 14.44 -8.67
C LYS A 89 54.77 15.65 -8.94
N VAL A 90 53.49 15.57 -8.54
CA VAL A 90 52.45 16.61 -8.83
C VAL A 90 51.94 17.15 -7.48
N ASN A 91 51.37 18.37 -7.47
CA ASN A 91 50.95 19.06 -6.21
C ASN A 91 49.81 18.28 -5.54
N GLN A 92 48.92 17.66 -6.32
CA GLN A 92 47.73 16.95 -5.80
C GLN A 92 47.97 15.41 -5.80
N VAL A 93 47.46 14.72 -4.77
CA VAL A 93 47.35 13.23 -4.66
C VAL A 93 46.05 12.75 -5.35
N ASN A 94 46.08 11.57 -5.99
CA ASN A 94 44.92 10.96 -6.70
C ASN A 94 43.96 10.35 -5.69
N PRO A 95 42.77 10.95 -5.50
CA PRO A 95 41.82 10.47 -4.49
C PRO A 95 41.34 9.02 -4.78
N ASN A 96 41.41 8.59 -6.03
CA ASN A 96 40.86 7.30 -6.49
C ASN A 96 41.99 6.25 -6.65
N THR A 97 43.10 6.41 -5.93
CA THR A 97 44.29 5.52 -6.04
C THR A 97 43.95 4.15 -5.52
N PRO A 98 43.95 3.09 -6.36
CA PRO A 98 43.59 1.76 -5.90
C PRO A 98 44.81 1.17 -5.20
N GLU A 99 44.59 0.32 -4.21
CA GLU A 99 45.65 -0.58 -3.70
C GLU A 99 46.21 -1.33 -4.90
N HIS A 100 47.52 -1.26 -5.10
CA HIS A 100 48.19 -1.81 -6.30
C HIS A 100 49.54 -2.40 -5.94
N LYS A 101 50.00 -3.36 -6.72
CA LYS A 101 51.41 -3.78 -6.79
C LYS A 101 51.87 -3.65 -8.24
N PHE A 102 53.16 -3.91 -8.51
CA PHE A 102 53.75 -4.02 -9.87
C PHE A 102 54.38 -5.39 -10.05
N LYS A 103 54.20 -6.00 -11.23
CA LYS A 103 54.95 -7.21 -11.64
C LYS A 103 55.34 -7.06 -13.11
N SER A 104 56.23 -7.94 -13.59
CA SER A 104 56.66 -8.02 -15.01
C SER A 104 56.05 -9.27 -15.65
N ILE A 105 55.47 -9.12 -16.84
CA ILE A 105 54.77 -10.20 -17.59
C ILE A 105 55.84 -11.01 -18.33
N LYS A 106 55.71 -12.34 -18.33
CA LYS A 106 56.58 -13.28 -19.11
C LYS A 106 55.84 -13.73 -20.37
N ALA A 107 56.58 -14.14 -21.41
CA ALA A 107 56.03 -14.73 -22.63
C ALA A 107 55.04 -15.84 -22.23
N GLY A 108 53.91 -15.92 -22.93
CA GLY A 108 52.86 -16.94 -22.68
C GLY A 108 51.71 -16.38 -21.88
N GLU A 109 52.00 -15.35 -21.06
CA GLU A 109 51.10 -14.80 -20.02
C GLU A 109 50.18 -13.74 -20.63
N SER A 110 48.95 -13.67 -20.11
CA SER A 110 47.85 -12.81 -20.58
C SER A 110 47.71 -11.60 -19.67
N PHE A 111 47.29 -10.48 -20.22
CA PHE A 111 46.97 -9.31 -19.39
C PHE A 111 45.99 -8.46 -20.15
N ASN A 112 45.50 -7.40 -19.49
CA ASN A 112 44.45 -6.48 -19.97
C ASN A 112 45.07 -5.14 -20.32
N ILE A 113 44.72 -4.61 -21.50
CA ILE A 113 45.03 -3.22 -21.94
C ILE A 113 43.79 -2.38 -21.68
N LEU A 114 43.95 -1.26 -20.99
CA LEU A 114 43.06 -0.10 -21.12
C LEU A 114 43.71 0.91 -22.08
N ALA A 115 43.15 1.01 -23.28
CA ALA A 115 43.61 1.89 -24.37
C ALA A 115 42.91 3.23 -24.22
N CYS A 116 43.67 4.28 -23.87
CA CYS A 116 43.18 5.66 -23.71
C CYS A 116 43.76 6.56 -24.82
N TYR A 117 42.91 7.30 -25.53
CA TYR A 117 43.31 8.41 -26.45
C TYR A 117 43.53 9.71 -25.66
N GLU A 118 44.78 10.08 -25.42
CA GLU A 118 45.16 11.46 -24.98
C GLU A 118 44.46 11.77 -23.67
N GLY A 119 44.48 10.83 -22.73
CA GLY A 119 43.88 10.99 -21.38
C GLY A 119 42.41 10.59 -21.37
N CYS A 120 41.81 10.38 -22.55
CA CYS A 120 40.37 10.10 -22.74
C CYS A 120 39.99 8.68 -22.25
N PRO A 121 38.69 8.50 -21.90
CA PRO A 121 38.16 7.25 -21.31
C PRO A 121 38.56 5.87 -21.87
N GLY A 122 38.42 5.64 -23.17
CA GLY A 122 39.14 4.53 -23.85
C GLY A 122 38.31 3.26 -24.01
N SER A 123 38.98 2.11 -24.03
CA SER A 123 38.41 0.80 -24.35
C SER A 123 39.26 -0.30 -23.70
N VAL A 124 38.67 -1.45 -23.38
CA VAL A 124 39.33 -2.53 -22.60
C VAL A 124 39.37 -3.78 -23.47
N TYR A 125 40.43 -4.57 -23.37
CA TYR A 125 40.62 -5.80 -24.21
C TYR A 125 41.87 -6.55 -23.75
N GLY A 126 41.76 -7.88 -23.69
CA GLY A 126 42.84 -8.80 -23.27
C GLY A 126 43.87 -8.98 -24.37
N VAL A 127 45.14 -9.08 -23.97
CA VAL A 127 46.30 -9.40 -24.87
C VAL A 127 47.04 -10.59 -24.28
N ASN A 128 48.03 -11.10 -25.00
CA ASN A 128 48.92 -12.19 -24.57
C ASN A 128 50.32 -11.90 -25.10
N MET A 129 51.33 -12.11 -24.27
CA MET A 129 52.71 -11.66 -24.59
C MET A 129 53.40 -12.76 -25.38
N ARG A 130 53.79 -12.40 -26.60
CA ARG A 130 54.59 -13.23 -27.56
C ARG A 130 56.05 -13.34 -27.07
N SER A 131 56.78 -14.33 -27.60
CA SER A 131 58.10 -14.80 -27.13
C SER A 131 59.14 -13.67 -27.17
N GLN A 132 58.96 -12.68 -28.05
CA GLN A 132 59.91 -11.56 -28.22
C GLN A 132 59.55 -10.37 -27.31
N GLY A 133 58.61 -10.55 -26.38
CA GLY A 133 58.18 -9.50 -25.43
C GLY A 133 57.41 -8.39 -26.12
N THR A 134 56.66 -8.73 -27.18
CA THR A 134 55.69 -7.83 -27.86
C THR A 134 54.23 -8.28 -27.62
N ILE A 135 53.27 -7.44 -28.03
CA ILE A 135 51.84 -7.82 -28.19
C ILE A 135 51.33 -7.35 -29.56
N LYS A 136 50.19 -7.89 -29.98
CA LYS A 136 49.55 -7.65 -31.30
C LYS A 136 48.23 -6.90 -31.07
N GLY A 137 48.21 -5.88 -30.24
CA GLY A 137 46.94 -5.31 -29.77
C GLY A 137 46.28 -4.44 -30.82
N SER A 138 45.71 -3.31 -30.39
CA SER A 138 45.29 -2.21 -31.28
C SER A 138 45.75 -0.89 -30.65
N PHE A 139 46.66 -0.19 -31.32
CA PHE A 139 47.27 1.08 -30.86
C PHE A 139 47.45 2.04 -32.05
N ILE A 140 47.17 3.32 -31.80
CA ILE A 140 47.24 4.45 -32.79
C ILE A 140 47.99 5.61 -32.14
N ALA A 141 48.29 6.66 -32.91
CA ALA A 141 48.87 7.93 -32.41
C ALA A 141 47.95 8.43 -31.31
N GLY A 142 48.50 8.81 -30.16
CA GLY A 142 47.76 9.39 -29.01
C GLY A 142 47.52 8.39 -27.89
N THR A 143 47.90 7.12 -28.06
CA THR A 143 47.54 5.99 -27.15
C THR A 143 48.75 5.58 -26.29
N CYS A 144 49.90 6.25 -26.42
CA CYS A 144 51.15 5.93 -25.65
C CYS A 144 50.94 6.26 -24.19
N GLY A 145 51.50 5.46 -23.30
CA GLY A 145 51.26 5.57 -21.85
C GLY A 145 49.95 4.93 -21.43
N SER A 146 49.20 4.33 -22.38
CA SER A 146 48.09 3.38 -22.10
C SER A 146 48.63 2.22 -21.26
N VAL A 147 47.80 1.68 -20.40
CA VAL A 147 48.25 0.84 -19.24
C VAL A 147 47.71 -0.59 -19.38
N GLY A 148 48.58 -1.56 -19.10
CA GLY A 148 48.24 -2.97 -18.93
C GLY A 148 48.19 -3.32 -17.46
N TYR A 149 47.37 -4.30 -17.08
CA TYR A 149 47.13 -4.72 -15.68
C TYR A 149 46.59 -6.15 -15.66
N VAL A 150 46.88 -6.87 -14.59
CA VAL A 150 46.23 -8.16 -14.24
C VAL A 150 45.66 -8.00 -12.86
N LEU A 151 44.51 -8.61 -12.61
CA LEU A 151 44.00 -8.88 -11.24
C LEU A 151 44.25 -10.37 -10.95
N GLU A 152 45.11 -10.65 -9.97
CA GLU A 152 45.38 -12.03 -9.45
C GLU A 152 45.06 -12.04 -7.96
N ASN A 153 44.18 -12.94 -7.52
CA ASN A 153 43.87 -13.11 -6.08
C ASN A 153 43.39 -11.75 -5.52
N GLY A 154 42.57 -11.03 -6.28
CA GLY A 154 41.98 -9.73 -5.88
C GLY A 154 43.03 -8.64 -5.65
N ILE A 155 44.25 -8.85 -6.14
CA ILE A 155 45.37 -7.85 -6.07
C ILE A 155 45.60 -7.26 -7.47
N LEU A 156 45.45 -5.95 -7.62
CA LEU A 156 45.70 -5.21 -8.88
C LEU A 156 47.22 -5.04 -9.07
N TYR A 157 47.77 -5.64 -10.13
CA TYR A 157 49.15 -5.45 -10.62
C TYR A 157 49.13 -4.59 -11.89
N PHE A 158 49.90 -3.49 -11.91
CA PHE A 158 50.22 -2.74 -13.15
C PHE A 158 51.46 -3.36 -13.77
N VAL A 159 51.45 -3.60 -15.08
CA VAL A 159 52.40 -4.54 -15.71
C VAL A 159 52.90 -3.99 -17.06
N TYR A 160 52.21 -3.04 -17.64
CA TYR A 160 52.50 -2.57 -19.02
C TYR A 160 52.17 -1.09 -19.18
N MET A 161 53.10 -0.35 -19.80
CA MET A 161 52.91 1.01 -20.35
C MET A 161 53.30 0.97 -21.82
N HIS A 162 52.53 1.60 -22.68
CA HIS A 162 52.66 1.50 -24.15
C HIS A 162 53.62 2.57 -24.68
N HIS A 163 54.47 2.24 -25.66
CA HIS A 163 55.52 3.15 -26.19
C HIS A 163 55.49 3.18 -27.71
N LEU A 164 55.56 2.02 -28.39
CA LEU A 164 55.73 2.05 -29.88
C LEU A 164 55.18 0.81 -30.60
N GLU A 165 55.23 0.91 -31.92
CA GLU A 165 54.78 -0.08 -32.92
C GLU A 165 55.97 -0.38 -33.84
N LEU A 166 56.37 -1.64 -33.95
CA LEU A 166 57.33 -2.16 -34.95
C LEU A 166 56.70 -2.15 -36.36
N GLY A 167 57.54 -2.20 -37.40
CA GLY A 167 57.17 -2.29 -38.82
C GLY A 167 56.09 -3.33 -39.06
N ASN A 168 56.32 -4.56 -38.60
CA ASN A 168 55.36 -5.69 -38.74
C ASN A 168 54.04 -5.35 -38.04
N GLY A 169 54.01 -4.31 -37.21
CA GLY A 169 52.80 -3.85 -36.49
C GLY A 169 52.60 -4.56 -35.14
N SER A 170 53.58 -5.35 -34.71
CA SER A 170 53.74 -5.77 -33.30
C SER A 170 53.86 -4.53 -32.43
N HIS A 171 53.50 -4.63 -31.16
CA HIS A 171 53.42 -3.49 -30.23
C HIS A 171 54.34 -3.75 -29.05
N VAL A 172 55.15 -2.74 -28.72
CA VAL A 172 56.22 -2.79 -27.70
C VAL A 172 55.81 -1.87 -26.57
N GLY A 173 56.10 -2.27 -25.35
CA GLY A 173 55.97 -1.41 -24.18
C GLY A 173 56.95 -1.79 -23.08
N SER A 174 56.78 -1.17 -21.93
CA SER A 174 57.63 -1.31 -20.75
C SER A 174 56.77 -1.85 -19.60
N ASN A 175 57.42 -2.45 -18.60
CA ASN A 175 56.85 -2.54 -17.24
C ASN A 175 56.86 -1.11 -16.70
N LEU A 176 56.40 -0.91 -15.45
CA LEU A 176 56.13 0.44 -14.86
C LEU A 176 57.40 0.94 -14.18
N GLU A 177 58.43 0.10 -14.16
CA GLU A 177 59.77 0.39 -13.61
C GLU A 177 60.67 0.93 -14.73
N GLY A 178 60.15 0.99 -15.97
CA GLY A 178 60.81 1.64 -17.13
C GLY A 178 61.69 0.69 -17.95
N GLU A 179 61.72 -0.60 -17.60
CA GLU A 179 62.37 -1.67 -18.40
C GLU A 179 61.44 -2.05 -19.54
N MET A 180 61.88 -1.89 -20.79
CA MET A 180 61.09 -2.17 -22.03
C MET A 180 61.14 -3.67 -22.34
N TYR A 181 59.98 -4.30 -22.60
CA TYR A 181 59.86 -5.74 -22.90
C TYR A 181 60.55 -6.06 -24.23
N GLY A 182 61.28 -7.18 -24.26
CA GLY A 182 62.01 -7.66 -25.46
C GLY A 182 63.21 -6.77 -25.80
N GLY A 183 63.58 -5.86 -24.88
CA GLY A 183 64.84 -5.10 -24.91
C GLY A 183 64.86 -4.00 -25.97
N TYR A 184 63.77 -3.77 -26.70
CA TYR A 184 63.70 -2.80 -27.83
C TYR A 184 64.12 -1.39 -27.36
N GLU A 185 64.47 -0.51 -28.32
CA GLU A 185 64.88 0.90 -28.07
C GLU A 185 63.68 1.84 -28.28
N ASP A 186 63.68 2.94 -27.53
CA ASP A 186 62.59 3.93 -27.40
C ASP A 186 62.62 4.89 -28.61
N GLN A 187 62.75 4.37 -29.84
CA GLN A 187 63.22 5.14 -31.05
C GLN A 187 62.46 4.75 -32.30
N PRO A 188 62.33 5.68 -33.28
CA PRO A 188 61.65 5.41 -34.56
C PRO A 188 62.41 4.51 -35.55
N SER A 189 63.71 4.31 -35.33
CA SER A 189 64.57 3.35 -36.07
C SER A 189 63.83 2.02 -36.32
N MET A 190 64.04 1.41 -37.50
CA MET A 190 63.36 0.15 -37.94
C MET A 190 63.94 -1.04 -37.17
N GLN A 191 63.43 -1.30 -35.97
CA GLN A 191 63.75 -2.50 -35.15
C GLN A 191 62.93 -3.70 -35.65
N LEU A 192 63.59 -4.84 -35.86
CA LEU A 192 62.95 -6.12 -36.25
C LEU A 192 62.53 -6.87 -34.99
N GLU A 193 61.37 -7.55 -35.05
CA GLU A 193 60.79 -8.28 -33.90
C GLU A 193 61.75 -9.42 -33.51
N GLY A 194 62.00 -10.31 -34.47
CA GLY A 194 62.61 -11.64 -34.26
C GLY A 194 61.60 -12.74 -34.50
N THR A 195 62.05 -14.00 -34.51
CA THR A 195 61.18 -15.19 -34.69
C THR A 195 60.15 -15.25 -33.56
N ASN A 196 58.87 -15.29 -33.91
CA ASN A 196 57.81 -15.67 -32.95
C ASN A 196 58.02 -17.13 -32.56
N VAL A 197 57.93 -17.45 -31.25
CA VAL A 197 57.90 -18.84 -30.71
C VAL A 197 56.56 -19.06 -29.98
N MET A 198 55.74 -19.97 -30.49
CA MET A 198 54.36 -20.26 -30.01
C MET A 198 54.42 -20.93 -28.64
N SER A 199 53.47 -20.58 -27.74
CA SER A 199 53.29 -21.24 -26.42
C SER A 199 52.53 -22.55 -26.61
N SER A 200 53.17 -23.66 -26.33
CA SER A 200 52.61 -25.02 -26.41
C SER A 200 51.47 -25.16 -25.41
N ASP A 201 51.69 -24.73 -24.16
CA ASP A 201 50.63 -24.66 -23.11
C ASP A 201 49.39 -23.99 -23.71
N ASN A 202 49.58 -22.84 -24.35
CA ASN A 202 48.48 -21.99 -24.84
C ASN A 202 47.76 -22.68 -26.01
N VAL A 203 48.48 -23.39 -26.87
CA VAL A 203 47.86 -24.07 -28.03
C VAL A 203 47.05 -25.26 -27.52
N VAL A 204 47.57 -25.99 -26.53
CA VAL A 204 46.85 -27.14 -25.90
C VAL A 204 45.58 -26.61 -25.24
N ALA A 205 45.70 -25.61 -24.39
CA ALA A 205 44.57 -24.85 -23.80
C ALA A 205 43.50 -24.62 -24.89
N PHE A 206 43.92 -24.08 -26.04
CA PHE A 206 43.03 -23.71 -27.16
C PHE A 206 42.34 -24.96 -27.74
N LEU A 207 43.08 -26.02 -28.02
CA LEU A 207 42.51 -27.24 -28.61
C LEU A 207 41.55 -27.87 -27.59
N TYR A 208 41.79 -27.72 -26.28
CA TYR A 208 40.85 -28.25 -25.25
C TYR A 208 39.55 -27.46 -25.31
N ALA A 209 39.65 -26.14 -25.47
CA ALA A 209 38.50 -25.24 -25.69
C ALA A 209 37.69 -25.75 -26.88
N ALA A 210 38.35 -26.08 -27.99
CA ALA A 210 37.67 -26.52 -29.24
C ALA A 210 36.98 -27.85 -28.95
N LEU A 211 37.68 -28.77 -28.28
CA LEU A 211 37.16 -30.09 -27.85
C LEU A 211 35.87 -29.87 -27.06
N ILE A 212 35.87 -28.90 -26.15
CA ILE A 212 34.74 -28.67 -25.22
C ILE A 212 33.58 -28.03 -26.00
N ASN A 213 33.87 -27.36 -27.14
CA ASN A 213 32.86 -26.76 -28.05
C ASN A 213 32.52 -27.72 -29.22
N GLY A 214 32.84 -29.01 -29.09
CA GLY A 214 32.38 -30.07 -30.03
C GLY A 214 33.13 -30.09 -31.37
N GLU A 215 34.21 -29.30 -31.51
CA GLU A 215 35.12 -29.33 -32.70
C GLU A 215 36.22 -30.35 -32.42
N ARG A 216 36.18 -31.49 -33.12
CA ARG A 216 36.93 -32.73 -32.72
C ARG A 216 37.76 -33.27 -33.90
N TRP A 217 37.68 -32.68 -35.09
CA TRP A 217 38.17 -33.31 -36.35
C TRP A 217 39.67 -33.54 -36.29
N PHE A 218 40.40 -32.77 -35.46
CA PHE A 218 41.88 -32.74 -35.38
C PHE A 218 42.40 -33.93 -34.55
N VAL A 219 41.58 -34.50 -33.67
CA VAL A 219 42.04 -35.59 -32.77
C VAL A 219 41.92 -36.92 -33.52
N THR A 220 42.86 -37.81 -33.23
CA THR A 220 43.22 -38.99 -34.04
C THR A 220 43.49 -40.12 -33.04
N ASN A 221 43.69 -41.35 -33.51
CA ASN A 221 43.94 -42.54 -32.65
C ASN A 221 45.42 -42.60 -32.26
N THR A 222 46.14 -41.46 -32.34
CA THR A 222 47.61 -41.36 -32.15
C THR A 222 47.92 -40.39 -31.00
N SER A 223 48.83 -40.77 -30.10
CA SER A 223 49.39 -39.93 -29.01
C SER A 223 50.88 -39.75 -29.28
N MET A 224 51.42 -38.59 -28.93
CA MET A 224 52.88 -38.31 -28.91
C MET A 224 53.33 -38.14 -27.45
N SER A 225 54.39 -38.84 -27.03
CA SER A 225 54.93 -38.74 -25.65
C SER A 225 55.51 -37.34 -25.47
N LEU A 226 55.62 -36.89 -24.23
CA LEU A 226 56.04 -35.49 -23.89
C LEU A 226 57.46 -35.22 -24.43
N GLU A 227 58.41 -36.11 -24.12
CA GLU A 227 59.84 -35.99 -24.56
C GLU A 227 59.87 -35.87 -26.08
N SER A 228 59.08 -36.73 -26.73
CA SER A 228 58.94 -36.83 -28.20
C SER A 228 58.55 -35.46 -28.75
N TYR A 229 57.45 -34.88 -28.22
CA TYR A 229 56.93 -33.53 -28.58
C TYR A 229 58.01 -32.47 -28.31
N ASN A 230 58.59 -32.46 -27.10
CA ASN A 230 59.63 -31.47 -26.68
C ASN A 230 60.77 -31.44 -27.73
N THR A 231 61.30 -32.59 -28.14
CA THR A 231 62.25 -32.70 -29.27
C THR A 231 61.68 -31.92 -30.48
N TRP A 232 60.49 -32.29 -30.96
CA TRP A 232 59.90 -31.72 -32.20
C TRP A 232 59.85 -30.19 -32.09
N ALA A 233 59.48 -29.67 -30.91
CA ALA A 233 59.14 -28.26 -30.65
C ALA A 233 60.39 -27.39 -30.81
N LYS A 234 61.52 -27.87 -30.30
CA LYS A 234 62.83 -27.17 -30.26
C LYS A 234 63.23 -26.69 -31.66
N THR A 235 62.79 -27.40 -32.71
CA THR A 235 63.19 -27.12 -34.12
C THR A 235 62.00 -26.59 -34.92
N ASN A 236 60.85 -26.29 -34.29
CA ASN A 236 59.62 -25.85 -35.02
C ASN A 236 59.04 -24.54 -34.46
N SER A 237 59.85 -23.75 -33.72
CA SER A 237 59.45 -22.46 -33.10
C SER A 237 58.22 -22.65 -32.20
N PHE A 238 58.28 -23.62 -31.28
CA PHE A 238 57.31 -23.83 -30.18
C PHE A 238 58.05 -24.03 -28.86
N THR A 239 57.46 -23.59 -27.75
CA THR A 239 58.02 -23.75 -26.39
C THR A 239 57.93 -25.20 -25.95
N GLU A 240 58.69 -25.56 -24.93
CA GLU A 240 58.69 -26.92 -24.37
C GLU A 240 57.62 -26.97 -23.32
N LEU A 241 56.53 -27.68 -23.59
CA LEU A 241 55.54 -28.05 -22.55
C LEU A 241 56.30 -28.67 -21.39
N SER A 242 56.39 -27.98 -20.25
CA SER A 242 57.17 -28.46 -19.08
C SER A 242 56.40 -29.58 -18.37
N SER A 243 55.10 -29.42 -18.18
CA SER A 243 54.24 -30.32 -17.38
C SER A 243 53.01 -30.75 -18.18
N ILE A 244 52.26 -31.73 -17.66
CA ILE A 244 50.96 -32.20 -18.19
C ILE A 244 49.87 -31.93 -17.15
N ASP A 245 50.26 -31.58 -15.92
CA ASP A 245 49.40 -31.64 -14.70
C ASP A 245 48.58 -30.36 -14.60
N ALA A 246 48.94 -29.34 -15.39
CA ALA A 246 48.13 -28.12 -15.61
C ALA A 246 46.79 -28.50 -16.25
N PHE A 247 46.77 -29.49 -17.15
CA PHE A 247 45.61 -29.84 -18.01
C PHE A 247 44.83 -31.02 -17.44
N SER A 248 45.09 -31.43 -16.20
CA SER A 248 44.47 -32.62 -15.54
C SER A 248 42.94 -32.58 -15.72
N MET A 249 42.33 -31.45 -15.42
CA MET A 249 40.85 -31.29 -15.40
C MET A 249 40.31 -31.32 -16.83
N LEU A 250 40.99 -30.69 -17.79
CA LEU A 250 40.55 -30.66 -19.21
C LEU A 250 40.70 -32.05 -19.82
N ALA A 251 41.77 -32.77 -19.46
CA ALA A 251 41.97 -34.21 -19.78
C ALA A 251 40.77 -35.03 -19.29
N ALA A 252 40.41 -34.88 -18.01
CA ALA A 252 39.30 -35.63 -17.36
C ALA A 252 37.95 -35.29 -18.03
N LYS A 253 37.62 -34.00 -18.11
CA LYS A 253 36.32 -33.49 -18.61
C LYS A 253 36.09 -33.95 -20.06
N THR A 254 37.12 -33.90 -20.90
CA THR A 254 37.04 -34.10 -22.37
C THR A 254 37.25 -35.56 -22.74
N GLY A 255 37.99 -36.30 -21.91
CA GLY A 255 38.39 -37.69 -22.18
C GLY A 255 39.64 -37.78 -23.05
N GLN A 256 40.14 -36.66 -23.58
CA GLN A 256 41.34 -36.59 -24.48
C GLN A 256 42.59 -36.21 -23.68
N SER A 257 43.71 -36.86 -23.97
CA SER A 257 44.98 -36.72 -23.24
C SER A 257 45.79 -35.57 -23.84
N VAL A 258 46.63 -34.92 -23.03
CA VAL A 258 47.59 -33.91 -23.54
C VAL A 258 48.32 -34.48 -24.77
N GLU A 259 48.63 -35.77 -24.76
CA GLU A 259 49.52 -36.37 -25.78
C GLU A 259 48.77 -36.46 -27.11
N LYS A 260 47.49 -36.82 -27.09
CA LYS A 260 46.62 -36.75 -28.27
C LYS A 260 46.74 -35.34 -28.87
N LEU A 261 46.72 -34.32 -28.00
CA LEU A 261 46.73 -32.89 -28.45
C LEU A 261 48.13 -32.52 -28.90
N LEU A 262 49.16 -33.04 -28.23
CA LEU A 262 50.57 -32.75 -28.60
C LEU A 262 50.80 -33.22 -30.05
N ASP A 263 50.23 -34.38 -30.40
CA ASP A 263 50.35 -34.96 -31.76
C ASP A 263 49.51 -34.14 -32.75
N SER A 264 48.36 -33.62 -32.33
CA SER A 264 47.51 -32.71 -33.14
C SER A 264 48.29 -31.44 -33.53
N ILE A 265 49.08 -30.87 -32.61
CA ILE A 265 49.92 -29.68 -32.91
C ILE A 265 50.84 -30.00 -34.10
N VAL A 266 51.53 -31.14 -34.05
CA VAL A 266 52.59 -31.53 -35.02
C VAL A 266 51.97 -31.59 -36.42
N ARG A 267 50.80 -32.22 -36.51
CA ARG A 267 50.00 -32.37 -37.74
C ARG A 267 49.50 -31.01 -38.20
N LEU A 268 48.90 -30.24 -37.28
CA LEU A 268 48.16 -28.99 -37.60
C LEU A 268 49.13 -27.84 -37.89
N ASN A 269 50.34 -27.87 -37.33
CA ASN A 269 51.40 -26.89 -37.63
C ASN A 269 51.73 -26.95 -39.14
N LYS A 270 51.58 -28.12 -39.78
CA LYS A 270 51.72 -28.31 -41.27
C LYS A 270 50.66 -27.46 -41.98
N GLY A 271 49.47 -27.35 -41.39
CA GLY A 271 48.36 -26.50 -41.89
C GLY A 271 47.03 -27.23 -41.81
N PHE A 272 45.91 -26.48 -41.82
CA PHE A 272 44.57 -26.92 -41.37
C PHE A 272 43.82 -27.65 -42.50
N GLY A 273 44.43 -27.80 -43.66
CA GLY A 273 43.81 -28.43 -44.84
C GLY A 273 42.66 -27.60 -45.37
N GLY A 274 42.65 -26.30 -45.02
CA GLY A 274 41.56 -25.37 -45.36
C GLY A 274 40.32 -25.58 -44.48
N ARG A 275 40.45 -26.33 -43.37
CA ARG A 275 39.43 -26.40 -42.28
C ARG A 275 39.68 -25.23 -41.29
N THR A 276 38.89 -25.17 -40.19
CA THR A 276 39.03 -24.15 -39.10
C THR A 276 38.69 -24.75 -37.73
N ILE A 277 39.24 -24.15 -36.67
CA ILE A 277 39.00 -24.51 -35.24
C ILE A 277 38.52 -23.24 -34.53
N LEU A 278 37.29 -23.23 -34.06
CA LEU A 278 36.63 -22.04 -33.47
C LEU A 278 36.88 -20.86 -34.40
N SER A 279 36.70 -21.07 -35.71
CA SER A 279 36.76 -20.06 -36.80
C SER A 279 38.17 -19.42 -36.89
N TYR A 280 39.21 -20.19 -36.58
CA TYR A 280 40.63 -19.81 -36.76
C TYR A 280 41.22 -20.64 -37.89
N GLY A 281 42.16 -20.08 -38.66
CA GLY A 281 42.74 -20.73 -39.84
C GLY A 281 44.12 -21.26 -39.58
N SER A 282 44.54 -21.28 -38.30
CA SER A 282 45.83 -21.86 -37.83
C SER A 282 45.90 -21.82 -36.28
N LEU A 283 46.82 -22.58 -35.67
CA LEU A 283 46.85 -22.73 -34.19
C LEU A 283 46.95 -21.34 -33.54
N CYS A 284 46.26 -21.20 -32.40
CA CYS A 284 46.11 -19.98 -31.59
C CYS A 284 46.81 -20.17 -30.24
N ASP A 285 47.77 -19.29 -29.90
CA ASP A 285 48.48 -19.29 -28.58
C ASP A 285 48.16 -18.02 -27.75
N GLU A 286 46.95 -17.45 -27.87
CA GLU A 286 46.54 -16.18 -27.19
C GLU A 286 45.82 -16.49 -25.87
N PHE A 287 45.42 -17.75 -25.65
CA PHE A 287 44.60 -18.18 -24.49
C PHE A 287 45.42 -19.13 -23.60
N THR A 288 45.62 -18.78 -22.33
CA THR A 288 46.36 -19.61 -21.33
C THR A 288 45.43 -20.74 -20.86
N PRO A 289 45.96 -21.81 -20.26
CA PRO A 289 45.12 -22.80 -19.61
C PRO A 289 44.11 -22.18 -18.61
N THR A 290 44.58 -21.26 -17.77
CA THR A 290 43.75 -20.58 -16.73
C THR A 290 42.53 -19.93 -17.38
N GLU A 291 42.75 -19.10 -18.39
CA GLU A 291 41.69 -18.41 -19.17
C GLU A 291 40.64 -19.43 -19.63
N VAL A 292 41.07 -20.55 -20.22
CA VAL A 292 40.14 -21.55 -20.81
C VAL A 292 39.30 -22.19 -19.70
N ILE A 293 39.94 -22.62 -18.60
CA ILE A 293 39.26 -23.26 -17.44
C ILE A 293 38.24 -22.29 -16.87
N ARG A 294 38.66 -21.06 -16.58
CA ARG A 294 37.78 -19.94 -16.17
C ARG A 294 36.57 -19.88 -17.11
N GLN A 295 36.79 -19.88 -18.42
CA GLN A 295 35.78 -19.50 -19.43
C GLN A 295 34.84 -20.69 -19.68
N MET A 296 35.32 -21.93 -19.56
CA MET A 296 34.51 -23.14 -19.88
C MET A 296 33.77 -23.62 -18.63
N TYR A 297 34.28 -23.37 -17.41
CA TYR A 297 33.74 -24.00 -16.18
C TYR A 297 33.42 -23.00 -15.07
N GLY A 298 33.99 -21.79 -15.08
CA GLY A 298 33.70 -20.74 -14.07
C GLY A 298 34.66 -20.76 -12.88
N VAL A 299 35.85 -21.36 -13.04
CA VAL A 299 36.84 -21.67 -11.93
C VAL A 299 38.13 -20.87 -12.19
N SER B 1 48.65 -0.94 -36.96
CA SER B 1 47.73 -0.38 -35.92
C SER B 1 46.92 -1.52 -35.29
N GLY B 2 46.23 -2.30 -36.12
CA GLY B 2 45.48 -3.51 -35.73
C GLY B 2 44.00 -3.21 -35.54
N LEU B 3 43.17 -4.25 -35.56
CA LEU B 3 41.71 -4.18 -35.32
C LEU B 3 41.37 -5.26 -34.28
N ARG B 4 40.75 -4.85 -33.18
CA ARG B 4 40.42 -5.70 -32.03
C ARG B 4 38.99 -5.37 -31.60
N LYS B 5 38.20 -6.37 -31.27
CA LYS B 5 36.86 -6.13 -30.71
C LYS B 5 37.05 -5.70 -29.24
N MET B 6 36.54 -4.51 -28.92
CA MET B 6 36.87 -3.81 -27.67
C MET B 6 35.62 -3.70 -26.81
N ALA B 7 35.79 -3.59 -25.51
CA ALA B 7 34.72 -3.24 -24.58
C ALA B 7 34.93 -1.79 -24.10
N GLN B 8 33.85 -1.02 -23.99
CA GLN B 8 33.85 0.25 -23.24
C GLN B 8 34.05 -0.09 -21.77
N PRO B 9 34.74 0.75 -20.96
CA PRO B 9 35.05 0.37 -19.57
C PRO B 9 33.83 -0.05 -18.75
N SER B 10 34.06 -0.91 -17.76
CA SER B 10 33.06 -1.62 -16.92
C SER B 10 32.77 -0.83 -15.64
N GLY B 11 33.46 0.29 -15.43
CA GLY B 11 33.52 1.01 -14.14
C GLY B 11 32.14 1.30 -13.54
N LEU B 12 31.25 1.90 -14.32
CA LEU B 12 29.94 2.38 -13.83
C LEU B 12 29.02 1.19 -13.51
N VAL B 13 29.32 -0.01 -14.08
CA VAL B 13 28.39 -1.18 -14.11
C VAL B 13 28.80 -2.24 -13.07
N GLU B 14 30.10 -2.43 -12.87
CA GLU B 14 30.62 -3.43 -11.90
C GLU B 14 29.85 -3.34 -10.60
N PRO B 15 29.74 -2.15 -9.94
CA PRO B 15 29.20 -2.08 -8.59
C PRO B 15 27.67 -2.33 -8.53
N CYS B 16 27.02 -2.64 -9.66
CA CYS B 16 25.55 -2.81 -9.76
C CYS B 16 25.17 -4.30 -9.75
N ILE B 17 26.16 -5.18 -9.74
CA ILE B 17 25.94 -6.63 -9.98
C ILE B 17 25.88 -7.38 -8.64
N VAL B 18 24.83 -8.18 -8.45
CA VAL B 18 24.55 -8.88 -7.17
C VAL B 18 24.42 -10.37 -7.46
N ARG B 19 24.83 -11.21 -6.51
CA ARG B 19 24.49 -12.67 -6.49
C ARG B 19 23.03 -12.83 -6.07
N VAL B 20 22.18 -13.36 -6.96
CA VAL B 20 20.75 -13.69 -6.67
C VAL B 20 20.61 -15.21 -6.73
N SER B 21 20.24 -15.84 -5.62
CA SER B 21 20.01 -17.31 -5.55
C SER B 21 18.61 -17.61 -5.04
N TYR B 22 18.09 -18.79 -5.40
CA TYR B 22 16.78 -19.35 -4.97
C TYR B 22 16.80 -20.86 -5.23
N GLY B 23 16.58 -21.65 -4.19
CA GLY B 23 16.83 -23.09 -4.22
C GLY B 23 18.24 -23.37 -4.71
N ASN B 24 18.36 -24.10 -5.81
CA ASN B 24 19.65 -24.55 -6.39
C ASN B 24 20.10 -23.59 -7.50
N ASN B 25 19.29 -22.57 -7.77
CA ASN B 25 19.51 -21.60 -8.86
C ASN B 25 20.32 -20.42 -8.32
N VAL B 26 21.54 -20.27 -8.81
CA VAL B 26 22.43 -19.10 -8.51
C VAL B 26 22.72 -18.40 -9.84
N LEU B 27 22.40 -17.11 -9.93
CA LEU B 27 22.75 -16.28 -11.11
C LEU B 27 22.96 -14.83 -10.67
N ASN B 28 22.79 -13.87 -11.57
CA ASN B 28 23.25 -12.47 -11.39
C ASN B 28 22.05 -11.55 -11.46
N GLY B 29 22.08 -10.46 -10.69
CA GLY B 29 21.02 -9.44 -10.69
C GLY B 29 21.60 -8.08 -10.91
N LEU B 30 20.79 -7.15 -11.40
CA LEU B 30 21.16 -5.72 -11.60
C LEU B 30 20.48 -4.85 -10.52
N TRP B 31 21.28 -4.14 -9.73
CA TRP B 31 20.88 -3.42 -8.50
C TRP B 31 20.95 -1.92 -8.73
N LEU B 32 19.84 -1.30 -9.13
CA LEU B 32 19.70 0.19 -9.27
C LEU B 32 18.67 0.74 -8.27
N GLY B 33 19.11 1.60 -7.36
CA GLY B 33 18.30 2.10 -6.24
C GLY B 33 17.92 0.97 -5.29
N ASP B 34 16.61 0.74 -5.11
CA ASP B 34 16.05 -0.32 -4.23
C ASP B 34 15.58 -1.52 -5.08
N GLU B 35 15.68 -1.43 -6.41
CA GLU B 35 15.24 -2.50 -7.36
C GLU B 35 16.41 -3.43 -7.70
N VAL B 36 16.13 -4.71 -7.92
CA VAL B 36 17.11 -5.74 -8.37
C VAL B 36 16.45 -6.56 -9.51
N ILE B 37 16.90 -6.37 -10.75
CA ILE B 37 16.37 -7.08 -11.94
C ILE B 37 17.28 -8.27 -12.24
N CYS B 38 16.68 -9.43 -12.46
CA CYS B 38 17.37 -10.71 -12.78
C CYS B 38 16.44 -11.61 -13.58
N PRO B 39 16.94 -12.63 -14.31
CA PRO B 39 16.08 -13.56 -15.04
C PRO B 39 15.09 -14.28 -14.11
N ARG B 40 13.86 -14.45 -14.56
CA ARG B 40 12.77 -14.99 -13.72
C ARG B 40 12.99 -16.47 -13.50
N HIS B 41 13.75 -17.15 -14.36
CA HIS B 41 13.85 -18.63 -14.30
C HIS B 41 14.61 -19.03 -13.03
N VAL B 42 15.01 -18.06 -12.20
CA VAL B 42 15.76 -18.32 -10.92
C VAL B 42 14.80 -18.92 -9.89
N ILE B 43 13.50 -18.60 -9.98
CA ILE B 43 12.41 -19.14 -9.09
C ILE B 43 12.20 -20.63 -9.43
N ALA B 44 11.98 -20.93 -10.70
CA ALA B 44 11.62 -22.28 -11.19
C ALA B 44 12.42 -23.34 -10.42
N SER B 45 11.75 -24.41 -10.00
CA SER B 45 12.34 -25.56 -9.23
C SER B 45 13.17 -26.45 -10.16
N ASP B 46 12.72 -26.64 -11.40
CA ASP B 46 13.36 -27.49 -12.43
C ASP B 46 13.39 -26.74 -13.76
N THR B 47 14.58 -26.35 -14.25
CA THR B 47 14.73 -25.51 -15.47
C THR B 47 15.03 -26.36 -16.71
N THR B 48 15.05 -27.68 -16.60
CA THR B 48 15.36 -28.59 -17.73
C THR B 48 14.05 -29.09 -18.35
N ARG B 49 12.93 -28.94 -17.64
CA ARG B 49 11.56 -29.24 -18.14
C ARG B 49 10.84 -27.92 -18.38
N VAL B 50 9.72 -27.95 -19.11
CA VAL B 50 8.82 -26.77 -19.29
C VAL B 50 8.55 -26.20 -17.89
N ILE B 51 8.34 -24.88 -17.79
CA ILE B 51 8.08 -24.18 -16.48
C ILE B 51 6.76 -23.43 -16.57
N ASN B 52 5.97 -23.47 -15.49
CA ASN B 52 4.73 -22.69 -15.31
C ASN B 52 5.00 -21.47 -14.41
N TYR B 53 5.16 -20.28 -14.98
CA TYR B 53 5.67 -19.09 -14.23
C TYR B 53 4.55 -18.47 -13.39
N GLU B 54 3.28 -18.72 -13.73
CA GLU B 54 2.11 -18.35 -12.89
C GLU B 54 2.18 -19.13 -11.57
N ASN B 55 2.36 -20.45 -11.66
CA ASN B 55 2.49 -21.34 -10.47
C ASN B 55 3.68 -20.88 -9.63
N GLU B 56 4.82 -20.60 -10.27
CA GLU B 56 6.13 -20.40 -9.58
C GLU B 56 6.09 -19.11 -8.75
N MET B 57 5.44 -18.06 -9.28
CA MET B 57 5.25 -16.76 -8.59
C MET B 57 4.26 -16.92 -7.43
N SER B 58 3.28 -17.80 -7.59
CA SER B 58 2.19 -18.05 -6.61
C SER B 58 2.75 -18.69 -5.32
N SER B 59 3.80 -19.51 -5.43
CA SER B 59 4.46 -20.20 -4.29
C SER B 59 5.87 -19.65 -4.03
N VAL B 60 6.16 -18.43 -4.51
CA VAL B 60 7.43 -17.69 -4.21
C VAL B 60 7.35 -17.17 -2.77
N ARG B 61 8.39 -17.43 -1.96
CA ARG B 61 8.48 -16.95 -0.54
C ARG B 61 9.70 -16.02 -0.39
N LEU B 62 9.44 -14.73 -0.22
CA LEU B 62 10.45 -13.63 -0.25
C LEU B 62 11.64 -13.94 0.69
N HIS B 63 11.50 -14.78 1.71
CA HIS B 63 12.59 -15.03 2.70
C HIS B 63 13.63 -16.00 2.10
N ASN B 64 13.30 -16.70 0.99
CA ASN B 64 14.14 -17.78 0.38
C ASN B 64 15.26 -17.19 -0.51
N PHE B 65 15.04 -16.01 -1.08
CA PHE B 65 16.05 -15.25 -1.88
C PHE B 65 17.30 -14.98 -1.04
N SER B 66 18.48 -14.92 -1.70
CA SER B 66 19.78 -14.52 -1.10
C SER B 66 20.52 -13.51 -1.98
N VAL B 67 19.83 -12.44 -2.36
CA VAL B 67 20.42 -11.25 -3.04
C VAL B 67 21.58 -10.70 -2.20
N SER B 68 22.77 -10.56 -2.79
CA SER B 68 24.00 -10.10 -2.09
C SER B 68 24.90 -9.29 -3.03
N LYS B 69 25.73 -8.43 -2.46
CA LYS B 69 26.88 -7.80 -3.12
C LYS B 69 28.04 -7.70 -2.13
N ASN B 70 29.16 -8.36 -2.40
CA ASN B 70 30.33 -8.35 -1.48
C ASN B 70 29.87 -9.00 -0.17
N ASN B 71 30.07 -8.34 0.98
CA ASN B 71 29.59 -8.84 2.31
C ASN B 71 28.37 -8.02 2.75
N VAL B 72 27.56 -7.54 1.80
CA VAL B 72 26.20 -6.97 2.05
C VAL B 72 25.14 -7.99 1.60
N PHE B 73 24.22 -8.36 2.51
CA PHE B 73 22.98 -9.13 2.23
C PHE B 73 21.84 -8.15 2.05
N LEU B 74 21.11 -8.26 0.94
CA LEU B 74 19.96 -7.40 0.58
C LEU B 74 18.68 -8.22 0.74
N GLY B 75 17.87 -7.92 1.76
CA GLY B 75 16.59 -8.58 2.00
C GLY B 75 15.58 -8.15 0.98
N VAL B 76 14.70 -9.07 0.55
CA VAL B 76 13.68 -8.82 -0.52
C VAL B 76 12.34 -8.48 0.15
N VAL B 77 11.65 -7.47 -0.37
CA VAL B 77 10.37 -6.96 0.21
C VAL B 77 9.22 -7.16 -0.79
N SER B 78 9.51 -7.29 -2.09
CA SER B 78 8.48 -7.39 -3.16
C SER B 78 9.07 -8.08 -4.43
N ALA B 79 8.32 -9.00 -5.02
CA ALA B 79 8.69 -9.74 -6.25
C ALA B 79 7.52 -9.78 -7.22
N LYS B 80 7.56 -8.95 -8.27
CA LYS B 80 6.64 -9.03 -9.44
C LYS B 80 7.45 -9.48 -10.65
N TYR B 81 6.81 -10.05 -11.67
CA TYR B 81 7.39 -10.25 -13.03
C TYR B 81 7.33 -8.95 -13.81
N LYS B 82 8.32 -8.72 -14.68
CA LYS B 82 8.21 -7.82 -15.87
C LYS B 82 8.82 -8.55 -17.07
N GLY B 83 7.97 -8.91 -18.04
CA GLY B 83 8.28 -9.88 -19.10
C GLY B 83 8.96 -11.10 -18.52
N VAL B 84 10.13 -11.46 -19.06
CA VAL B 84 10.90 -12.69 -18.66
C VAL B 84 11.85 -12.35 -17.50
N ASN B 85 11.90 -11.10 -17.09
CA ASN B 85 12.70 -10.69 -15.91
C ASN B 85 11.82 -10.72 -14.68
N LEU B 86 12.46 -10.65 -13.53
CA LEU B 86 11.86 -10.66 -12.20
C LEU B 86 12.38 -9.44 -11.45
N VAL B 87 11.54 -8.41 -11.28
CA VAL B 87 11.86 -7.15 -10.54
C VAL B 87 11.68 -7.40 -9.04
N LEU B 88 12.77 -7.31 -8.26
CA LEU B 88 12.77 -7.40 -6.77
C LEU B 88 12.96 -5.99 -6.21
N LYS B 89 12.05 -5.54 -5.34
CA LYS B 89 12.28 -4.41 -4.41
C LYS B 89 13.02 -4.97 -3.20
N VAL B 90 14.20 -4.42 -2.92
CA VAL B 90 15.12 -4.88 -1.83
C VAL B 90 15.26 -3.74 -0.81
N ASN B 91 15.72 -4.07 0.40
CA ASN B 91 15.55 -3.26 1.64
C ASN B 91 16.56 -2.10 1.64
N GLN B 92 17.51 -2.10 0.70
CA GLN B 92 18.66 -1.17 0.65
C GLN B 92 18.63 -0.42 -0.68
N VAL B 93 19.23 0.76 -0.72
CA VAL B 93 19.44 1.50 -1.99
C VAL B 93 20.93 1.46 -2.32
N ASN B 94 21.25 1.14 -3.58
CA ASN B 94 22.63 1.01 -4.12
C ASN B 94 23.32 2.36 -4.03
N PRO B 95 24.26 2.56 -3.07
CA PRO B 95 24.94 3.85 -2.94
C PRO B 95 25.64 4.23 -4.24
N ASN B 96 25.98 3.23 -5.08
CA ASN B 96 26.78 3.38 -6.32
C ASN B 96 25.89 3.26 -7.57
N THR B 97 24.63 3.68 -7.49
CA THR B 97 23.71 3.72 -8.65
C THR B 97 24.17 4.82 -9.59
N PRO B 98 24.47 4.51 -10.86
CA PRO B 98 24.80 5.55 -11.83
C PRO B 98 23.59 6.12 -12.57
N GLU B 99 23.66 7.41 -12.92
CA GLU B 99 22.90 8.01 -14.05
C GLU B 99 22.83 6.98 -15.18
N HIS B 100 21.62 6.61 -15.58
CA HIS B 100 21.37 5.53 -16.57
C HIS B 100 20.00 5.70 -17.23
N LYS B 101 19.89 5.20 -18.44
CA LYS B 101 18.62 4.94 -19.15
C LYS B 101 18.61 3.47 -19.58
N PHE B 102 17.44 2.95 -19.94
CA PHE B 102 17.29 1.62 -20.57
C PHE B 102 16.96 1.83 -22.03
N LYS B 103 17.62 1.12 -22.94
CA LYS B 103 17.30 1.16 -24.38
C LYS B 103 17.33 -0.28 -24.91
N SER B 104 16.59 -0.51 -25.98
CA SER B 104 16.59 -1.79 -26.74
C SER B 104 17.60 -1.66 -27.87
N ILE B 105 18.48 -2.64 -28.00
CA ILE B 105 19.55 -2.68 -29.04
C ILE B 105 18.88 -3.22 -30.30
N LYS B 106 19.35 -2.82 -31.47
CA LYS B 106 18.78 -3.23 -32.77
C LYS B 106 19.80 -4.10 -33.48
N ALA B 107 19.35 -4.97 -34.38
CA ALA B 107 20.19 -5.78 -35.29
C ALA B 107 21.30 -4.89 -35.82
N GLY B 108 22.55 -5.28 -35.64
CA GLY B 108 23.74 -4.59 -36.21
C GLY B 108 24.49 -3.71 -35.20
N GLU B 109 23.82 -3.24 -34.14
CA GLU B 109 24.40 -2.36 -33.09
C GLU B 109 25.29 -3.19 -32.12
N SER B 110 26.39 -2.59 -31.66
CA SER B 110 27.45 -3.24 -30.84
C SER B 110 27.23 -2.85 -29.39
N PHE B 111 27.58 -3.72 -28.46
CA PHE B 111 27.44 -3.45 -27.01
C PHE B 111 28.43 -4.30 -26.21
N ASN B 112 28.43 -4.11 -24.89
CA ASN B 112 29.44 -4.70 -23.99
C ASN B 112 28.73 -5.67 -23.08
N ILE B 113 29.29 -6.86 -22.96
CA ILE B 113 28.91 -7.84 -21.92
C ILE B 113 29.90 -7.72 -20.75
N LEU B 114 29.36 -7.53 -19.54
CA LEU B 114 30.04 -7.87 -18.28
C LEU B 114 29.55 -9.24 -17.87
N ALA B 115 30.30 -10.25 -18.27
CA ALA B 115 30.04 -11.67 -17.96
C ALA B 115 30.39 -11.92 -16.50
N CYS B 116 29.40 -12.21 -15.67
CA CYS B 116 29.59 -12.45 -14.21
C CYS B 116 29.17 -13.87 -13.88
N TYR B 117 30.01 -14.62 -13.16
CA TYR B 117 29.72 -15.98 -12.68
C TYR B 117 29.16 -15.87 -11.26
N GLU B 118 27.85 -16.09 -11.11
CA GLU B 118 27.20 -16.27 -9.80
C GLU B 118 27.55 -15.11 -8.89
N GLY B 119 27.47 -13.89 -9.39
CA GLY B 119 27.50 -12.66 -8.58
C GLY B 119 28.82 -11.92 -8.69
N CYS B 120 29.89 -12.55 -9.16
CA CYS B 120 31.19 -11.85 -9.36
C CYS B 120 31.35 -11.34 -10.79
N PRO B 121 31.54 -10.00 -11.01
CA PRO B 121 32.08 -9.50 -12.28
C PRO B 121 33.36 -10.23 -12.69
N GLY B 122 33.41 -10.72 -13.92
CA GLY B 122 34.40 -11.70 -14.37
C GLY B 122 35.18 -11.19 -15.55
N SER B 123 34.52 -10.65 -16.55
CA SER B 123 35.19 -10.23 -17.79
C SER B 123 34.27 -9.41 -18.67
N VAL B 124 34.87 -8.51 -19.44
CA VAL B 124 34.23 -7.53 -20.36
C VAL B 124 34.67 -7.89 -21.77
N TYR B 125 33.72 -8.09 -22.67
CA TYR B 125 34.00 -8.18 -24.10
C TYR B 125 32.93 -7.41 -24.84
N GLY B 126 33.20 -7.03 -26.08
CA GLY B 126 32.22 -6.38 -26.96
C GLY B 126 31.52 -7.41 -27.80
N VAL B 127 30.20 -7.25 -27.99
CA VAL B 127 29.36 -8.12 -28.86
C VAL B 127 28.66 -7.25 -29.91
N ASN B 128 27.95 -7.91 -30.82
CA ASN B 128 27.16 -7.27 -31.90
C ASN B 128 25.88 -8.03 -32.11
N MET B 129 24.76 -7.35 -32.13
CA MET B 129 23.46 -8.04 -32.22
C MET B 129 23.27 -8.54 -33.66
N ARG B 130 22.96 -9.83 -33.79
CA ARG B 130 22.69 -10.49 -35.08
C ARG B 130 21.23 -10.24 -35.46
N SER B 131 20.89 -10.42 -36.74
CA SER B 131 19.56 -10.04 -37.34
C SER B 131 18.40 -10.76 -36.62
N GLN B 132 18.64 -11.98 -36.11
CA GLN B 132 17.63 -12.83 -35.43
C GLN B 132 17.62 -12.58 -33.92
N GLY B 133 18.36 -11.56 -33.45
CA GLY B 133 18.31 -11.05 -32.06
C GLY B 133 19.12 -11.90 -31.07
N THR B 134 20.07 -12.71 -31.58
CA THR B 134 21.04 -13.50 -30.79
C THR B 134 22.41 -12.76 -30.73
N ILE B 135 23.30 -13.17 -29.82
CA ILE B 135 24.75 -12.83 -29.89
C ILE B 135 25.60 -14.10 -29.91
N LYS B 136 26.83 -14.01 -30.43
CA LYS B 136 27.85 -15.10 -30.41
C LYS B 136 28.88 -14.80 -29.32
N GLY B 137 28.52 -14.95 -28.05
CA GLY B 137 29.44 -14.52 -26.99
C GLY B 137 30.19 -15.68 -26.40
N SER B 138 30.35 -15.65 -25.09
CA SER B 138 30.83 -16.74 -24.22
C SER B 138 30.01 -16.73 -22.95
N PHE B 139 29.17 -17.75 -22.79
CA PHE B 139 28.19 -17.84 -21.69
C PHE B 139 28.10 -19.31 -21.26
N ILE B 140 28.04 -19.54 -19.94
CA ILE B 140 27.94 -20.89 -19.34
C ILE B 140 26.90 -20.86 -18.22
N ALA B 141 26.56 -22.04 -17.72
CA ALA B 141 25.96 -22.30 -16.39
C ALA B 141 26.59 -21.31 -15.39
N GLY B 142 25.76 -20.40 -14.84
CA GLY B 142 26.14 -19.42 -13.81
C GLY B 142 26.18 -17.97 -14.31
N THR B 143 26.10 -17.73 -15.63
CA THR B 143 26.33 -16.39 -16.24
C THR B 143 25.01 -15.71 -16.59
N CYS B 144 23.87 -16.39 -16.47
CA CYS B 144 22.53 -15.75 -16.57
C CYS B 144 22.49 -14.55 -15.63
N GLY B 145 21.88 -13.46 -16.10
CA GLY B 145 21.81 -12.18 -15.39
C GLY B 145 22.96 -11.27 -15.77
N SER B 146 23.98 -11.81 -16.40
CA SER B 146 25.10 -11.02 -16.93
C SER B 146 24.55 -9.90 -17.81
N VAL B 147 25.09 -8.70 -17.64
CA VAL B 147 24.48 -7.42 -18.04
C VAL B 147 25.20 -6.87 -19.27
N GLY B 148 24.45 -6.44 -20.28
CA GLY B 148 24.98 -5.74 -21.46
C GLY B 148 24.67 -4.26 -21.38
N TYR B 149 25.65 -3.42 -21.75
CA TYR B 149 25.56 -1.94 -21.66
C TYR B 149 26.27 -1.28 -22.86
N VAL B 150 25.85 -0.06 -23.22
CA VAL B 150 26.57 0.86 -24.15
C VAL B 150 26.75 2.21 -23.44
N LEU B 151 27.78 2.95 -23.80
CA LEU B 151 27.93 4.39 -23.46
C LEU B 151 27.88 5.22 -24.75
N GLU B 152 26.88 6.11 -24.85
CA GLU B 152 26.67 7.06 -25.98
C GLU B 152 26.64 8.49 -25.44
N ASN B 153 27.56 9.33 -25.91
CA ASN B 153 27.55 10.78 -25.62
C ASN B 153 27.24 10.96 -24.12
N GLY B 154 28.09 10.39 -23.26
CA GLY B 154 28.05 10.58 -21.79
C GLY B 154 27.03 9.68 -21.11
N ILE B 155 25.95 9.33 -21.83
CA ILE B 155 24.78 8.55 -21.30
C ILE B 155 25.15 7.06 -21.23
N LEU B 156 24.95 6.44 -20.06
CA LEU B 156 24.95 4.96 -19.84
C LEU B 156 23.55 4.39 -20.08
N TYR B 157 23.39 3.49 -21.06
CA TYR B 157 22.20 2.62 -21.25
C TYR B 157 22.53 1.18 -20.85
N PHE B 158 21.65 0.54 -20.06
CA PHE B 158 21.57 -0.94 -19.89
C PHE B 158 20.63 -1.50 -20.95
N VAL B 159 21.00 -2.61 -21.63
CA VAL B 159 20.39 -3.00 -22.96
C VAL B 159 20.16 -4.51 -23.08
N TYR B 160 20.66 -5.31 -22.15
CA TYR B 160 20.73 -6.78 -22.30
C TYR B 160 20.94 -7.41 -20.94
N MET B 161 20.20 -8.50 -20.70
CA MET B 161 20.36 -9.39 -19.54
C MET B 161 20.30 -10.82 -20.07
N HIS B 162 21.26 -11.69 -19.71
CA HIS B 162 21.46 -13.00 -20.38
C HIS B 162 20.46 -14.04 -19.84
N HIS B 163 19.89 -14.88 -20.74
CA HIS B 163 18.83 -15.90 -20.39
C HIS B 163 19.20 -17.32 -20.82
N LEU B 164 19.53 -17.55 -22.08
CA LEU B 164 19.67 -18.94 -22.59
C LEU B 164 20.60 -19.01 -23.79
N GLU B 165 20.92 -20.25 -24.20
CA GLU B 165 21.77 -20.60 -25.35
C GLU B 165 21.01 -21.61 -26.21
N LEU B 166 20.93 -21.37 -27.50
CA LEU B 166 20.12 -22.15 -28.46
C LEU B 166 20.96 -23.35 -28.87
N GLY B 167 20.31 -24.40 -29.39
CA GLY B 167 20.95 -25.66 -29.81
C GLY B 167 22.23 -25.42 -30.59
N ASN B 168 22.29 -24.32 -31.36
CA ASN B 168 23.35 -24.06 -32.35
C ASN B 168 24.47 -23.22 -31.73
N GLY B 169 24.38 -22.92 -30.43
CA GLY B 169 25.42 -22.17 -29.70
C GLY B 169 25.08 -20.69 -29.50
N SER B 170 24.07 -20.18 -30.20
CA SER B 170 23.69 -18.75 -30.12
C SER B 170 23.14 -18.43 -28.72
N HIS B 171 23.30 -17.17 -28.29
CA HIS B 171 22.99 -16.69 -26.93
C HIS B 171 21.87 -15.64 -27.01
N VAL B 172 20.86 -15.80 -26.16
CA VAL B 172 19.59 -15.03 -26.18
C VAL B 172 19.43 -14.35 -24.82
N GLY B 173 19.03 -13.09 -24.85
CA GLY B 173 18.75 -12.32 -23.65
C GLY B 173 17.56 -11.41 -23.83
N SER B 174 17.32 -10.58 -22.84
CA SER B 174 16.17 -9.69 -22.75
C SER B 174 16.70 -8.29 -22.63
N ASN B 175 15.91 -7.30 -23.09
CA ASN B 175 16.06 -5.88 -22.69
C ASN B 175 15.62 -5.78 -21.24
N LEU B 176 15.93 -4.68 -20.56
CA LEU B 176 15.70 -4.58 -19.10
C LEU B 176 14.20 -4.37 -18.85
N GLU B 177 13.46 -4.00 -19.89
CA GLU B 177 11.96 -3.93 -19.87
C GLU B 177 11.42 -5.35 -19.69
N GLY B 178 12.06 -6.35 -20.29
CA GLY B 178 11.75 -7.77 -20.05
C GLY B 178 11.26 -8.49 -21.29
N GLU B 179 11.47 -7.93 -22.48
CA GLU B 179 11.23 -8.63 -23.77
C GLU B 179 12.51 -9.34 -24.19
N MET B 180 12.44 -10.65 -24.36
CA MET B 180 13.47 -11.47 -25.04
C MET B 180 13.69 -10.88 -26.43
N TYR B 181 14.92 -10.55 -26.81
CA TYR B 181 15.27 -10.24 -28.22
C TYR B 181 14.87 -11.46 -29.05
N GLY B 182 14.43 -11.25 -30.27
CA GLY B 182 14.15 -12.33 -31.23
C GLY B 182 12.86 -13.05 -30.92
N GLY B 183 12.19 -12.67 -29.83
CA GLY B 183 10.88 -13.21 -29.43
C GLY B 183 10.97 -14.63 -28.90
N TYR B 184 12.19 -15.13 -28.61
CA TYR B 184 12.45 -16.50 -28.09
C TYR B 184 11.80 -16.65 -26.72
N GLU B 185 11.53 -17.90 -26.32
CA GLU B 185 10.82 -18.24 -25.05
C GLU B 185 11.84 -18.52 -23.94
N ASP B 186 11.50 -18.14 -22.71
CA ASP B 186 12.27 -18.43 -21.46
C ASP B 186 12.01 -19.88 -21.05
N GLN B 187 12.21 -20.82 -21.98
CA GLN B 187 11.89 -22.25 -21.81
C GLN B 187 13.04 -23.09 -22.35
N PRO B 188 13.25 -24.30 -21.80
CA PRO B 188 14.29 -25.22 -22.29
C PRO B 188 14.01 -25.80 -23.68
N SER B 189 12.80 -25.61 -24.18
CA SER B 189 12.33 -26.23 -25.45
C SER B 189 13.29 -25.91 -26.60
N MET B 190 13.34 -26.78 -27.59
CA MET B 190 14.01 -26.57 -28.91
C MET B 190 13.54 -25.25 -29.54
N GLN B 191 14.49 -24.39 -29.93
CA GLN B 191 14.22 -23.11 -30.65
C GLN B 191 15.30 -22.92 -31.72
N LEU B 192 14.89 -22.80 -32.98
CA LEU B 192 15.80 -22.64 -34.12
C LEU B 192 16.03 -21.15 -34.32
N GLU B 193 17.25 -20.76 -34.68
CA GLU B 193 17.67 -19.34 -34.76
C GLU B 193 17.15 -18.75 -36.07
N GLY B 194 17.21 -19.50 -37.16
CA GLY B 194 16.80 -19.01 -38.48
C GLY B 194 17.89 -18.20 -39.15
N THR B 195 17.79 -18.00 -40.48
CA THR B 195 18.91 -17.55 -41.34
C THR B 195 19.38 -16.14 -40.95
N ASN B 196 20.67 -15.94 -41.02
CA ASN B 196 21.41 -14.82 -40.40
C ASN B 196 21.67 -13.75 -41.47
N VAL B 197 21.16 -12.54 -41.27
CA VAL B 197 21.30 -11.41 -42.22
C VAL B 197 22.51 -10.56 -41.79
N MET B 198 23.62 -10.70 -42.53
CA MET B 198 24.87 -9.91 -42.33
C MET B 198 24.58 -8.42 -42.43
N SER B 199 25.18 -7.61 -41.56
CA SER B 199 25.10 -6.13 -41.57
C SER B 199 26.02 -5.59 -42.64
N SER B 200 25.45 -5.04 -43.72
CA SER B 200 26.19 -4.42 -44.84
C SER B 200 27.02 -3.24 -44.31
N ASP B 201 26.39 -2.37 -43.51
CA ASP B 201 27.06 -1.21 -42.83
C ASP B 201 28.34 -1.68 -42.13
N ASN B 202 28.27 -2.76 -41.33
CA ASN B 202 29.36 -3.22 -40.44
C ASN B 202 30.46 -3.87 -41.29
N VAL B 203 30.10 -4.62 -42.33
CA VAL B 203 31.12 -5.24 -43.23
C VAL B 203 31.92 -4.11 -43.91
N VAL B 204 31.23 -3.07 -44.37
CA VAL B 204 31.87 -1.91 -45.06
C VAL B 204 32.90 -1.27 -44.12
N ALA B 205 32.51 -1.01 -42.87
CA ALA B 205 33.39 -0.44 -41.81
C ALA B 205 34.61 -1.35 -41.60
N PHE B 206 34.40 -2.67 -41.65
CA PHE B 206 35.46 -3.70 -41.48
C PHE B 206 36.48 -3.63 -42.62
N LEU B 207 35.99 -3.55 -43.86
CA LEU B 207 36.83 -3.41 -45.06
C LEU B 207 37.57 -2.06 -45.03
N TYR B 208 36.89 -0.98 -44.62
CA TYR B 208 37.53 0.34 -44.42
C TYR B 208 38.67 0.18 -43.43
N ALA B 209 38.47 -0.63 -42.38
CA ALA B 209 39.47 -0.94 -41.34
C ALA B 209 40.63 -1.67 -42.00
N ALA B 210 40.32 -2.65 -42.86
CA ALA B 210 41.32 -3.45 -43.62
C ALA B 210 42.23 -2.51 -44.41
N LEU B 211 41.63 -1.54 -45.12
CA LEU B 211 42.33 -0.58 -46.02
C LEU B 211 43.31 0.25 -45.19
N ILE B 212 42.79 0.96 -44.18
CA ILE B 212 43.58 1.76 -43.19
C ILE B 212 44.76 0.94 -42.66
N ASN B 213 44.65 -0.40 -42.66
CA ASN B 213 45.70 -1.32 -42.13
C ASN B 213 46.52 -1.91 -43.28
N GLY B 214 46.25 -1.50 -44.52
CA GLY B 214 47.12 -1.80 -45.67
C GLY B 214 46.53 -2.85 -46.61
N GLU B 215 45.73 -3.80 -46.11
CA GLU B 215 45.13 -4.86 -46.95
C GLU B 215 44.25 -4.18 -48.02
N ARG B 216 44.58 -4.37 -49.31
CA ARG B 216 43.98 -3.63 -50.46
C ARG B 216 43.46 -4.60 -51.53
N TRP B 217 43.96 -5.83 -51.56
CA TRP B 217 43.76 -6.80 -52.68
C TRP B 217 42.27 -6.93 -53.06
N PHE B 218 41.34 -6.81 -52.10
CA PHE B 218 39.88 -7.08 -52.28
C PHE B 218 39.24 -5.98 -53.15
N VAL B 219 39.92 -4.84 -53.31
CA VAL B 219 39.41 -3.65 -54.05
C VAL B 219 39.89 -3.71 -55.51
N THR B 220 38.95 -3.65 -56.46
CA THR B 220 39.20 -3.44 -57.92
C THR B 220 38.77 -2.00 -58.31
N ASN B 221 38.66 -1.72 -59.60
CA ASN B 221 38.21 -0.41 -60.14
C ASN B 221 36.68 -0.36 -60.19
N THR B 222 36.00 -1.50 -60.01
CA THR B 222 34.52 -1.62 -60.13
C THR B 222 33.86 -0.91 -58.95
N SER B 223 32.79 -0.17 -59.23
CA SER B 223 31.90 0.45 -58.21
C SER B 223 30.45 0.04 -58.47
N MET B 224 29.81 -0.53 -57.47
CA MET B 224 28.37 -0.86 -57.46
C MET B 224 27.63 0.28 -56.78
N SER B 225 26.44 0.62 -57.26
CA SER B 225 25.63 1.75 -56.74
C SER B 225 24.82 1.28 -55.52
N LEU B 226 24.45 2.24 -54.67
CA LEU B 226 23.59 2.04 -53.48
C LEU B 226 22.31 1.32 -53.90
N GLU B 227 21.75 1.66 -55.07
CA GLU B 227 20.50 1.06 -55.61
C GLU B 227 20.80 -0.36 -56.11
N SER B 228 21.86 -0.52 -56.90
CA SER B 228 22.30 -1.84 -57.44
C SER B 228 22.47 -2.81 -56.27
N TYR B 229 23.23 -2.38 -55.25
CA TYR B 229 23.60 -3.17 -54.04
C TYR B 229 22.33 -3.61 -53.32
N ASN B 230 21.59 -2.66 -52.73
CA ASN B 230 20.39 -2.91 -51.88
C ASN B 230 19.47 -3.95 -52.52
N THR B 231 19.44 -4.03 -53.87
CA THR B 231 18.64 -5.02 -54.63
C THR B 231 19.30 -6.40 -54.50
N TRP B 232 20.63 -6.46 -54.64
CA TRP B 232 21.46 -7.68 -54.52
C TRP B 232 21.35 -8.24 -53.10
N ALA B 233 21.34 -7.34 -52.11
CA ALA B 233 21.32 -7.66 -50.67
C ALA B 233 20.08 -8.48 -50.34
N LYS B 234 18.96 -8.15 -51.00
CA LYS B 234 17.60 -8.61 -50.60
C LYS B 234 17.45 -10.12 -50.86
N THR B 235 18.35 -10.74 -51.63
CA THR B 235 18.32 -12.21 -51.96
C THR B 235 19.61 -12.93 -51.55
N ASN B 236 20.54 -12.25 -50.87
CA ASN B 236 21.84 -12.82 -50.47
C ASN B 236 22.04 -12.69 -48.95
N SER B 237 20.94 -12.47 -48.22
CA SER B 237 20.91 -12.37 -46.74
C SER B 237 21.95 -11.34 -46.29
N PHE B 238 21.65 -10.07 -46.53
CA PHE B 238 22.50 -8.89 -46.28
C PHE B 238 21.58 -7.69 -46.16
N THR B 239 21.89 -6.76 -45.24
CA THR B 239 21.03 -5.59 -44.94
C THR B 239 21.11 -4.61 -46.11
N GLU B 240 20.10 -3.74 -46.21
CA GLU B 240 20.13 -2.54 -47.09
C GLU B 240 21.03 -1.51 -46.41
N LEU B 241 21.92 -0.88 -47.17
CA LEU B 241 22.94 0.04 -46.61
C LEU B 241 22.26 1.33 -46.14
N SER B 242 22.28 1.58 -44.82
CA SER B 242 21.69 2.80 -44.18
C SER B 242 21.80 4.00 -45.14
N SER B 243 23.03 4.40 -45.47
CA SER B 243 23.37 5.63 -46.23
C SER B 243 24.89 5.71 -46.43
N ILE B 244 25.33 6.37 -47.51
CA ILE B 244 26.77 6.59 -47.88
C ILE B 244 27.42 7.58 -46.91
N ASP B 245 26.64 8.49 -46.32
CA ASP B 245 27.14 9.63 -45.50
C ASP B 245 27.70 9.13 -44.17
N ALA B 246 27.33 7.90 -43.77
CA ALA B 246 27.82 7.25 -42.53
C ALA B 246 29.36 7.07 -42.58
N PHE B 247 29.92 7.00 -43.79
CA PHE B 247 31.31 6.55 -44.07
C PHE B 247 32.16 7.71 -44.62
N SER B 248 31.64 8.94 -44.55
CA SER B 248 32.20 10.17 -45.21
C SER B 248 33.68 10.30 -44.88
N MET B 249 34.01 10.45 -43.60
CA MET B 249 35.38 10.55 -43.05
C MET B 249 36.22 9.38 -43.55
N LEU B 250 35.70 8.16 -43.50
CA LEU B 250 36.45 6.91 -43.84
C LEU B 250 36.79 6.89 -45.34
N ALA B 251 35.83 7.30 -46.18
CA ALA B 251 35.98 7.40 -47.65
C ALA B 251 37.06 8.44 -48.00
N ALA B 252 37.09 9.55 -47.26
CA ALA B 252 38.10 10.63 -47.41
C ALA B 252 39.52 10.07 -47.17
N LYS B 253 39.74 9.38 -46.04
CA LYS B 253 41.10 9.06 -45.50
C LYS B 253 41.79 7.97 -46.35
N THR B 254 41.00 7.17 -47.08
CA THR B 254 41.45 5.99 -47.86
C THR B 254 41.49 6.33 -49.35
N GLY B 255 40.70 7.33 -49.77
CA GLY B 255 40.32 7.54 -51.18
C GLY B 255 39.76 6.27 -51.78
N GLN B 256 38.83 5.64 -51.07
CA GLN B 256 38.02 4.50 -51.56
C GLN B 256 36.59 4.76 -51.14
N SER B 257 35.64 4.53 -52.04
CA SER B 257 34.22 4.94 -51.88
C SER B 257 33.37 3.73 -51.49
N VAL B 258 32.29 3.98 -50.77
CA VAL B 258 31.35 2.93 -50.29
C VAL B 258 30.98 2.03 -51.46
N GLU B 259 30.73 2.62 -52.63
CA GLU B 259 30.33 1.91 -53.88
C GLU B 259 31.47 0.98 -54.34
N LYS B 260 32.72 1.32 -54.04
CA LYS B 260 33.92 0.53 -54.37
C LYS B 260 33.96 -0.73 -53.49
N LEU B 261 33.56 -0.60 -52.22
CA LEU B 261 33.59 -1.68 -51.20
C LEU B 261 32.31 -2.52 -51.31
N LEU B 262 31.16 -1.87 -51.57
CA LEU B 262 29.85 -2.54 -51.81
C LEU B 262 30.02 -3.62 -52.87
N ASP B 263 30.88 -3.37 -53.86
CA ASP B 263 31.19 -4.36 -54.91
C ASP B 263 32.13 -5.44 -54.34
N SER B 264 33.07 -5.04 -53.45
CA SER B 264 34.03 -5.95 -52.77
C SER B 264 33.25 -7.04 -52.05
N ILE B 265 32.24 -6.62 -51.27
CA ILE B 265 31.31 -7.49 -50.50
C ILE B 265 30.83 -8.60 -51.44
N VAL B 266 30.36 -8.25 -52.63
CA VAL B 266 29.76 -9.20 -53.62
C VAL B 266 30.83 -10.19 -54.08
N ARG B 267 32.01 -9.71 -54.44
CA ARG B 267 33.09 -10.57 -54.98
C ARG B 267 33.59 -11.52 -53.88
N LEU B 268 33.62 -11.06 -52.62
CA LEU B 268 34.20 -11.80 -51.46
C LEU B 268 33.16 -12.79 -50.87
N ASN B 269 31.88 -12.40 -50.87
CA ASN B 269 30.74 -13.25 -50.44
C ASN B 269 30.74 -14.58 -51.22
N LYS B 270 31.37 -14.60 -52.40
CA LYS B 270 31.50 -15.79 -53.30
C LYS B 270 32.74 -16.60 -52.92
N GLY B 271 33.76 -15.96 -52.34
CA GLY B 271 34.96 -16.62 -51.83
C GLY B 271 36.08 -15.64 -51.56
N PHE B 272 37.08 -16.05 -50.78
CA PHE B 272 38.37 -15.33 -50.56
C PHE B 272 39.48 -16.05 -51.34
N GLY B 273 39.20 -17.24 -51.89
CA GLY B 273 40.21 -18.16 -52.42
C GLY B 273 41.49 -18.13 -51.59
N GLY B 274 41.40 -18.51 -50.31
CA GLY B 274 42.56 -18.81 -49.45
C GLY B 274 43.16 -17.57 -48.78
N ARG B 275 42.78 -16.38 -49.24
CA ARG B 275 43.26 -15.08 -48.69
C ARG B 275 42.52 -14.79 -47.38
N THR B 276 43.01 -13.79 -46.65
CA THR B 276 42.50 -13.36 -45.31
C THR B 276 42.54 -11.83 -45.24
N ILE B 277 41.46 -11.22 -44.76
CA ILE B 277 41.42 -9.76 -44.43
C ILE B 277 41.54 -9.64 -42.91
N LEU B 278 42.60 -8.97 -42.42
CA LEU B 278 42.97 -8.84 -40.98
C LEU B 278 42.84 -10.21 -40.28
N SER B 279 43.18 -11.29 -40.99
CA SER B 279 43.30 -12.70 -40.49
C SER B 279 41.94 -13.42 -40.49
N TYR B 280 40.92 -12.88 -41.15
CA TYR B 280 39.61 -13.56 -41.34
C TYR B 280 39.55 -14.18 -42.74
N GLY B 281 39.18 -15.46 -42.83
CA GLY B 281 38.99 -16.19 -44.09
C GLY B 281 37.59 -15.98 -44.64
N SER B 282 36.86 -15.01 -44.09
CA SER B 282 35.40 -14.79 -44.29
C SER B 282 35.02 -13.37 -43.83
N LEU B 283 34.00 -12.75 -44.45
CA LEU B 283 33.54 -11.37 -44.13
C LEU B 283 33.05 -11.30 -42.68
N CYS B 284 33.26 -10.16 -42.04
CA CYS B 284 32.93 -9.96 -40.61
C CYS B 284 32.08 -8.70 -40.39
N ASP B 285 30.95 -8.84 -39.70
CA ASP B 285 29.95 -7.77 -39.41
C ASP B 285 29.91 -7.46 -37.91
N GLU B 286 30.99 -7.81 -37.18
CA GLU B 286 31.17 -7.57 -35.71
C GLU B 286 31.31 -6.06 -35.45
N PHE B 287 31.87 -5.28 -36.40
CA PHE B 287 32.34 -3.89 -36.18
C PHE B 287 31.44 -2.87 -36.91
N THR B 288 30.73 -2.03 -36.14
CA THR B 288 30.01 -0.82 -36.63
C THR B 288 31.00 0.19 -37.21
N PRO B 289 30.51 1.16 -38.02
CA PRO B 289 31.33 2.28 -38.48
C PRO B 289 31.92 3.11 -37.33
N THR B 290 31.13 3.35 -36.27
CA THR B 290 31.53 4.14 -35.07
C THR B 290 32.79 3.54 -34.45
N GLU B 291 32.81 2.21 -34.30
CA GLU B 291 33.92 1.48 -33.64
C GLU B 291 35.19 1.71 -34.47
N VAL B 292 35.10 1.58 -35.79
CA VAL B 292 36.28 1.69 -36.70
C VAL B 292 36.86 3.10 -36.63
N ILE B 293 36.00 4.12 -36.75
CA ILE B 293 36.43 5.55 -36.66
C ILE B 293 37.16 5.76 -35.33
N ARG B 294 36.59 5.28 -34.22
CA ARG B 294 37.12 5.43 -32.83
C ARG B 294 38.49 4.75 -32.74
N GLN B 295 38.62 3.55 -33.31
CA GLN B 295 39.77 2.65 -33.08
C GLN B 295 40.91 3.01 -34.05
N MET B 296 40.59 3.66 -35.18
CA MET B 296 41.57 4.01 -36.25
C MET B 296 42.06 5.46 -36.10
N TYR B 297 41.28 6.38 -35.51
CA TYR B 297 41.61 7.83 -35.41
C TYR B 297 41.28 8.45 -34.04
N GLY B 298 40.70 7.69 -33.12
CA GLY B 298 40.50 8.14 -31.73
C GLY B 298 39.37 9.14 -31.60
N VAL B 299 38.40 9.07 -32.52
CA VAL B 299 37.19 9.96 -32.61
C VAL B 299 35.93 9.12 -32.33
N SER C 1 -10.49 34.96 -32.13
CA SER C 1 -10.65 33.69 -32.96
C SER C 1 -11.25 32.56 -32.10
N GLY C 2 -10.57 32.20 -31.01
CA GLY C 2 -10.98 31.12 -30.07
C GLY C 2 -10.18 29.86 -30.34
N LEU C 3 -10.23 28.88 -29.43
CA LEU C 3 -9.60 27.54 -29.62
C LEU C 3 -10.56 26.42 -29.25
N ARG C 4 -10.76 25.49 -30.18
CA ARG C 4 -11.62 24.29 -29.98
C ARG C 4 -10.84 23.05 -30.39
N LYS C 5 -11.11 21.91 -29.71
CA LYS C 5 -10.77 20.58 -30.25
C LYS C 5 -11.68 20.29 -31.44
N MET C 6 -11.07 19.96 -32.58
CA MET C 6 -11.76 19.86 -33.88
C MET C 6 -11.48 18.52 -34.55
N ALA C 7 -12.43 18.01 -35.31
CA ALA C 7 -12.26 16.80 -36.13
C ALA C 7 -11.95 17.24 -37.55
N GLN C 8 -11.01 16.56 -38.20
CA GLN C 8 -10.88 16.56 -39.67
C GLN C 8 -12.17 15.98 -40.26
N PRO C 9 -12.59 16.40 -41.48
CA PRO C 9 -13.81 15.90 -42.11
C PRO C 9 -13.88 14.37 -42.12
N SER C 10 -15.08 13.82 -42.13
CA SER C 10 -15.38 12.38 -41.94
C SER C 10 -15.88 11.74 -43.24
N GLY C 11 -15.77 12.43 -44.37
CA GLY C 11 -16.46 12.11 -45.62
C GLY C 11 -16.03 10.80 -46.22
N LEU C 12 -14.74 10.46 -46.11
CA LEU C 12 -14.11 9.31 -46.82
C LEU C 12 -14.25 8.04 -45.97
N VAL C 13 -14.70 8.19 -44.72
CA VAL C 13 -14.70 7.14 -43.67
C VAL C 13 -16.13 6.57 -43.50
N GLU C 14 -17.13 7.46 -43.45
CA GLU C 14 -18.59 7.13 -43.26
C GLU C 14 -19.00 5.95 -44.13
N PRO C 15 -18.73 5.98 -45.46
CA PRO C 15 -19.12 4.90 -46.36
C PRO C 15 -18.48 3.55 -46.00
N CYS C 16 -17.47 3.55 -45.14
CA CYS C 16 -16.69 2.33 -44.78
C CYS C 16 -17.26 1.68 -43.49
N ILE C 17 -18.19 2.32 -42.79
CA ILE C 17 -18.69 1.86 -41.45
C ILE C 17 -19.91 0.96 -41.61
N VAL C 18 -19.77 -0.33 -41.28
CA VAL C 18 -20.87 -1.35 -41.39
C VAL C 18 -21.27 -1.85 -40.00
N ARG C 19 -22.51 -2.34 -39.89
CA ARG C 19 -23.01 -3.09 -38.70
C ARG C 19 -22.41 -4.48 -38.71
N VAL C 20 -22.12 -5.03 -37.54
CA VAL C 20 -21.67 -6.44 -37.37
C VAL C 20 -22.22 -6.97 -36.04
N SER C 21 -22.95 -8.09 -36.10
CA SER C 21 -23.54 -8.78 -34.93
C SER C 21 -23.22 -10.27 -34.97
N TYR C 22 -23.19 -10.88 -33.78
CA TYR C 22 -23.05 -12.32 -33.53
C TYR C 22 -23.85 -12.63 -32.26
N GLY C 23 -25.01 -13.29 -32.41
CA GLY C 23 -25.97 -13.56 -31.33
C GLY C 23 -26.43 -12.29 -30.64
N ASN C 24 -26.29 -12.23 -29.31
CA ASN C 24 -26.50 -11.01 -28.46
C ASN C 24 -25.74 -9.82 -29.06
N ASN C 25 -24.42 -9.97 -29.23
CA ASN C 25 -23.40 -8.89 -29.49
C ASN C 25 -23.70 -8.08 -30.77
N VAL C 26 -23.59 -6.73 -30.68
CA VAL C 26 -23.74 -5.78 -31.84
C VAL C 26 -22.63 -4.71 -31.75
N LEU C 27 -21.87 -4.54 -32.83
CA LEU C 27 -20.78 -3.53 -32.85
C LEU C 27 -20.43 -3.15 -34.30
N ASN C 28 -19.41 -2.32 -34.49
CA ASN C 28 -19.15 -1.67 -35.81
C ASN C 28 -17.96 -2.33 -36.43
N GLY C 29 -17.90 -2.33 -37.76
CA GLY C 29 -16.75 -2.84 -38.52
C GLY C 29 -16.37 -1.89 -39.63
N LEU C 30 -15.18 -2.09 -40.18
CA LEU C 30 -14.60 -1.24 -41.24
C LEU C 30 -14.51 -2.08 -42.50
N TRP C 31 -15.18 -1.63 -43.54
CA TRP C 31 -15.37 -2.33 -44.81
C TRP C 31 -14.55 -1.59 -45.87
N LEU C 32 -13.37 -2.14 -46.20
CA LEU C 32 -12.45 -1.69 -47.28
C LEU C 32 -12.25 -2.85 -48.26
N GLY C 33 -12.37 -2.62 -49.57
CA GLY C 33 -12.46 -3.69 -50.59
C GLY C 33 -13.46 -4.75 -50.16
N ASP C 34 -13.04 -6.02 -50.09
CA ASP C 34 -13.90 -7.18 -49.70
C ASP C 34 -13.59 -7.64 -48.25
N GLU C 35 -12.86 -6.83 -47.47
CA GLU C 35 -12.44 -7.15 -46.06
C GLU C 35 -13.22 -6.25 -45.08
N VAL C 36 -13.82 -6.85 -44.05
CA VAL C 36 -14.42 -6.14 -42.91
C VAL C 36 -13.64 -6.47 -41.64
N ILE C 37 -13.05 -5.45 -40.99
CA ILE C 37 -12.30 -5.59 -39.71
C ILE C 37 -13.24 -5.16 -38.60
N CYS C 38 -13.30 -5.90 -37.49
CA CYS C 38 -14.00 -5.49 -36.24
C CYS C 38 -13.35 -6.17 -35.05
N PRO C 39 -13.57 -5.68 -33.82
CA PRO C 39 -13.05 -6.34 -32.62
C PRO C 39 -13.61 -7.76 -32.51
N ARG C 40 -12.82 -8.69 -31.99
CA ARG C 40 -13.11 -10.14 -32.08
C ARG C 40 -14.12 -10.54 -30.99
N HIS C 41 -14.25 -9.76 -29.92
CA HIS C 41 -15.13 -10.11 -28.78
C HIS C 41 -16.62 -9.93 -29.18
N VAL C 42 -16.92 -9.80 -30.46
CA VAL C 42 -18.32 -9.88 -30.99
C VAL C 42 -18.78 -11.33 -30.89
N ILE C 43 -17.84 -12.24 -31.11
CA ILE C 43 -17.99 -13.73 -31.07
C ILE C 43 -18.30 -14.20 -29.63
N ALA C 44 -17.60 -13.66 -28.64
CA ALA C 44 -17.72 -14.00 -27.21
C ALA C 44 -19.19 -14.21 -26.82
N SER C 45 -19.48 -15.37 -26.22
CA SER C 45 -20.80 -15.76 -25.67
C SER C 45 -21.12 -14.91 -24.44
N ASP C 46 -20.13 -14.59 -23.61
CA ASP C 46 -20.30 -13.80 -22.36
C ASP C 46 -19.10 -12.82 -22.22
N THR C 47 -19.34 -11.51 -22.25
CA THR C 47 -18.27 -10.49 -22.35
C THR C 47 -17.98 -9.84 -20.98
N THR C 48 -18.67 -10.27 -19.92
CA THR C 48 -18.51 -9.73 -18.54
C THR C 48 -17.54 -10.61 -17.73
N ARG C 49 -17.20 -11.79 -18.25
CA ARG C 49 -16.27 -12.76 -17.61
C ARG C 49 -15.21 -13.17 -18.62
N VAL C 50 -14.03 -13.54 -18.14
CA VAL C 50 -12.85 -13.84 -18.99
C VAL C 50 -13.30 -14.72 -20.16
N ILE C 51 -12.67 -14.54 -21.32
CA ILE C 51 -13.08 -15.15 -22.62
C ILE C 51 -11.97 -16.08 -23.09
N ASN C 52 -12.34 -17.28 -23.54
CA ASN C 52 -11.40 -18.22 -24.19
C ASN C 52 -11.51 -18.05 -25.70
N TYR C 53 -10.57 -17.33 -26.32
CA TYR C 53 -10.69 -16.82 -27.71
C TYR C 53 -10.36 -17.93 -28.71
N GLU C 54 -9.63 -18.97 -28.30
CA GLU C 54 -9.33 -20.11 -29.23
C GLU C 54 -10.50 -21.10 -29.20
N ASN C 55 -11.17 -21.24 -28.04
CA ASN C 55 -12.50 -21.92 -27.92
C ASN C 55 -13.53 -21.19 -28.78
N GLU C 56 -13.79 -19.92 -28.44
CA GLU C 56 -14.88 -19.07 -29.03
C GLU C 56 -14.75 -19.06 -30.56
N MET C 57 -13.53 -19.22 -31.06
CA MET C 57 -13.21 -19.26 -32.51
C MET C 57 -13.59 -20.63 -33.07
N SER C 58 -13.26 -21.70 -32.34
CA SER C 58 -13.64 -23.10 -32.62
C SER C 58 -15.17 -23.23 -32.69
N SER C 59 -15.87 -22.63 -31.73
CA SER C 59 -17.34 -22.64 -31.56
C SER C 59 -18.02 -21.75 -32.60
N VAL C 60 -17.26 -21.02 -33.41
CA VAL C 60 -17.85 -19.98 -34.30
C VAL C 60 -18.43 -20.66 -35.53
N ARG C 61 -19.63 -20.24 -35.93
CA ARG C 61 -20.27 -20.61 -37.21
C ARG C 61 -20.54 -19.33 -38.01
N LEU C 62 -20.12 -19.30 -39.26
CA LEU C 62 -20.30 -18.16 -40.17
C LEU C 62 -21.78 -17.75 -40.18
N HIS C 63 -22.71 -18.72 -40.26
CA HIS C 63 -24.16 -18.46 -40.41
C HIS C 63 -24.65 -17.45 -39.36
N ASN C 64 -24.06 -17.45 -38.16
CA ASN C 64 -24.47 -16.59 -37.01
C ASN C 64 -24.03 -15.11 -37.21
N PHE C 65 -23.33 -14.79 -38.31
CA PHE C 65 -22.73 -13.44 -38.56
C PHE C 65 -23.69 -12.58 -39.39
N SER C 66 -24.23 -11.52 -38.78
CA SER C 66 -24.90 -10.38 -39.46
C SER C 66 -23.90 -9.24 -39.76
N VAL C 67 -23.66 -8.97 -41.05
CA VAL C 67 -22.79 -7.86 -41.55
C VAL C 67 -23.62 -6.99 -42.50
N SER C 68 -23.91 -5.76 -42.12
CA SER C 68 -24.80 -4.83 -42.90
C SER C 68 -24.18 -3.43 -43.02
N LYS C 69 -24.48 -2.76 -44.13
CA LYS C 69 -24.48 -1.28 -44.28
C LYS C 69 -25.83 -0.81 -44.78
N ASN C 70 -26.46 0.13 -44.06
CA ASN C 70 -27.74 0.74 -44.50
C ASN C 70 -28.70 -0.42 -44.81
N ASN C 71 -28.89 -1.30 -43.82
CA ASN C 71 -29.98 -2.30 -43.71
C ASN C 71 -29.87 -3.34 -44.85
N VAL C 72 -28.77 -3.26 -45.64
CA VAL C 72 -28.37 -4.23 -46.71
C VAL C 72 -27.40 -5.26 -46.11
N PHE C 73 -27.77 -6.55 -46.12
CA PHE C 73 -26.99 -7.67 -45.50
C PHE C 73 -25.99 -8.26 -46.53
N LEU C 74 -24.73 -8.42 -46.08
CA LEU C 74 -23.58 -9.03 -46.83
C LEU C 74 -23.26 -10.41 -46.22
N GLY C 75 -22.51 -11.23 -46.93
CA GLY C 75 -22.22 -12.63 -46.55
C GLY C 75 -20.78 -12.82 -46.12
N VAL C 76 -20.59 -13.25 -44.86
CA VAL C 76 -19.28 -13.71 -44.33
C VAL C 76 -18.92 -15.00 -45.10
N VAL C 77 -17.70 -15.07 -45.65
CA VAL C 77 -17.21 -16.23 -46.47
C VAL C 77 -15.91 -16.79 -45.87
N SER C 78 -15.37 -16.11 -44.84
CA SER C 78 -14.03 -16.34 -44.27
C SER C 78 -13.95 -15.56 -42.96
N ALA C 79 -13.29 -16.08 -41.96
CA ALA C 79 -13.23 -15.45 -40.62
C ALA C 79 -11.89 -15.77 -39.98
N LYS C 80 -10.97 -14.79 -39.95
CA LYS C 80 -9.60 -14.93 -39.36
C LYS C 80 -9.52 -14.05 -38.12
N TYR C 81 -8.81 -14.48 -37.10
CA TYR C 81 -8.18 -13.59 -36.09
C TYR C 81 -6.95 -12.93 -36.72
N LYS C 82 -6.78 -11.63 -36.54
CA LYS C 82 -5.46 -10.96 -36.70
C LYS C 82 -5.23 -10.08 -35.48
N GLY C 83 -4.49 -10.60 -34.52
CA GLY C 83 -4.39 -9.99 -33.19
C GLY C 83 -5.72 -10.05 -32.47
N VAL C 84 -6.16 -8.91 -31.94
CA VAL C 84 -7.41 -8.74 -31.13
C VAL C 84 -8.56 -8.36 -32.07
N ASN C 85 -8.35 -8.38 -33.38
CA ASN C 85 -9.39 -8.03 -34.40
C ASN C 85 -9.80 -9.28 -35.19
N LEU C 86 -11.10 -9.43 -35.43
CA LEU C 86 -11.69 -10.36 -36.44
C LEU C 86 -11.58 -9.74 -37.82
N VAL C 87 -11.28 -10.54 -38.84
CA VAL C 87 -11.20 -10.11 -40.27
C VAL C 87 -12.10 -11.06 -41.10
N LEU C 88 -13.32 -10.61 -41.41
CA LEU C 88 -14.32 -11.32 -42.25
C LEU C 88 -14.01 -11.00 -43.72
N LYS C 89 -13.95 -12.00 -44.60
CA LYS C 89 -14.08 -11.79 -46.06
C LYS C 89 -15.58 -11.79 -46.40
N VAL C 90 -16.01 -10.91 -47.31
CA VAL C 90 -17.44 -10.71 -47.68
C VAL C 90 -17.58 -10.82 -49.22
N ASN C 91 -18.76 -11.24 -49.67
CA ASN C 91 -19.14 -11.40 -51.11
C ASN C 91 -18.89 -10.07 -51.84
N GLN C 92 -19.41 -8.98 -51.29
CA GLN C 92 -19.50 -7.65 -51.94
C GLN C 92 -18.28 -6.80 -51.58
N VAL C 93 -17.63 -6.23 -52.59
CA VAL C 93 -16.63 -5.12 -52.43
C VAL C 93 -17.37 -3.80 -52.13
N ASN C 94 -16.93 -3.07 -51.10
CA ASN C 94 -17.34 -1.67 -50.84
C ASN C 94 -16.97 -0.80 -52.05
N PRO C 95 -17.97 -0.27 -52.83
CA PRO C 95 -17.69 0.61 -53.96
C PRO C 95 -17.04 1.96 -53.58
N ASN C 96 -17.17 2.35 -52.30
CA ASN C 96 -16.75 3.68 -51.79
C ASN C 96 -15.38 3.57 -51.06
N THR C 97 -14.60 2.55 -51.37
CA THR C 97 -13.32 2.26 -50.67
C THR C 97 -12.30 3.37 -50.97
N PRO C 98 -11.92 4.17 -49.96
CA PRO C 98 -11.00 5.29 -50.19
C PRO C 98 -9.57 4.79 -50.35
N GLU C 99 -8.75 5.49 -51.16
CA GLU C 99 -7.28 5.42 -51.04
C GLU C 99 -6.96 5.61 -49.57
N HIS C 100 -6.05 4.81 -49.01
CA HIS C 100 -5.78 4.75 -47.57
C HIS C 100 -4.50 3.97 -47.27
N LYS C 101 -4.08 4.04 -46.02
CA LYS C 101 -2.94 3.31 -45.43
C LYS C 101 -3.25 3.14 -43.95
N PHE C 102 -2.58 2.20 -43.29
CA PHE C 102 -2.62 2.02 -41.82
C PHE C 102 -1.30 2.52 -41.22
N LYS C 103 -1.38 3.17 -40.05
CA LYS C 103 -0.20 3.56 -39.25
C LYS C 103 -0.60 3.56 -37.77
N SER C 104 0.36 3.34 -36.90
CA SER C 104 0.14 3.28 -35.45
C SER C 104 0.37 4.69 -34.88
N ILE C 105 -0.51 5.12 -34.00
CA ILE C 105 -0.43 6.42 -33.30
C ILE C 105 0.65 6.26 -32.22
N LYS C 106 1.42 7.32 -31.96
CA LYS C 106 2.34 7.41 -30.79
C LYS C 106 1.71 8.32 -29.72
N ALA C 107 2.15 8.19 -28.46
CA ALA C 107 1.75 9.10 -27.37
C ALA C 107 1.99 10.55 -27.81
N GLY C 108 1.06 11.46 -27.50
CA GLY C 108 1.12 12.89 -27.82
C GLY C 108 0.36 13.25 -29.09
N GLU C 109 0.39 12.37 -30.10
CA GLU C 109 -0.23 12.59 -31.43
C GLU C 109 -1.77 12.64 -31.34
N SER C 110 -2.36 13.51 -32.17
CA SER C 110 -3.82 13.79 -32.21
C SER C 110 -4.42 13.07 -33.41
N PHE C 111 -5.65 12.57 -33.25
CA PHE C 111 -6.40 11.87 -34.33
C PHE C 111 -7.88 12.01 -34.09
N ASN C 112 -8.66 11.47 -35.03
CA ASN C 112 -10.13 11.65 -35.15
C ASN C 112 -10.85 10.33 -34.77
N ILE C 113 -11.88 10.41 -33.93
CA ILE C 113 -12.84 9.28 -33.75
C ILE C 113 -14.12 9.63 -34.50
N LEU C 114 -14.53 8.75 -35.42
CA LEU C 114 -15.92 8.64 -35.91
C LEU C 114 -16.70 7.63 -35.06
N ALA C 115 -17.43 8.12 -34.06
CA ALA C 115 -18.20 7.32 -33.09
C ALA C 115 -19.52 6.82 -33.73
N CYS C 116 -19.58 5.53 -34.03
CA CYS C 116 -20.78 4.84 -34.60
C CYS C 116 -21.47 3.99 -33.51
N TYR C 117 -22.81 3.96 -33.51
CA TYR C 117 -23.63 3.08 -32.63
C TYR C 117 -24.31 2.02 -33.51
N GLU C 118 -23.95 0.75 -33.30
CA GLU C 118 -24.53 -0.43 -34.00
C GLU C 118 -24.62 -0.18 -35.52
N GLY C 119 -23.58 0.43 -36.10
CA GLY C 119 -23.39 0.50 -37.57
C GLY C 119 -23.88 1.82 -38.21
N CYS C 120 -24.53 2.70 -37.43
CA CYS C 120 -24.90 4.09 -37.87
C CYS C 120 -23.81 5.08 -37.46
N PRO C 121 -22.94 5.58 -38.40
CA PRO C 121 -22.00 6.65 -38.07
C PRO C 121 -22.73 7.87 -37.48
N GLY C 122 -22.34 8.28 -36.26
CA GLY C 122 -23.09 9.27 -35.47
C GLY C 122 -22.32 10.56 -35.30
N SER C 123 -21.11 10.51 -34.75
CA SER C 123 -20.43 11.68 -34.14
C SER C 123 -18.99 11.71 -34.56
N VAL C 124 -18.44 12.89 -34.82
CA VAL C 124 -17.00 13.11 -35.13
C VAL C 124 -16.43 14.04 -34.06
N TYR C 125 -15.27 13.69 -33.53
CA TYR C 125 -14.60 14.49 -32.46
C TYR C 125 -13.12 14.11 -32.37
N GLY C 126 -12.33 15.06 -31.92
CA GLY C 126 -10.86 15.00 -31.99
C GLY C 126 -10.34 14.39 -30.73
N VAL C 127 -9.29 13.58 -30.83
CA VAL C 127 -8.65 13.01 -29.61
C VAL C 127 -7.14 13.18 -29.64
N ASN C 128 -6.52 12.79 -28.54
CA ASN C 128 -5.06 12.80 -28.32
C ASN C 128 -4.68 11.54 -27.53
N MET C 129 -3.67 10.80 -27.99
CA MET C 129 -3.23 9.57 -27.29
C MET C 129 -2.38 9.94 -26.07
N ARG C 130 -2.80 9.48 -24.91
CA ARG C 130 -2.10 9.64 -23.60
C ARG C 130 -0.92 8.68 -23.53
N SER C 131 -0.04 8.85 -22.53
CA SER C 131 1.29 8.19 -22.47
C SER C 131 1.12 6.66 -22.46
N GLN C 132 0.05 6.16 -21.86
CA GLN C 132 -0.17 4.71 -21.65
C GLN C 132 -0.96 4.09 -22.83
N GLY C 133 -1.21 4.86 -23.90
CA GLY C 133 -1.85 4.35 -25.14
C GLY C 133 -3.36 4.20 -25.00
N THR C 134 -3.96 5.02 -24.14
CA THR C 134 -5.42 5.20 -23.99
C THR C 134 -5.82 6.55 -24.61
N ILE C 135 -7.13 6.79 -24.73
CA ILE C 135 -7.75 8.11 -25.06
C ILE C 135 -8.88 8.37 -24.08
N LYS C 136 -9.20 9.64 -23.82
CA LYS C 136 -10.31 10.09 -22.92
C LYS C 136 -11.50 10.49 -23.78
N GLY C 137 -12.11 9.52 -24.43
CA GLY C 137 -13.07 9.80 -25.50
C GLY C 137 -14.45 10.04 -24.95
N SER C 138 -15.44 9.53 -25.66
CA SER C 138 -16.84 9.35 -25.21
C SER C 138 -17.40 8.12 -25.93
N PHE C 139 -17.44 7.00 -25.20
CA PHE C 139 -17.80 5.67 -25.72
C PHE C 139 -18.77 5.00 -24.74
N ILE C 140 -19.69 4.23 -25.29
CA ILE C 140 -20.72 3.46 -24.55
C ILE C 140 -20.91 2.12 -25.27
N ALA C 141 -21.87 1.33 -24.78
CA ALA C 141 -22.34 0.07 -25.40
C ALA C 141 -22.71 0.32 -26.87
N GLY C 142 -22.07 -0.41 -27.78
CA GLY C 142 -22.45 -0.45 -29.20
C GLY C 142 -21.53 0.42 -30.05
N THR C 143 -20.60 1.15 -29.41
CA THR C 143 -19.65 2.07 -30.08
C THR C 143 -18.33 1.34 -30.37
N CYS C 144 -18.14 0.13 -29.83
CA CYS C 144 -17.04 -0.77 -30.26
C CYS C 144 -17.02 -0.83 -31.78
N GLY C 145 -15.82 -0.88 -32.37
CA GLY C 145 -15.62 -0.91 -33.84
C GLY C 145 -15.52 0.49 -34.44
N SER C 146 -15.82 1.53 -33.64
CA SER C 146 -15.67 2.94 -34.04
C SER C 146 -14.24 3.18 -34.50
N VAL C 147 -14.08 3.75 -35.68
CA VAL C 147 -12.75 3.95 -36.36
C VAL C 147 -12.16 5.29 -35.93
N GLY C 148 -10.87 5.31 -35.61
CA GLY C 148 -10.03 6.53 -35.63
C GLY C 148 -9.19 6.60 -36.90
N TYR C 149 -9.05 7.80 -37.46
CA TYR C 149 -8.31 8.06 -38.73
C TYR C 149 -7.53 9.39 -38.58
N VAL C 150 -6.59 9.68 -39.48
CA VAL C 150 -6.05 11.05 -39.70
C VAL C 150 -5.77 11.21 -41.18
N LEU C 151 -5.99 12.41 -41.72
CA LEU C 151 -5.52 12.85 -43.06
C LEU C 151 -4.22 13.66 -42.87
N GLU C 152 -3.19 13.35 -43.65
CA GLU C 152 -1.87 14.03 -43.62
C GLU C 152 -1.35 14.15 -45.04
N ASN C 153 -1.25 15.37 -45.56
CA ASN C 153 -0.89 15.61 -46.99
C ASN C 153 -1.84 14.77 -47.85
N GLY C 154 -3.15 14.89 -47.62
CA GLY C 154 -4.23 14.16 -48.32
C GLY C 154 -3.97 12.65 -48.43
N ILE C 155 -3.37 12.02 -47.40
CA ILE C 155 -3.35 10.54 -47.24
C ILE C 155 -4.23 10.20 -46.04
N LEU C 156 -5.29 9.43 -46.26
CA LEU C 156 -6.12 8.87 -45.17
C LEU C 156 -5.31 7.78 -44.44
N TYR C 157 -5.31 7.79 -43.11
CA TYR C 157 -4.72 6.74 -42.26
C TYR C 157 -5.78 6.21 -41.32
N PHE C 158 -6.01 4.90 -41.31
CA PHE C 158 -6.80 4.24 -40.25
C PHE C 158 -5.82 3.90 -39.12
N VAL C 159 -6.11 4.33 -37.90
CA VAL C 159 -5.09 4.29 -36.81
C VAL C 159 -5.69 3.70 -35.55
N TYR C 160 -7.00 3.61 -35.43
CA TYR C 160 -7.61 3.11 -34.17
C TYR C 160 -8.96 2.44 -34.45
N MET C 161 -9.19 1.30 -33.79
CA MET C 161 -10.49 0.61 -33.71
C MET C 161 -10.82 0.38 -32.22
N HIS C 162 -11.97 0.86 -31.75
CA HIS C 162 -12.31 0.90 -30.31
C HIS C 162 -12.72 -0.50 -29.80
N HIS C 163 -12.34 -0.84 -28.54
CA HIS C 163 -12.46 -2.21 -27.95
C HIS C 163 -13.06 -2.19 -26.54
N LEU C 164 -12.59 -1.33 -25.63
CA LEU C 164 -13.00 -1.41 -24.21
C LEU C 164 -12.68 -0.13 -23.43
N GLU C 165 -13.25 -0.04 -22.22
CA GLU C 165 -13.11 1.06 -21.24
C GLU C 165 -12.60 0.49 -19.90
N LEU C 166 -11.59 1.14 -19.29
CA LEU C 166 -11.01 0.77 -17.96
C LEU C 166 -11.83 1.38 -16.82
N GLY C 167 -11.63 0.86 -15.60
CA GLY C 167 -12.22 1.36 -14.36
C GLY C 167 -12.18 2.89 -14.25
N ASN C 168 -11.08 3.52 -14.73
CA ASN C 168 -10.85 5.00 -14.59
C ASN C 168 -11.48 5.73 -15.78
N GLY C 169 -12.29 5.03 -16.59
CA GLY C 169 -13.08 5.59 -17.70
C GLY C 169 -12.19 5.99 -18.89
N SER C 170 -10.90 5.66 -18.82
CA SER C 170 -9.97 5.67 -19.98
C SER C 170 -10.47 4.65 -20.99
N HIS C 171 -10.21 4.89 -22.28
CA HIS C 171 -10.67 4.01 -23.39
C HIS C 171 -9.46 3.49 -24.14
N VAL C 172 -9.62 2.30 -24.71
CA VAL C 172 -8.51 1.42 -25.19
C VAL C 172 -8.94 0.83 -26.53
N GLY C 173 -7.99 0.63 -27.42
CA GLY C 173 -8.28 0.25 -28.79
C GLY C 173 -7.05 -0.28 -29.48
N SER C 174 -7.22 -0.72 -30.71
CA SER C 174 -6.21 -1.48 -31.48
C SER C 174 -5.84 -0.63 -32.67
N ASN C 175 -4.66 -0.82 -33.22
CA ASN C 175 -4.39 -0.36 -34.59
C ASN C 175 -5.13 -1.34 -35.49
N LEU C 176 -5.14 -1.11 -36.80
CA LEU C 176 -5.93 -1.93 -37.74
C LEU C 176 -5.09 -3.14 -38.20
N GLU C 177 -4.00 -3.49 -37.48
CA GLU C 177 -3.28 -4.80 -37.61
C GLU C 177 -3.58 -5.70 -36.42
N GLY C 178 -4.32 -5.21 -35.44
CA GLY C 178 -4.85 -6.04 -34.34
C GLY C 178 -3.93 -6.07 -33.15
N GLU C 179 -2.91 -5.22 -33.13
CA GLU C 179 -2.09 -4.97 -31.92
C GLU C 179 -2.85 -3.94 -31.07
N MET C 180 -3.26 -4.30 -29.85
CA MET C 180 -3.92 -3.35 -28.91
C MET C 180 -2.90 -2.27 -28.51
N TYR C 181 -3.32 -1.01 -28.41
CA TYR C 181 -2.51 0.14 -27.92
C TYR C 181 -2.30 -0.03 -26.41
N GLY C 182 -1.06 0.20 -25.95
CA GLY C 182 -0.68 0.16 -24.52
C GLY C 182 -0.59 -1.26 -23.99
N GLY C 183 -0.56 -2.26 -24.89
CA GLY C 183 -0.49 -3.70 -24.59
C GLY C 183 -1.49 -4.11 -23.51
N TYR C 184 -2.69 -3.52 -23.51
CA TYR C 184 -3.84 -3.96 -22.68
C TYR C 184 -4.46 -5.20 -23.29
N GLU C 185 -5.00 -6.06 -22.45
CA GLU C 185 -5.59 -7.33 -22.91
C GLU C 185 -7.06 -7.08 -23.21
N ASP C 186 -7.59 -7.91 -24.09
CA ASP C 186 -8.86 -7.79 -24.82
C ASP C 186 -9.95 -8.46 -23.97
N GLN C 187 -10.05 -8.09 -22.67
CA GLN C 187 -10.75 -8.90 -21.61
C GLN C 187 -11.31 -8.02 -20.50
N PRO C 188 -12.41 -8.47 -19.82
CA PRO C 188 -13.08 -7.68 -18.77
C PRO C 188 -12.32 -7.46 -17.47
N SER C 189 -11.16 -8.11 -17.29
CA SER C 189 -10.32 -8.03 -16.05
C SER C 189 -10.04 -6.57 -15.70
N MET C 190 -9.96 -6.26 -14.40
CA MET C 190 -9.76 -4.89 -13.86
C MET C 190 -8.30 -4.46 -14.04
N GLN C 191 -7.84 -4.32 -15.29
CA GLN C 191 -6.51 -3.75 -15.63
C GLN C 191 -6.44 -2.29 -15.19
N LEU C 192 -5.24 -1.83 -14.80
CA LEU C 192 -4.96 -0.43 -14.40
C LEU C 192 -4.22 0.27 -15.54
N GLU C 193 -4.46 1.57 -15.71
CA GLU C 193 -3.79 2.39 -16.76
C GLU C 193 -2.32 2.58 -16.37
N GLY C 194 -2.07 2.93 -15.11
CA GLY C 194 -0.74 3.38 -14.64
C GLY C 194 -0.57 4.86 -14.85
N THR C 195 0.38 5.48 -14.16
CA THR C 195 0.56 6.96 -14.11
C THR C 195 0.54 7.51 -15.55
N ASN C 196 -0.14 8.64 -15.74
CA ASN C 196 -0.27 9.34 -17.05
C ASN C 196 0.80 10.44 -17.13
N VAL C 197 1.60 10.42 -18.19
CA VAL C 197 2.68 11.42 -18.40
C VAL C 197 2.19 12.43 -19.42
N MET C 198 1.88 13.64 -18.93
CA MET C 198 1.48 14.83 -19.74
C MET C 198 2.53 15.12 -20.81
N SER C 199 2.09 15.36 -22.05
CA SER C 199 2.95 15.83 -23.17
C SER C 199 3.34 17.29 -22.93
N SER C 200 4.63 17.56 -22.75
CA SER C 200 5.18 18.93 -22.52
C SER C 200 5.02 19.77 -23.80
N ASP C 201 5.52 19.27 -24.93
CA ASP C 201 5.22 19.82 -26.28
C ASP C 201 3.80 20.38 -26.31
N ASN C 202 2.82 19.63 -25.80
CA ASN C 202 1.37 19.87 -26.07
C ASN C 202 0.87 21.01 -25.17
N VAL C 203 1.32 21.06 -23.92
CA VAL C 203 1.00 22.16 -22.95
C VAL C 203 1.58 23.47 -23.50
N VAL C 204 2.87 23.49 -23.82
CA VAL C 204 3.55 24.64 -24.45
C VAL C 204 2.66 25.18 -25.58
N ALA C 205 2.38 24.35 -26.60
CA ALA C 205 1.50 24.66 -27.77
C ALA C 205 0.12 25.15 -27.29
N PHE C 206 -0.40 24.60 -26.21
CA PHE C 206 -1.69 25.01 -25.63
C PHE C 206 -1.58 26.44 -25.14
N LEU C 207 -0.47 26.74 -24.45
CA LEU C 207 -0.24 28.04 -23.78
C LEU C 207 0.06 29.12 -24.83
N TYR C 208 0.70 28.77 -25.95
CA TYR C 208 0.91 29.67 -27.12
C TYR C 208 -0.43 30.06 -27.75
N ALA C 209 -1.42 29.16 -27.71
CA ALA C 209 -2.78 29.36 -28.26
C ALA C 209 -3.53 30.35 -27.36
N ALA C 210 -3.37 30.26 -26.04
CA ALA C 210 -3.95 31.20 -25.06
C ALA C 210 -3.34 32.60 -25.26
N LEU C 211 -2.02 32.66 -25.53
CA LEU C 211 -1.28 33.92 -25.84
C LEU C 211 -1.84 34.55 -27.12
N ILE C 212 -2.09 33.74 -28.15
CA ILE C 212 -2.55 34.24 -29.50
C ILE C 212 -3.98 34.78 -29.35
N ASN C 213 -4.76 34.21 -28.42
CA ASN C 213 -6.15 34.67 -28.09
C ASN C 213 -6.07 35.62 -26.89
N GLY C 214 -4.89 36.22 -26.68
CA GLY C 214 -4.66 37.35 -25.76
C GLY C 214 -5.01 37.02 -24.31
N GLU C 215 -4.80 35.78 -23.87
CA GLU C 215 -4.58 35.49 -22.43
C GLU C 215 -3.07 35.60 -22.15
N ARG C 216 -2.70 36.10 -20.96
CA ARG C 216 -1.31 36.50 -20.62
C ARG C 216 -1.00 36.25 -19.14
N TRP C 217 -1.99 35.90 -18.31
CA TRP C 217 -1.86 35.97 -16.84
C TRP C 217 -0.86 34.93 -16.31
N PHE C 218 -0.53 33.90 -17.11
CA PHE C 218 0.28 32.73 -16.69
C PHE C 218 1.76 33.00 -16.99
N VAL C 219 2.05 33.73 -18.08
CA VAL C 219 3.40 34.24 -18.43
C VAL C 219 3.83 35.28 -17.39
N THR C 220 5.12 35.32 -17.01
CA THR C 220 5.71 36.39 -16.15
C THR C 220 7.05 36.86 -16.74
N ASN C 221 7.91 37.42 -15.88
CA ASN C 221 9.27 37.95 -16.20
C ASN C 221 10.28 36.77 -16.27
N THR C 222 9.95 35.64 -15.64
CA THR C 222 10.82 34.45 -15.39
C THR C 222 10.77 33.45 -16.57
N SER C 223 11.88 33.31 -17.29
CA SER C 223 12.21 32.11 -18.13
C SER C 223 12.69 30.96 -17.23
N MET C 224 12.71 29.74 -17.76
CA MET C 224 13.36 28.55 -17.14
C MET C 224 14.01 27.69 -18.22
N SER C 225 15.20 27.17 -17.93
CA SER C 225 16.10 26.51 -18.91
C SER C 225 15.52 25.14 -19.28
N LEU C 226 15.71 24.75 -20.54
CA LEU C 226 15.36 23.42 -21.09
C LEU C 226 16.00 22.33 -20.21
N GLU C 227 17.27 22.55 -19.81
CA GLU C 227 18.12 21.56 -19.10
C GLU C 227 17.50 21.31 -17.72
N SER C 228 16.93 22.37 -17.13
CA SER C 228 16.42 22.44 -15.74
C SER C 228 14.93 22.08 -15.72
N TYR C 229 14.23 22.33 -16.83
CA TYR C 229 12.84 21.87 -17.06
C TYR C 229 12.83 20.35 -17.17
N ASN C 230 13.60 19.82 -18.13
CA ASN C 230 13.62 18.38 -18.50
C ASN C 230 13.90 17.53 -17.26
N THR C 231 14.67 18.07 -16.30
CA THR C 231 14.97 17.43 -14.98
C THR C 231 13.73 17.43 -14.10
N TRP C 232 13.09 18.58 -13.97
CA TRP C 232 11.82 18.74 -13.20
C TRP C 232 10.79 17.75 -13.76
N ALA C 233 10.76 17.54 -15.08
CA ALA C 233 9.74 16.73 -15.78
C ALA C 233 9.86 15.25 -15.36
N LYS C 234 11.08 14.72 -15.26
CA LYS C 234 11.36 13.29 -14.97
C LYS C 234 10.77 12.90 -13.63
N THR C 235 10.46 13.87 -12.77
CA THR C 235 9.94 13.64 -11.39
C THR C 235 8.54 14.23 -11.26
N ASN C 236 7.93 14.70 -12.36
CA ASN C 236 6.63 15.43 -12.30
C ASN C 236 5.65 14.93 -13.37
N SER C 237 5.87 13.75 -13.94
CA SER C 237 4.96 13.09 -14.91
C SER C 237 4.68 14.02 -16.09
N PHE C 238 5.72 14.68 -16.61
CA PHE C 238 5.76 15.33 -17.94
C PHE C 238 6.86 14.69 -18.77
N THR C 239 6.77 14.84 -20.08
CA THR C 239 7.76 14.31 -21.03
C THR C 239 8.91 15.31 -21.09
N GLU C 240 10.09 14.86 -21.50
CA GLU C 240 11.19 15.78 -21.90
C GLU C 240 10.71 16.54 -23.11
N LEU C 241 10.80 17.87 -23.11
CA LEU C 241 10.48 18.69 -24.30
C LEU C 241 11.40 18.23 -25.44
N SER C 242 10.80 17.95 -26.60
CA SER C 242 11.51 17.46 -27.80
C SER C 242 12.61 18.48 -28.17
N SER C 243 12.22 19.71 -28.50
CA SER C 243 13.13 20.79 -28.94
C SER C 243 12.41 22.14 -28.88
N ILE C 244 13.18 23.22 -28.92
CA ILE C 244 12.68 24.62 -28.92
C ILE C 244 12.48 25.05 -30.38
N ASP C 245 12.95 24.26 -31.34
CA ASP C 245 12.82 24.49 -32.81
C ASP C 245 11.36 24.29 -33.25
N ALA C 246 10.62 23.43 -32.55
CA ALA C 246 9.22 23.07 -32.89
C ALA C 246 8.34 24.32 -32.78
N PHE C 247 8.82 25.35 -32.06
CA PHE C 247 8.05 26.53 -31.61
C PHE C 247 8.65 27.85 -32.14
N SER C 248 9.41 27.81 -33.24
CA SER C 248 10.09 28.99 -33.83
C SER C 248 9.07 30.05 -34.28
N MET C 249 8.18 29.71 -35.23
CA MET C 249 7.08 30.61 -35.66
C MET C 249 6.32 31.12 -34.43
N LEU C 250 5.93 30.22 -33.53
CA LEU C 250 5.04 30.54 -32.38
C LEU C 250 5.80 31.36 -31.34
N ALA C 251 7.14 31.34 -31.39
CA ALA C 251 8.01 32.20 -30.55
C ALA C 251 7.91 33.64 -31.06
N ALA C 252 8.30 33.85 -32.33
CA ALA C 252 8.31 35.14 -33.06
C ALA C 252 6.93 35.84 -32.98
N LYS C 253 5.86 35.18 -33.46
CA LYS C 253 4.49 35.75 -33.55
C LYS C 253 4.07 36.36 -32.20
N THR C 254 4.08 35.59 -31.11
CA THR C 254 3.51 36.00 -29.80
C THR C 254 4.56 36.76 -28.99
N GLY C 255 5.81 36.77 -29.45
CA GLY C 255 6.99 37.29 -28.70
C GLY C 255 7.12 36.69 -27.29
N GLN C 256 7.14 35.35 -27.16
CA GLN C 256 7.27 34.63 -25.86
C GLN C 256 8.10 33.35 -26.05
N SER C 257 9.17 33.21 -25.28
CA SER C 257 10.17 32.11 -25.36
C SER C 257 9.61 30.84 -24.68
N VAL C 258 9.87 29.69 -25.26
CA VAL C 258 9.45 28.37 -24.72
C VAL C 258 9.75 28.34 -23.21
N GLU C 259 10.87 28.94 -22.82
CA GLU C 259 11.42 28.90 -21.44
C GLU C 259 10.52 29.78 -20.53
N LYS C 260 9.95 30.85 -21.09
CA LYS C 260 8.86 31.60 -20.41
C LYS C 260 7.73 30.63 -20.07
N LEU C 261 7.33 29.80 -21.04
CA LEU C 261 6.23 28.82 -20.89
C LEU C 261 6.67 27.61 -20.06
N LEU C 262 7.92 27.16 -20.21
CA LEU C 262 8.45 26.05 -19.35
C LEU C 262 8.32 26.48 -17.89
N ASP C 263 8.62 27.73 -17.58
CA ASP C 263 8.48 28.28 -16.21
C ASP C 263 6.99 28.28 -15.85
N SER C 264 6.14 28.72 -16.78
CA SER C 264 4.66 28.65 -16.66
C SER C 264 4.24 27.27 -16.16
N ILE C 265 4.60 26.21 -16.89
CA ILE C 265 4.14 24.82 -16.59
C ILE C 265 4.49 24.49 -15.13
N VAL C 266 5.67 24.92 -14.67
CA VAL C 266 6.29 24.50 -13.38
C VAL C 266 5.50 25.10 -12.21
N ARG C 267 5.09 26.37 -12.33
CA ARG C 267 4.33 27.10 -11.29
C ARG C 267 2.88 26.59 -11.28
N LEU C 268 2.28 26.46 -12.46
CA LEU C 268 0.83 26.23 -12.64
C LEU C 268 0.51 24.73 -12.53
N ASN C 269 1.51 23.86 -12.67
CA ASN C 269 1.31 22.39 -12.59
C ASN C 269 0.55 22.07 -11.30
N LYS C 270 0.97 22.66 -10.17
CA LYS C 270 0.47 22.34 -8.81
C LYS C 270 -1.03 22.65 -8.74
N GLY C 271 -1.43 23.82 -9.25
CA GLY C 271 -2.81 24.32 -9.25
C GLY C 271 -2.93 25.54 -10.15
N PHE C 272 -4.15 25.99 -10.43
CA PHE C 272 -4.43 27.17 -11.31
C PHE C 272 -4.79 28.39 -10.45
N GLY C 273 -4.87 28.21 -9.12
CA GLY C 273 -5.32 29.23 -8.16
C GLY C 273 -6.61 29.90 -8.63
N GLY C 274 -7.62 29.10 -9.00
CA GLY C 274 -9.01 29.53 -9.26
C GLY C 274 -9.20 30.17 -10.63
N ARG C 275 -8.11 30.42 -11.36
CA ARG C 275 -8.15 31.10 -12.68
C ARG C 275 -8.43 30.05 -13.76
N THR C 276 -8.29 30.44 -15.02
CA THR C 276 -8.77 29.70 -16.19
C THR C 276 -7.96 30.13 -17.42
N ILE C 277 -7.53 29.18 -18.24
CA ILE C 277 -6.88 29.46 -19.57
C ILE C 277 -7.69 28.77 -20.67
N LEU C 278 -8.25 29.55 -21.60
CA LEU C 278 -9.06 29.07 -22.76
C LEU C 278 -10.19 28.14 -22.25
N SER C 279 -10.70 28.45 -21.04
CA SER C 279 -11.91 27.86 -20.40
C SER C 279 -11.53 26.74 -19.45
N TYR C 280 -10.36 26.10 -19.62
CA TYR C 280 -9.92 24.94 -18.79
C TYR C 280 -9.35 25.43 -17.46
N GLY C 281 -9.48 24.60 -16.41
CA GLY C 281 -9.03 24.90 -15.04
C GLY C 281 -7.87 24.00 -14.61
N SER C 282 -7.18 23.38 -15.58
CA SER C 282 -5.84 22.75 -15.41
C SER C 282 -5.14 22.65 -16.78
N LEU C 283 -3.83 22.38 -16.79
CA LEU C 283 -3.01 22.32 -18.03
C LEU C 283 -3.62 21.30 -19.00
N CYS C 284 -3.65 21.60 -20.29
CA CYS C 284 -4.25 20.75 -21.35
C CYS C 284 -3.15 20.26 -22.32
N ASP C 285 -3.05 18.95 -22.50
CA ASP C 285 -2.06 18.31 -23.42
C ASP C 285 -2.82 17.59 -24.55
N GLU C 286 -4.02 18.07 -24.91
CA GLU C 286 -4.90 17.46 -25.95
C GLU C 286 -4.57 18.03 -27.32
N PHE C 287 -3.83 19.13 -27.37
CA PHE C 287 -3.54 19.88 -28.61
C PHE C 287 -2.04 19.82 -28.91
N THR C 288 -1.67 19.56 -30.16
CA THR C 288 -0.28 19.50 -30.65
C THR C 288 0.11 20.83 -31.30
N PRO C 289 1.42 21.19 -31.29
CA PRO C 289 1.92 22.35 -32.03
C PRO C 289 1.33 22.47 -33.44
N THR C 290 1.30 21.37 -34.20
CA THR C 290 0.74 21.32 -35.58
C THR C 290 -0.73 21.72 -35.52
N GLU C 291 -1.52 21.12 -34.63
CA GLU C 291 -2.95 21.45 -34.47
C GLU C 291 -3.11 22.98 -34.26
N VAL C 292 -2.37 23.55 -33.33
CA VAL C 292 -2.58 24.95 -32.89
C VAL C 292 -2.19 25.91 -34.04
N ILE C 293 -0.99 25.75 -34.63
CA ILE C 293 -0.55 26.57 -35.81
C ILE C 293 -1.68 26.56 -36.85
N ARG C 294 -2.17 25.36 -37.24
CA ARG C 294 -3.22 25.17 -38.27
C ARG C 294 -4.46 25.98 -37.90
N GLN C 295 -4.89 25.90 -36.65
CA GLN C 295 -6.17 26.48 -36.18
C GLN C 295 -6.07 28.02 -36.06
N MET C 296 -4.88 28.59 -35.80
CA MET C 296 -4.74 30.06 -35.52
C MET C 296 -4.29 30.84 -36.78
N TYR C 297 -3.65 30.20 -37.77
CA TYR C 297 -3.00 30.90 -38.91
C TYR C 297 -3.35 30.27 -40.27
N GLY C 298 -4.16 29.20 -40.28
CA GLY C 298 -4.44 28.40 -41.50
C GLY C 298 -3.20 27.65 -41.97
N SER D 1 -17.62 6.49 -19.35
CA SER D 1 -18.06 6.85 -20.76
C SER D 1 -17.43 8.19 -21.19
N GLY D 2 -17.69 9.27 -20.45
CA GLY D 2 -17.16 10.63 -20.72
C GLY D 2 -18.20 11.52 -21.40
N LEU D 3 -17.96 12.86 -21.40
CA LEU D 3 -18.82 13.87 -22.10
C LEU D 3 -17.97 14.71 -23.06
N ARG D 4 -18.25 14.63 -24.35
CA ARG D 4 -17.53 15.39 -25.39
C ARG D 4 -18.56 16.14 -26.26
N LYS D 5 -18.33 17.43 -26.50
CA LYS D 5 -19.08 18.19 -27.53
C LYS D 5 -18.71 17.63 -28.89
N MET D 6 -19.69 17.12 -29.61
CA MET D 6 -19.47 16.28 -30.80
C MET D 6 -20.08 16.94 -32.04
N ALA D 7 -19.66 16.49 -33.20
CA ALA D 7 -20.17 16.96 -34.50
C ALA D 7 -20.82 15.79 -35.24
N GLN D 8 -21.99 16.03 -35.80
CA GLN D 8 -22.57 15.13 -36.80
C GLN D 8 -21.61 15.05 -37.99
N PRO D 9 -21.53 13.87 -38.63
CA PRO D 9 -20.67 13.68 -39.79
C PRO D 9 -20.99 14.69 -40.91
N SER D 10 -20.06 14.84 -41.87
CA SER D 10 -19.89 16.01 -42.78
C SER D 10 -19.83 15.54 -44.24
N GLY D 11 -19.95 14.24 -44.48
CA GLY D 11 -19.86 13.65 -45.83
C GLY D 11 -20.83 14.29 -46.82
N LEU D 12 -22.03 14.67 -46.41
CA LEU D 12 -23.07 15.20 -47.34
C LEU D 12 -22.71 16.65 -47.76
N VAL D 13 -22.07 17.41 -46.86
CA VAL D 13 -21.78 18.88 -47.00
C VAL D 13 -20.46 19.10 -47.74
N GLU D 14 -19.43 18.31 -47.42
CA GLU D 14 -18.04 18.49 -47.94
C GLU D 14 -18.06 18.75 -49.45
N PRO D 15 -18.78 17.97 -50.29
CA PRO D 15 -18.66 18.10 -51.74
C PRO D 15 -19.36 19.36 -52.28
N CYS D 16 -20.08 20.11 -51.43
CA CYS D 16 -20.84 21.34 -51.79
C CYS D 16 -20.01 22.62 -51.58
N ILE D 17 -18.78 22.52 -51.10
CA ILE D 17 -18.02 23.70 -50.57
C ILE D 17 -17.02 24.15 -51.64
N VAL D 18 -17.26 25.31 -52.27
CA VAL D 18 -16.44 25.80 -53.42
C VAL D 18 -15.64 27.02 -52.97
N ARG D 19 -14.47 27.23 -53.54
CA ARG D 19 -13.74 28.52 -53.44
C ARG D 19 -14.53 29.59 -54.18
N VAL D 20 -14.50 30.83 -53.69
CA VAL D 20 -15.10 32.02 -54.36
C VAL D 20 -14.15 33.20 -54.13
N SER D 21 -13.49 33.66 -55.21
CA SER D 21 -12.61 34.85 -55.23
C SER D 21 -13.15 35.90 -56.22
N TYR D 22 -13.11 37.17 -55.82
CA TYR D 22 -13.43 38.38 -56.62
C TYR D 22 -12.30 39.40 -56.38
N GLY D 23 -11.49 39.68 -57.40
CA GLY D 23 -10.25 40.45 -57.23
C GLY D 23 -9.41 39.93 -56.07
N ASN D 24 -9.35 40.68 -54.97
CA ASN D 24 -8.42 40.43 -53.83
C ASN D 24 -9.16 39.71 -52.70
N ASN D 25 -10.45 39.46 -52.87
CA ASN D 25 -11.30 38.83 -51.83
C ASN D 25 -11.49 37.35 -52.16
N VAL D 26 -11.36 36.48 -51.15
CA VAL D 26 -11.55 35.01 -51.27
C VAL D 26 -12.31 34.53 -50.03
N LEU D 27 -13.38 33.77 -50.22
CA LEU D 27 -14.05 33.08 -49.10
C LEU D 27 -14.77 31.82 -49.62
N ASN D 28 -15.71 31.27 -48.85
CA ASN D 28 -16.28 29.91 -49.12
C ASN D 28 -17.73 30.06 -49.58
N GLY D 29 -18.12 29.30 -50.61
CA GLY D 29 -19.50 29.26 -51.13
C GLY D 29 -20.11 27.90 -50.98
N LEU D 30 -21.44 27.83 -50.89
CA LEU D 30 -22.25 26.59 -50.85
C LEU D 30 -22.90 26.34 -52.23
N TRP D 31 -22.37 25.38 -52.98
CA TRP D 31 -22.79 24.97 -54.34
C TRP D 31 -23.90 23.90 -54.24
N LEU D 32 -25.16 24.32 -54.35
CA LEU D 32 -26.34 23.43 -54.55
C LEU D 32 -26.93 23.68 -55.95
N GLY D 33 -27.56 22.67 -56.55
CA GLY D 33 -27.98 22.70 -57.97
C GLY D 33 -26.95 23.46 -58.82
N ASP D 34 -27.38 24.55 -59.47
CA ASP D 34 -26.54 25.39 -60.38
C ASP D 34 -26.30 26.77 -59.74
N GLU D 35 -26.54 26.87 -58.42
CA GLU D 35 -26.46 28.13 -57.63
C GLU D 35 -25.36 28.02 -56.54
N VAL D 36 -24.57 29.08 -56.37
CA VAL D 36 -23.50 29.19 -55.33
C VAL D 36 -23.87 30.32 -54.37
N ILE D 37 -24.23 29.99 -53.13
CA ILE D 37 -24.54 30.97 -52.05
C ILE D 37 -23.26 31.29 -51.28
N CYS D 38 -22.98 32.57 -51.01
CA CYS D 38 -21.76 33.03 -50.28
C CYS D 38 -21.94 34.45 -49.78
N PRO D 39 -21.13 34.90 -48.79
CA PRO D 39 -21.32 36.21 -48.17
C PRO D 39 -21.07 37.37 -49.16
N ARG D 40 -21.98 38.34 -49.20
CA ARG D 40 -21.98 39.44 -50.19
C ARG D 40 -20.64 40.20 -50.11
N HIS D 41 -20.04 40.30 -48.92
CA HIS D 41 -18.90 41.21 -48.63
C HIS D 41 -17.67 40.83 -49.46
N VAL D 42 -17.80 39.89 -50.41
CA VAL D 42 -16.66 39.41 -51.26
C VAL D 42 -16.60 40.26 -52.53
N ILE D 43 -17.71 40.88 -52.93
CA ILE D 43 -17.77 41.90 -54.02
C ILE D 43 -17.13 43.20 -53.51
N ALA D 44 -17.42 43.57 -52.25
CA ALA D 44 -16.96 44.80 -51.58
C ALA D 44 -15.48 45.05 -51.89
N SER D 45 -15.12 46.31 -52.15
CA SER D 45 -13.79 46.75 -52.65
C SER D 45 -12.89 47.16 -51.47
N ASP D 46 -13.46 47.31 -50.28
CA ASP D 46 -12.70 47.70 -49.05
C ASP D 46 -12.85 46.59 -48.01
N VAL D 50 -16.53 50.79 -44.33
CA VAL D 50 -18.03 50.76 -44.39
C VAL D 50 -18.46 50.76 -45.86
N ILE D 51 -19.35 49.84 -46.23
CA ILE D 51 -19.53 49.40 -47.64
C ILE D 51 -20.94 49.77 -48.09
N ASN D 52 -21.07 50.18 -49.35
CA ASN D 52 -22.36 50.53 -50.00
C ASN D 52 -22.70 49.42 -50.99
N TYR D 53 -23.79 48.69 -50.77
CA TYR D 53 -24.03 47.38 -51.46
C TYR D 53 -24.87 47.56 -52.74
N GLU D 54 -25.41 48.75 -53.00
CA GLU D 54 -26.03 49.03 -54.33
C GLU D 54 -24.93 49.41 -55.35
N ASN D 55 -23.94 50.21 -54.94
CA ASN D 55 -22.80 50.67 -55.80
C ASN D 55 -21.92 49.47 -56.17
N GLU D 56 -21.59 48.62 -55.19
CA GLU D 56 -20.73 47.42 -55.35
C GLU D 56 -21.40 46.44 -56.30
N MET D 57 -22.73 46.25 -56.16
CA MET D 57 -23.55 45.36 -57.02
C MET D 57 -23.62 45.96 -58.42
N SER D 58 -23.95 47.25 -58.52
CA SER D 58 -24.02 48.03 -59.78
C SER D 58 -22.73 47.80 -60.60
N SER D 59 -21.55 47.92 -59.98
CA SER D 59 -20.23 47.98 -60.65
C SER D 59 -19.51 46.63 -60.63
N VAL D 60 -20.21 45.54 -60.26
CA VAL D 60 -19.65 44.16 -60.22
C VAL D 60 -19.50 43.64 -61.66
N ARG D 61 -18.34 43.09 -62.00
CA ARG D 61 -18.04 42.51 -63.34
C ARG D 61 -17.81 40.99 -63.18
N LEU D 62 -18.57 40.17 -63.92
CA LEU D 62 -18.70 38.70 -63.69
C LEU D 62 -17.42 37.97 -64.14
N HIS D 63 -16.55 38.65 -64.89
CA HIS D 63 -15.28 38.10 -65.41
C HIS D 63 -14.22 38.08 -64.29
N ASN D 64 -14.40 38.91 -63.26
CA ASN D 64 -13.45 39.05 -62.12
C ASN D 64 -13.64 37.88 -61.14
N PHE D 65 -14.87 37.33 -61.04
CA PHE D 65 -15.20 36.14 -60.22
C PHE D 65 -14.37 34.95 -60.69
N SER D 66 -13.70 34.29 -59.74
CA SER D 66 -13.16 32.91 -59.87
C SER D 66 -13.87 32.02 -58.87
N VAL D 67 -14.60 31.01 -59.35
CA VAL D 67 -15.27 29.99 -58.50
C VAL D 67 -14.72 28.61 -58.87
N SER D 68 -14.30 27.80 -57.88
CA SER D 68 -13.62 26.50 -58.11
C SER D 68 -13.80 25.51 -56.95
N LYS D 69 -13.60 24.22 -57.28
CA LYS D 69 -13.69 23.01 -56.42
C LYS D 69 -12.79 21.94 -57.03
N ASN D 70 -11.63 21.65 -56.41
CA ASN D 70 -10.61 20.67 -56.91
C ASN D 70 -10.07 21.16 -58.27
N ASN D 71 -10.32 20.38 -59.33
CA ASN D 71 -9.92 20.61 -60.74
C ASN D 71 -11.10 21.13 -61.57
N VAL D 72 -12.15 21.67 -60.95
CA VAL D 72 -13.32 22.22 -61.69
C VAL D 72 -13.37 23.75 -61.50
N PHE D 73 -13.36 24.52 -62.60
CA PHE D 73 -13.73 25.97 -62.64
C PHE D 73 -15.24 26.12 -62.91
N LEU D 74 -15.92 26.93 -62.09
CA LEU D 74 -17.33 27.36 -62.32
C LEU D 74 -17.33 28.83 -62.79
N GLY D 75 -17.85 29.08 -63.99
CA GLY D 75 -18.21 30.41 -64.48
C GLY D 75 -19.49 30.92 -63.85
N VAL D 76 -19.53 32.22 -63.48
CA VAL D 76 -20.74 32.96 -63.02
C VAL D 76 -21.50 33.48 -64.26
N VAL D 77 -22.82 33.25 -64.34
CA VAL D 77 -23.66 33.70 -65.50
C VAL D 77 -24.42 34.98 -65.10
N SER D 78 -25.18 34.93 -64.01
CA SER D 78 -25.80 36.11 -63.38
C SER D 78 -25.35 36.18 -61.91
N ALA D 79 -25.56 37.33 -61.27
CA ALA D 79 -25.36 37.55 -59.82
C ALA D 79 -26.59 38.25 -59.27
N LYS D 80 -26.93 38.01 -58.01
CA LYS D 80 -28.03 38.73 -57.32
C LYS D 80 -27.81 38.61 -55.81
N TYR D 81 -28.60 39.36 -55.03
CA TYR D 81 -28.60 39.33 -53.54
C TYR D 81 -29.82 38.56 -53.03
N LYS D 82 -29.68 37.99 -51.84
CA LYS D 82 -30.80 37.56 -50.96
C LYS D 82 -30.39 37.86 -49.51
N GLY D 83 -30.92 38.95 -48.95
CA GLY D 83 -30.44 39.56 -47.72
C GLY D 83 -28.94 39.81 -47.79
N VAL D 84 -28.19 39.28 -46.82
CA VAL D 84 -26.75 39.60 -46.63
C VAL D 84 -25.90 38.62 -47.45
N ASN D 85 -26.54 37.71 -48.20
CA ASN D 85 -25.87 36.66 -49.04
C ASN D 85 -25.95 37.04 -50.51
N LEU D 86 -24.82 37.00 -51.19
CA LEU D 86 -24.71 36.92 -52.68
C LEU D 86 -25.13 35.52 -53.16
N VAL D 87 -26.10 35.42 -54.09
CA VAL D 87 -26.45 34.16 -54.81
C VAL D 87 -25.98 34.25 -56.26
N LEU D 88 -24.87 33.60 -56.59
CA LEU D 88 -24.30 33.47 -57.96
C LEU D 88 -24.97 32.29 -58.68
N LYS D 89 -25.37 32.47 -59.93
CA LYS D 89 -25.75 31.38 -60.87
C LYS D 89 -24.52 31.02 -61.69
N VAL D 90 -24.30 29.72 -61.91
CA VAL D 90 -22.99 29.16 -62.38
C VAL D 90 -23.26 28.19 -63.53
N ASN D 91 -22.29 28.09 -64.44
CA ASN D 91 -22.42 27.47 -65.79
C ASN D 91 -22.26 25.95 -65.72
N GLN D 92 -22.76 25.30 -64.64
CA GLN D 92 -22.55 23.83 -64.37
C GLN D 92 -23.19 23.43 -63.02
N VAL D 93 -23.70 22.20 -62.94
CA VAL D 93 -24.58 21.69 -61.84
C VAL D 93 -23.78 20.77 -60.91
N ASN D 94 -23.79 21.06 -59.60
CA ASN D 94 -23.18 20.22 -58.54
C ASN D 94 -23.79 18.81 -58.58
N PRO D 95 -23.09 17.83 -59.18
CA PRO D 95 -23.64 16.48 -59.34
C PRO D 95 -23.70 15.69 -58.02
N ASN D 96 -23.15 16.25 -56.93
CA ASN D 96 -23.13 15.60 -55.59
C ASN D 96 -24.02 16.39 -54.63
N THR D 97 -25.10 16.96 -55.13
CA THR D 97 -26.02 17.84 -54.36
C THR D 97 -26.87 16.96 -53.44
N PRO D 98 -26.69 17.06 -52.11
CA PRO D 98 -27.49 16.27 -51.17
C PRO D 98 -28.97 16.63 -51.33
N GLU D 99 -29.85 15.74 -50.88
CA GLU D 99 -31.24 16.11 -50.51
C GLU D 99 -31.16 16.93 -49.23
N HIS D 100 -31.83 18.08 -49.20
CA HIS D 100 -31.71 19.12 -48.15
C HIS D 100 -32.98 19.99 -48.09
N LYS D 101 -33.40 20.35 -46.88
CA LYS D 101 -34.19 21.58 -46.59
C LYS D 101 -33.26 22.66 -46.03
N PHE D 102 -33.81 23.83 -45.68
CA PHE D 102 -33.17 24.93 -44.91
C PHE D 102 -34.00 25.18 -43.65
N LYS D 103 -33.44 25.89 -42.68
CA LYS D 103 -34.13 26.26 -41.42
C LYS D 103 -33.23 27.13 -40.56
N SER D 104 -33.78 27.63 -39.46
CA SER D 104 -33.18 28.71 -38.63
C SER D 104 -33.07 28.22 -37.19
N ILE D 105 -31.85 28.16 -36.69
CA ILE D 105 -31.50 27.68 -35.32
C ILE D 105 -32.09 28.67 -34.33
N LYS D 106 -32.23 28.28 -33.06
CA LYS D 106 -32.74 29.14 -31.97
C LYS D 106 -31.82 29.04 -30.76
N ALA D 107 -31.87 30.07 -29.90
CA ALA D 107 -31.25 30.09 -28.56
C ALA D 107 -31.36 28.69 -27.94
N GLY D 108 -30.21 28.11 -27.55
CA GLY D 108 -30.11 26.83 -26.84
C GLY D 108 -29.99 25.64 -27.78
N GLU D 109 -30.32 25.81 -29.06
CA GLU D 109 -30.32 24.69 -30.04
C GLU D 109 -28.89 24.53 -30.56
N SER D 110 -28.52 23.32 -30.97
CA SER D 110 -27.14 22.93 -31.36
C SER D 110 -27.07 22.68 -32.85
N PHE D 111 -25.90 22.80 -33.42
CA PHE D 111 -25.62 22.47 -34.84
C PHE D 111 -24.12 22.28 -35.01
N ASN D 112 -23.69 21.91 -36.21
CA ASN D 112 -22.28 21.64 -36.54
C ASN D 112 -21.81 22.66 -37.56
N ILE D 113 -20.58 23.14 -37.40
CA ILE D 113 -19.84 24.01 -38.33
C ILE D 113 -18.87 23.15 -39.14
N LEU D 114 -18.95 23.19 -40.49
CA LEU D 114 -17.84 22.74 -41.36
C LEU D 114 -16.91 23.92 -41.68
N ALA D 115 -16.02 24.28 -40.77
CA ALA D 115 -15.01 25.35 -40.94
C ALA D 115 -14.11 25.06 -42.15
N CYS D 116 -14.29 25.81 -43.25
CA CYS D 116 -13.42 25.78 -44.45
C CYS D 116 -12.54 27.03 -44.49
N TYR D 117 -11.38 26.94 -45.15
CA TYR D 117 -10.46 28.06 -45.43
C TYR D 117 -10.22 28.17 -46.94
N GLU D 118 -10.81 29.20 -47.57
CA GLU D 118 -10.60 29.52 -49.00
C GLU D 118 -10.86 28.27 -49.84
N GLY D 119 -12.02 27.64 -49.65
CA GLY D 119 -12.60 26.66 -50.59
C GLY D 119 -12.36 25.20 -50.19
N CYS D 120 -11.49 24.94 -49.21
CA CYS D 120 -11.13 23.55 -48.78
C CYS D 120 -11.78 23.24 -47.43
N PRO D 121 -12.71 22.23 -47.34
CA PRO D 121 -13.17 21.74 -46.03
C PRO D 121 -11.98 21.32 -45.14
N GLY D 122 -11.89 21.88 -43.93
CA GLY D 122 -10.70 21.78 -43.11
C GLY D 122 -10.95 21.00 -41.84
N SER D 123 -11.98 21.41 -41.09
CA SER D 123 -12.27 20.89 -39.74
C SER D 123 -13.79 20.93 -39.46
N VAL D 124 -14.26 20.11 -38.52
CA VAL D 124 -15.70 19.99 -38.14
C VAL D 124 -15.78 20.02 -36.63
N TYR D 125 -16.77 20.74 -36.09
CA TYR D 125 -17.01 20.90 -34.63
C TYR D 125 -18.45 21.36 -34.39
N GLY D 126 -18.98 21.08 -33.21
CA GLY D 126 -20.36 21.39 -32.86
C GLY D 126 -20.44 22.61 -31.99
N VAL D 127 -21.35 23.52 -32.30
CA VAL D 127 -21.60 24.76 -31.54
C VAL D 127 -23.03 24.75 -31.02
N ASN D 128 -23.34 25.70 -30.15
CA ASN D 128 -24.68 25.96 -29.58
C ASN D 128 -24.99 27.44 -29.79
N MET D 129 -26.18 27.78 -30.29
CA MET D 129 -26.60 29.18 -30.54
C MET D 129 -26.86 29.87 -29.21
N ARG D 130 -26.18 30.98 -28.96
CA ARG D 130 -26.33 31.80 -27.73
C ARG D 130 -27.63 32.61 -27.85
N SER D 131 -28.12 33.15 -26.73
CA SER D 131 -29.39 33.91 -26.63
C SER D 131 -29.40 35.07 -27.64
N GLN D 132 -28.31 35.84 -27.72
CA GLN D 132 -28.26 37.14 -28.45
C GLN D 132 -28.01 36.93 -29.95
N GLY D 133 -27.85 35.69 -30.41
CA GLY D 133 -27.75 35.31 -31.84
C GLY D 133 -26.32 34.94 -32.28
N THR D 134 -25.41 34.72 -31.33
CA THR D 134 -23.95 34.49 -31.59
C THR D 134 -23.59 33.00 -31.38
N ILE D 135 -22.47 32.56 -31.93
CA ILE D 135 -21.75 31.33 -31.48
C ILE D 135 -20.32 31.70 -31.11
N LYS D 136 -19.77 31.08 -30.05
CA LYS D 136 -18.36 31.17 -29.61
C LYS D 136 -17.55 30.10 -30.36
N GLY D 137 -17.35 30.26 -31.66
CA GLY D 137 -16.69 29.23 -32.47
C GLY D 137 -15.17 29.35 -32.46
N SER D 138 -14.57 28.98 -33.59
CA SER D 138 -13.16 29.25 -33.93
C SER D 138 -13.09 29.54 -35.44
N PHE D 139 -13.24 30.81 -35.81
CA PHE D 139 -13.09 31.31 -37.21
C PHE D 139 -11.94 32.32 -37.28
N ILE D 140 -11.33 32.42 -38.46
CA ILE D 140 -10.25 33.38 -38.76
C ILE D 140 -10.44 33.89 -40.18
N ALA D 141 -9.72 34.95 -40.54
CA ALA D 141 -9.59 35.43 -41.93
C ALA D 141 -9.52 34.21 -42.86
N GLY D 142 -10.37 34.17 -43.88
CA GLY D 142 -10.37 33.14 -44.92
C GLY D 142 -11.55 32.19 -44.79
N THR D 143 -12.31 32.26 -43.69
CA THR D 143 -13.30 31.22 -43.31
C THR D 143 -14.75 31.73 -43.44
N CYS D 144 -14.97 32.94 -43.94
CA CYS D 144 -16.34 33.43 -44.20
C CYS D 144 -16.99 32.54 -45.25
N GLY D 145 -18.28 32.23 -45.09
CA GLY D 145 -19.01 31.29 -45.98
C GLY D 145 -18.95 29.86 -45.47
N SER D 146 -18.06 29.59 -44.51
CA SER D 146 -18.13 28.42 -43.60
C SER D 146 -19.60 28.11 -43.28
N VAL D 147 -20.05 26.90 -43.60
CA VAL D 147 -21.46 26.43 -43.52
C VAL D 147 -21.71 25.76 -42.16
N GLY D 148 -22.86 26.02 -41.56
CA GLY D 148 -23.43 25.21 -40.46
C GLY D 148 -24.47 24.24 -41.00
N TYR D 149 -24.79 23.15 -40.26
CA TYR D 149 -25.78 22.12 -40.64
C TYR D 149 -26.26 21.34 -39.40
N VAL D 150 -27.43 20.70 -39.50
CA VAL D 150 -28.03 19.80 -38.48
C VAL D 150 -28.79 18.68 -39.17
N LEU D 151 -28.42 17.43 -38.89
CA LEU D 151 -29.19 16.22 -39.30
C LEU D 151 -30.25 15.96 -38.22
N GLU D 152 -31.52 15.95 -38.61
CA GLU D 152 -32.67 15.58 -37.76
C GLU D 152 -33.53 14.56 -38.52
N ASN D 153 -33.69 13.36 -37.94
CA ASN D 153 -34.51 12.25 -38.50
C ASN D 153 -34.10 11.98 -39.94
N GLY D 154 -32.80 12.09 -40.25
CA GLY D 154 -32.19 11.68 -41.52
C GLY D 154 -32.22 12.77 -42.60
N ILE D 155 -32.86 13.92 -42.31
CA ILE D 155 -32.91 15.10 -43.23
C ILE D 155 -31.78 16.08 -42.86
N LEU D 156 -31.01 16.52 -43.87
CA LEU D 156 -29.96 17.57 -43.78
C LEU D 156 -30.60 18.97 -43.85
N TYR D 157 -30.49 19.76 -42.79
CA TYR D 157 -30.80 21.22 -42.77
C TYR D 157 -29.48 22.00 -42.81
N PHE D 158 -29.29 22.83 -43.85
CA PHE D 158 -28.30 23.95 -43.85
C PHE D 158 -28.89 25.12 -43.05
N VAL D 159 -28.17 25.62 -42.04
CA VAL D 159 -28.78 26.50 -41.01
C VAL D 159 -27.99 27.79 -40.81
N TYR D 160 -26.74 27.88 -41.29
CA TYR D 160 -25.76 28.92 -40.88
C TYR D 160 -24.72 29.08 -41.99
N MET D 161 -24.30 30.33 -42.23
CA MET D 161 -23.18 30.70 -43.14
C MET D 161 -22.45 31.87 -42.48
N HIS D 162 -21.12 31.84 -42.43
CA HIS D 162 -20.33 32.66 -41.46
C HIS D 162 -19.97 34.03 -42.08
N HIS D 163 -20.17 35.12 -41.32
CA HIS D 163 -20.13 36.53 -41.80
C HIS D 163 -19.10 37.39 -41.05
N LEU D 164 -19.17 37.45 -39.72
CA LEU D 164 -18.28 38.38 -38.97
C LEU D 164 -18.02 37.90 -37.54
N GLU D 165 -17.09 38.59 -36.90
CA GLU D 165 -16.72 38.50 -35.47
C GLU D 165 -16.89 39.90 -34.82
N LEU D 166 -17.59 39.98 -33.68
CA LEU D 166 -17.74 41.22 -32.88
C LEU D 166 -16.44 41.48 -32.10
N GLY D 167 -16.37 42.59 -31.36
CA GLY D 167 -15.17 43.02 -30.61
C GLY D 167 -14.81 42.05 -29.49
N ASN D 168 -15.83 41.30 -28.99
CA ASN D 168 -15.75 40.46 -27.77
C ASN D 168 -15.38 39.02 -28.15
N GLY D 169 -15.15 38.74 -29.44
CA GLY D 169 -14.72 37.42 -29.92
C GLY D 169 -15.87 36.52 -30.36
N SER D 170 -17.12 36.89 -30.04
CA SER D 170 -18.35 36.19 -30.51
C SER D 170 -18.37 36.21 -32.03
N HIS D 171 -19.08 35.26 -32.64
CA HIS D 171 -19.16 35.10 -34.12
C HIS D 171 -20.62 35.12 -34.56
N VAL D 172 -20.87 35.70 -35.73
CA VAL D 172 -22.24 36.00 -36.25
C VAL D 172 -22.30 35.53 -37.70
N GLY D 173 -23.44 34.95 -38.09
CA GLY D 173 -23.67 34.38 -39.43
C GLY D 173 -25.13 34.47 -39.82
N SER D 174 -25.44 34.24 -41.09
CA SER D 174 -26.81 34.26 -41.66
C SER D 174 -27.38 32.84 -41.67
N ASN D 175 -28.70 32.68 -41.66
CA ASN D 175 -29.34 31.50 -42.30
C ASN D 175 -29.07 31.62 -43.79
N LEU D 176 -29.56 30.69 -44.60
CA LEU D 176 -29.21 30.61 -46.04
C LEU D 176 -30.21 31.47 -46.85
N GLU D 177 -31.25 31.99 -46.16
CA GLU D 177 -32.19 33.01 -46.69
C GLU D 177 -31.49 34.39 -46.71
N GLY D 178 -30.53 34.61 -45.81
CA GLY D 178 -29.69 35.83 -45.80
C GLY D 178 -30.03 36.78 -44.66
N GLU D 179 -30.92 36.36 -43.77
CA GLU D 179 -31.25 37.07 -42.50
C GLU D 179 -30.16 36.75 -41.48
N MET D 180 -29.25 37.70 -41.24
CA MET D 180 -28.24 37.62 -40.16
C MET D 180 -28.92 37.19 -38.86
N TYR D 181 -28.41 36.15 -38.20
CA TYR D 181 -28.77 35.79 -36.81
C TYR D 181 -28.43 36.97 -35.89
N GLY D 182 -29.33 37.30 -34.95
CA GLY D 182 -29.16 38.34 -33.92
C GLY D 182 -29.49 39.74 -34.42
N GLY D 183 -29.87 39.88 -35.70
CA GLY D 183 -30.09 41.18 -36.37
C GLY D 183 -28.87 42.10 -36.27
N TYR D 184 -27.68 41.54 -36.34
CA TYR D 184 -26.41 42.28 -36.53
C TYR D 184 -26.27 42.62 -38.02
N GLU D 185 -25.48 43.64 -38.33
CA GLU D 185 -25.30 44.14 -39.71
C GLU D 185 -23.90 43.76 -40.17
N ASP D 186 -23.75 43.34 -41.43
CA ASP D 186 -22.43 42.97 -42.03
C ASP D 186 -21.77 44.23 -42.57
N GLN D 187 -21.42 45.14 -41.66
CA GLN D 187 -20.39 46.20 -41.83
C GLN D 187 -19.37 46.02 -40.72
N PRO D 188 -18.16 46.58 -40.85
CA PRO D 188 -17.18 46.54 -39.76
C PRO D 188 -17.67 47.20 -38.46
N SER D 189 -18.56 48.18 -38.55
CA SER D 189 -18.92 49.08 -37.41
C SER D 189 -19.21 48.23 -36.18
N MET D 190 -18.65 48.62 -35.04
CA MET D 190 -18.76 47.89 -33.75
C MET D 190 -20.24 47.72 -33.39
N GLN D 191 -20.62 46.50 -33.01
CA GLN D 191 -21.93 46.12 -32.43
C GLN D 191 -21.64 45.36 -31.14
N LEU D 192 -22.27 45.73 -30.05
CA LEU D 192 -22.12 45.03 -28.75
C LEU D 192 -23.10 43.85 -28.75
N GLU D 193 -22.85 42.82 -27.94
CA GLU D 193 -23.68 41.60 -27.95
C GLU D 193 -24.93 41.84 -27.14
N GLY D 194 -24.77 42.22 -25.88
CA GLY D 194 -25.88 42.28 -24.92
C GLY D 194 -25.90 41.05 -24.03
N THR D 195 -26.57 41.14 -22.87
CA THR D 195 -26.44 40.19 -21.73
C THR D 195 -26.81 38.78 -22.21
N ASN D 196 -25.89 37.83 -22.02
CA ASN D 196 -26.01 36.44 -22.52
C ASN D 196 -26.94 35.64 -21.59
N VAL D 197 -28.03 35.11 -22.15
CA VAL D 197 -29.09 34.36 -21.39
C VAL D 197 -28.79 32.85 -21.49
N MET D 198 -28.39 32.25 -20.36
CA MET D 198 -28.02 30.82 -20.24
C MET D 198 -29.23 29.94 -20.49
N SER D 199 -29.10 28.93 -21.35
CA SER D 199 -30.18 27.94 -21.61
C SER D 199 -30.37 27.08 -20.38
N SER D 200 -31.51 27.22 -19.70
CA SER D 200 -31.88 26.42 -18.51
C SER D 200 -32.01 24.94 -18.90
N ASP D 201 -32.72 24.65 -19.99
CA ASP D 201 -32.86 23.27 -20.57
C ASP D 201 -31.47 22.59 -20.64
N ASN D 202 -30.44 23.34 -21.02
CA ASN D 202 -29.13 22.81 -21.48
C ASN D 202 -28.20 22.61 -20.28
N VAL D 203 -28.48 23.29 -19.16
CA VAL D 203 -27.67 23.18 -17.91
C VAL D 203 -28.12 21.94 -17.16
N VAL D 204 -29.44 21.74 -17.04
CA VAL D 204 -30.05 20.45 -16.58
C VAL D 204 -29.40 19.28 -17.34
N ALA D 205 -29.41 19.31 -18.68
CA ALA D 205 -28.91 18.23 -19.57
C ALA D 205 -27.46 17.90 -19.26
N PHE D 206 -26.68 18.90 -18.86
CA PHE D 206 -25.24 18.79 -18.48
C PHE D 206 -25.14 18.10 -17.10
N LEU D 207 -25.98 18.49 -16.15
CA LEU D 207 -25.91 18.02 -14.75
C LEU D 207 -26.41 16.57 -14.65
N TYR D 208 -27.28 16.14 -15.55
CA TYR D 208 -27.65 14.72 -15.71
C TYR D 208 -26.41 13.93 -16.17
N ALA D 209 -25.75 14.41 -17.22
CA ALA D 209 -24.53 13.77 -17.79
C ALA D 209 -23.51 13.54 -16.69
N ALA D 210 -23.41 14.48 -15.74
CA ALA D 210 -22.46 14.46 -14.60
C ALA D 210 -22.85 13.33 -13.62
N LEU D 211 -24.14 13.23 -13.27
CA LEU D 211 -24.71 12.11 -12.48
C LEU D 211 -24.41 10.79 -13.20
N ILE D 212 -24.87 10.66 -14.45
CA ILE D 212 -24.73 9.44 -15.29
C ILE D 212 -23.24 9.05 -15.36
N ASN D 213 -22.34 10.04 -15.32
CA ASN D 213 -20.86 9.85 -15.34
C ASN D 213 -20.33 9.74 -13.89
N GLY D 214 -21.18 9.38 -12.93
CA GLY D 214 -20.80 9.13 -11.53
C GLY D 214 -20.23 10.35 -10.86
N GLU D 215 -21.01 11.44 -10.77
CA GLU D 215 -20.68 12.68 -10.02
C GLU D 215 -21.97 13.25 -9.41
N ARG D 216 -22.05 13.30 -8.07
CA ARG D 216 -23.33 13.50 -7.33
C ARG D 216 -23.19 14.58 -6.25
N TRP D 217 -22.03 15.22 -6.11
CA TRP D 217 -21.69 16.10 -4.96
C TRP D 217 -22.55 17.37 -4.96
N PHE D 218 -23.12 17.74 -6.12
CA PHE D 218 -23.77 19.05 -6.36
C PHE D 218 -25.29 18.96 -6.14
N VAL D 219 -25.80 17.77 -5.77
CA VAL D 219 -27.23 17.53 -5.42
C VAL D 219 -27.39 17.64 -3.90
N THR D 220 -28.56 18.08 -3.43
CA THR D 220 -28.97 18.08 -2.01
C THR D 220 -30.42 17.59 -1.94
N ASN D 221 -30.93 17.27 -0.74
CA ASN D 221 -32.30 16.75 -0.55
C ASN D 221 -33.30 17.80 -1.04
N THR D 222 -33.02 19.09 -0.79
CA THR D 222 -33.86 20.26 -1.18
C THR D 222 -34.16 20.20 -2.69
N SER D 223 -35.40 20.56 -3.09
CA SER D 223 -35.84 20.74 -4.50
C SER D 223 -36.63 22.05 -4.65
N MET D 224 -36.63 22.62 -5.86
CA MET D 224 -37.35 23.86 -6.26
C MET D 224 -38.25 23.55 -7.47
N SER D 225 -39.51 23.97 -7.43
CA SER D 225 -40.54 23.64 -8.47
C SER D 225 -40.30 24.50 -9.71
N LEU D 226 -40.94 24.15 -10.84
CA LEU D 226 -40.85 24.89 -12.13
C LEU D 226 -41.24 26.35 -11.88
N GLU D 227 -42.42 26.59 -11.28
CA GLU D 227 -43.03 27.94 -11.04
C GLU D 227 -42.01 28.84 -10.32
N SER D 228 -41.34 28.31 -9.30
CA SER D 228 -40.40 29.06 -8.42
C SER D 228 -39.14 29.43 -9.22
N TYR D 229 -38.52 28.44 -9.88
CA TYR D 229 -37.26 28.58 -10.67
C TYR D 229 -37.48 29.64 -11.76
N ASN D 230 -38.45 29.41 -12.65
CA ASN D 230 -38.74 30.25 -13.85
C ASN D 230 -38.88 31.72 -13.43
N THR D 231 -39.29 31.99 -12.18
CA THR D 231 -39.46 33.36 -11.61
C THR D 231 -38.11 33.87 -11.08
N TRP D 232 -37.29 32.99 -10.52
CA TRP D 232 -35.87 33.29 -10.13
C TRP D 232 -35.03 33.52 -11.39
N ALA D 233 -35.17 32.65 -12.39
CA ALA D 233 -34.46 32.70 -13.70
C ALA D 233 -34.56 34.10 -14.31
N LYS D 234 -35.68 34.81 -14.07
CA LYS D 234 -36.08 36.04 -14.81
C LYS D 234 -35.18 37.22 -14.40
N THR D 235 -34.54 37.18 -13.23
CA THR D 235 -33.67 38.26 -12.69
C THR D 235 -32.19 37.84 -12.72
N ASN D 236 -31.89 36.62 -13.21
CA ASN D 236 -30.58 35.95 -13.05
C ASN D 236 -30.02 35.44 -14.39
N SER D 237 -30.57 35.92 -15.52
CA SER D 237 -30.01 35.73 -16.89
C SER D 237 -30.09 34.26 -17.32
N PHE D 238 -31.15 33.56 -16.93
CA PHE D 238 -31.48 32.18 -17.38
C PHE D 238 -32.83 32.19 -18.10
N THR D 239 -32.94 31.40 -19.17
CA THR D 239 -34.23 31.07 -19.84
C THR D 239 -35.18 30.45 -18.80
N GLU D 240 -36.48 30.44 -19.09
CA GLU D 240 -37.47 29.56 -18.44
C GLU D 240 -37.20 28.12 -18.89
N LEU D 241 -37.54 27.12 -18.07
CA LEU D 241 -37.44 25.69 -18.42
C LEU D 241 -38.65 25.28 -19.27
N SER D 242 -38.40 24.82 -20.50
CA SER D 242 -39.44 24.50 -21.53
C SER D 242 -40.51 23.58 -20.93
N SER D 243 -40.09 22.51 -20.24
CA SER D 243 -40.93 21.38 -19.82
C SER D 243 -40.09 20.42 -18.95
N ILE D 244 -40.69 19.86 -17.90
CA ILE D 244 -40.09 18.76 -17.07
C ILE D 244 -40.06 17.46 -17.90
N ASP D 245 -41.11 17.21 -18.70
CA ASP D 245 -41.33 15.93 -19.43
C ASP D 245 -40.39 15.85 -20.65
N ALA D 246 -39.51 16.85 -20.83
CA ALA D 246 -38.38 16.83 -21.79
C ALA D 246 -37.25 15.99 -21.20
N PHE D 247 -37.25 15.79 -19.87
CA PHE D 247 -36.25 15.02 -19.11
C PHE D 247 -36.89 13.77 -18.46
N SER D 248 -37.85 13.14 -19.15
CA SER D 248 -38.51 11.88 -18.71
C SER D 248 -37.45 10.78 -18.55
N MET D 249 -36.71 10.50 -19.63
CA MET D 249 -35.72 9.41 -19.69
C MET D 249 -34.63 9.62 -18.63
N LEU D 250 -34.16 10.86 -18.47
CA LEU D 250 -32.94 11.18 -17.67
C LEU D 250 -33.30 11.19 -16.17
N ALA D 251 -34.53 11.62 -15.83
CA ALA D 251 -35.10 11.57 -14.46
C ALA D 251 -35.17 10.11 -13.99
N ALA D 252 -35.63 9.22 -14.87
CA ALA D 252 -35.69 7.75 -14.67
C ALA D 252 -34.28 7.22 -14.31
N LYS D 253 -33.37 7.19 -15.29
CA LYS D 253 -32.08 6.43 -15.23
C LYS D 253 -31.30 6.79 -13.96
N THR D 254 -31.22 8.08 -13.63
CA THR D 254 -30.39 8.63 -12.51
C THR D 254 -31.14 8.52 -11.18
N GLY D 255 -32.47 8.38 -11.23
CA GLY D 255 -33.38 8.51 -10.06
C GLY D 255 -33.34 9.93 -9.49
N GLN D 256 -32.87 10.90 -10.27
CA GLN D 256 -32.81 12.34 -9.90
C GLN D 256 -33.85 13.08 -10.73
N SER D 257 -34.59 13.99 -10.10
CA SER D 257 -35.71 14.75 -10.71
C SER D 257 -35.20 16.11 -11.20
N VAL D 258 -35.69 16.56 -12.36
CA VAL D 258 -35.55 17.96 -12.86
C VAL D 258 -35.53 18.89 -11.65
N GLU D 259 -36.59 18.82 -10.83
CA GLU D 259 -36.86 19.69 -9.65
C GLU D 259 -35.62 19.76 -8.74
N LYS D 260 -34.99 18.61 -8.46
CA LYS D 260 -33.79 18.52 -7.56
C LYS D 260 -32.63 19.31 -8.16
N LEU D 261 -32.37 19.14 -9.46
CA LEU D 261 -31.24 19.77 -10.20
C LEU D 261 -31.46 21.29 -10.26
N LEU D 262 -32.70 21.72 -10.46
CA LEU D 262 -33.11 23.15 -10.47
C LEU D 262 -32.61 23.83 -9.19
N ASP D 263 -32.60 23.10 -8.07
CA ASP D 263 -32.02 23.57 -6.78
C ASP D 263 -30.52 23.79 -7.01
N SER D 264 -29.84 22.82 -7.64
CA SER D 264 -28.37 22.81 -7.84
C SER D 264 -27.94 24.08 -8.59
N ILE D 265 -28.64 24.42 -9.67
CA ILE D 265 -28.27 25.57 -10.54
C ILE D 265 -28.14 26.83 -9.68
N VAL D 266 -29.15 27.12 -8.85
CA VAL D 266 -29.28 28.41 -8.11
C VAL D 266 -28.11 28.53 -7.13
N ARG D 267 -27.76 27.42 -6.46
CA ARG D 267 -26.62 27.33 -5.50
C ARG D 267 -25.30 27.41 -6.27
N LEU D 268 -25.16 26.61 -7.33
CA LEU D 268 -23.92 26.47 -8.13
C LEU D 268 -23.69 27.73 -8.98
N ASN D 269 -24.72 28.54 -9.21
CA ASN D 269 -24.59 29.82 -9.95
C ASN D 269 -23.85 30.82 -9.08
N LYS D 270 -24.17 30.85 -7.78
CA LYS D 270 -23.56 31.76 -6.80
C LYS D 270 -22.06 31.44 -6.66
N GLY D 271 -21.68 30.16 -6.78
CA GLY D 271 -20.27 29.73 -6.73
C GLY D 271 -20.11 28.22 -6.87
N PHE D 272 -18.97 27.78 -7.42
CA PHE D 272 -18.53 26.37 -7.53
C PHE D 272 -17.57 26.02 -6.38
N GLY D 273 -17.04 27.06 -5.70
CA GLY D 273 -16.12 26.93 -4.55
C GLY D 273 -15.03 25.91 -4.81
N GLY D 274 -14.33 26.01 -5.95
CA GLY D 274 -13.13 25.22 -6.27
C GLY D 274 -13.46 23.93 -7.01
N ARG D 275 -14.58 23.27 -6.64
CA ARG D 275 -15.01 21.96 -7.21
C ARG D 275 -15.30 22.15 -8.70
N THR D 276 -15.30 21.05 -9.45
CA THR D 276 -15.57 21.03 -10.92
C THR D 276 -16.63 19.99 -11.25
N ILE D 277 -17.37 20.23 -12.33
CA ILE D 277 -18.30 19.27 -12.97
C ILE D 277 -17.72 18.92 -14.34
N LEU D 278 -17.34 17.66 -14.53
CA LEU D 278 -16.78 17.11 -15.80
C LEU D 278 -15.69 18.05 -16.32
N SER D 279 -14.85 18.54 -15.40
CA SER D 279 -13.64 19.39 -15.66
C SER D 279 -14.01 20.88 -15.60
N TYR D 280 -15.28 21.22 -15.85
CA TYR D 280 -15.79 22.62 -15.95
C TYR D 280 -15.78 23.29 -14.57
N GLY D 281 -15.21 24.49 -14.48
CA GLY D 281 -15.17 25.29 -13.25
C GLY D 281 -16.46 26.07 -13.03
N SER D 282 -17.29 26.21 -14.09
CA SER D 282 -18.58 26.96 -14.08
C SER D 282 -19.60 26.28 -15.01
N LEU D 283 -20.90 26.62 -14.84
CA LEU D 283 -22.08 25.93 -15.46
C LEU D 283 -22.00 25.99 -17.00
N CYS D 284 -22.22 24.85 -17.66
CA CYS D 284 -22.18 24.68 -19.13
C CYS D 284 -23.61 24.64 -19.70
N ASP D 285 -23.91 25.49 -20.67
CA ASP D 285 -25.21 25.49 -21.41
C ASP D 285 -24.97 25.04 -22.87
N GLU D 286 -23.84 24.36 -23.10
CA GLU D 286 -23.30 24.01 -24.44
C GLU D 286 -24.04 22.79 -25.00
N PHE D 287 -24.70 22.00 -24.14
CA PHE D 287 -25.21 20.63 -24.46
C PHE D 287 -26.73 20.58 -24.29
N THR D 288 -27.44 20.11 -25.32
CA THR D 288 -28.92 19.95 -25.32
C THR D 288 -29.28 18.64 -24.62
N PRO D 289 -30.50 18.52 -24.08
CA PRO D 289 -31.00 17.23 -23.59
C PRO D 289 -30.86 16.06 -24.58
N THR D 290 -31.32 16.25 -25.81
CA THR D 290 -31.08 15.32 -26.94
C THR D 290 -29.61 14.88 -26.91
N GLU D 291 -28.70 15.84 -27.12
CA GLU D 291 -27.25 15.62 -27.31
C GLU D 291 -26.71 14.66 -26.24
N VAL D 292 -27.16 14.82 -24.99
CA VAL D 292 -26.75 14.03 -23.80
C VAL D 292 -27.38 12.63 -23.90
N ILE D 293 -28.70 12.56 -24.13
CA ILE D 293 -29.41 11.27 -24.35
C ILE D 293 -28.62 10.46 -25.40
N ARG D 294 -28.55 10.93 -26.66
CA ARG D 294 -27.81 10.27 -27.77
C ARG D 294 -26.46 9.73 -27.26
N GLN D 295 -25.72 10.55 -26.51
CA GLN D 295 -24.29 10.33 -26.19
C GLN D 295 -24.15 9.36 -25.01
N MET D 296 -25.09 9.40 -24.05
CA MET D 296 -25.03 8.60 -22.78
C MET D 296 -25.65 7.20 -23.00
N TYR D 297 -26.63 7.07 -23.90
CA TYR D 297 -27.51 5.88 -24.00
C TYR D 297 -27.64 5.36 -25.45
N GLY D 298 -27.35 6.20 -26.46
CA GLY D 298 -27.37 5.78 -27.88
C GLY D 298 -28.72 6.03 -28.55
N VAL D 299 -29.80 6.05 -27.76
CA VAL D 299 -31.17 6.48 -28.18
C VAL D 299 -31.15 8.01 -28.38
N SER E 1 3.60 -16.77 45.23
CA SER E 1 4.66 -16.29 44.28
C SER E 1 4.47 -16.99 42.94
N GLY E 2 4.60 -18.31 42.94
CA GLY E 2 4.38 -19.17 41.77
C GLY E 2 5.69 -19.81 41.33
N LEU E 3 5.60 -20.76 40.39
CA LEU E 3 6.77 -21.45 39.80
C LEU E 3 6.57 -21.58 38.30
N ARG E 4 7.52 -21.11 37.52
CA ARG E 4 7.47 -21.10 36.03
C ARG E 4 8.82 -21.54 35.49
N LYS E 5 8.79 -22.35 34.43
CA LYS E 5 9.98 -22.76 33.66
C LYS E 5 10.51 -21.54 32.92
N MET E 6 11.76 -21.16 33.21
CA MET E 6 12.36 -19.85 32.86
C MET E 6 13.48 -20.03 31.85
N ALA E 7 14.14 -18.94 31.48
CA ALA E 7 15.38 -18.97 30.69
C ALA E 7 16.33 -17.90 31.22
N GLN E 8 17.60 -18.22 31.28
CA GLN E 8 18.66 -17.22 31.49
C GLN E 8 18.60 -16.28 30.28
N PRO E 9 19.03 -15.02 30.43
CA PRO E 9 18.92 -14.04 29.35
C PRO E 9 19.72 -14.45 28.10
N SER E 10 19.24 -14.03 26.93
CA SER E 10 19.68 -14.49 25.58
C SER E 10 20.64 -13.45 24.95
N GLY E 11 20.85 -12.34 25.65
CA GLY E 11 21.63 -11.16 25.20
C GLY E 11 22.93 -11.48 24.48
N LEU E 12 23.76 -12.38 25.02
CA LEU E 12 25.13 -12.61 24.49
C LEU E 12 25.10 -13.60 23.33
N VAL E 13 24.00 -14.34 23.20
CA VAL E 13 23.83 -15.45 22.22
C VAL E 13 23.26 -14.91 20.90
N GLU E 14 22.31 -13.97 20.98
CA GLU E 14 21.48 -13.51 19.83
C GLU E 14 22.36 -13.06 18.67
N PRO E 15 23.49 -12.34 18.94
CA PRO E 15 24.31 -11.78 17.88
C PRO E 15 25.11 -12.83 17.12
N CYS E 16 25.10 -14.07 17.59
CA CYS E 16 25.92 -15.18 17.07
C CYS E 16 25.10 -16.06 16.10
N ILE E 17 23.78 -15.89 16.04
CA ILE E 17 22.91 -16.71 15.17
C ILE E 17 22.96 -16.13 13.76
N VAL E 18 23.20 -16.99 12.75
CA VAL E 18 23.18 -16.66 11.30
C VAL E 18 22.23 -17.61 10.58
N ARG E 19 21.62 -17.13 9.49
CA ARG E 19 20.85 -17.94 8.50
C ARG E 19 21.81 -18.65 7.56
N VAL E 20 21.92 -19.98 7.67
CA VAL E 20 22.73 -20.81 6.73
C VAL E 20 21.77 -21.56 5.79
N SER E 21 21.90 -21.33 4.49
CA SER E 21 21.05 -21.93 3.44
C SER E 21 21.91 -22.49 2.31
N TYR E 22 21.52 -23.65 1.78
CA TYR E 22 22.21 -24.42 0.71
C TYR E 22 21.17 -25.22 -0.05
N GLY E 23 21.16 -25.09 -1.37
CA GLY E 23 20.02 -25.53 -2.20
C GLY E 23 18.72 -25.08 -1.59
N ASN E 24 17.80 -26.01 -1.37
CA ASN E 24 16.42 -25.72 -0.88
C ASN E 24 16.40 -25.74 0.66
N ASN E 25 17.52 -26.13 1.30
CA ASN E 25 17.67 -26.22 2.78
C ASN E 25 18.03 -24.84 3.35
N VAL E 26 17.33 -24.44 4.41
CA VAL E 26 17.61 -23.19 5.18
C VAL E 26 17.53 -23.53 6.66
N LEU E 27 18.53 -23.16 7.44
CA LEU E 27 18.53 -23.38 8.90
C LEU E 27 19.50 -22.39 9.57
N ASN E 28 19.93 -22.68 10.79
CA ASN E 28 20.62 -21.71 11.67
C ASN E 28 22.05 -22.14 11.86
N GLY E 29 22.92 -21.21 12.19
CA GLY E 29 24.32 -21.48 12.47
C GLY E 29 24.83 -20.57 13.55
N LEU E 30 25.76 -21.07 14.35
CA LEU E 30 26.43 -20.31 15.42
C LEU E 30 27.69 -19.69 14.83
N TRP E 31 27.73 -18.36 14.69
CA TRP E 31 28.84 -17.59 14.09
C TRP E 31 29.72 -17.04 15.20
N LEU E 32 30.84 -17.73 15.49
CA LEU E 32 31.87 -17.32 16.50
C LEU E 32 33.23 -17.10 15.79
N GLY E 33 33.95 -16.06 16.17
CA GLY E 33 35.13 -15.56 15.41
C GLY E 33 34.85 -15.59 13.90
N ASP E 34 35.65 -16.39 13.17
CA ASP E 34 35.56 -16.51 11.69
C ASP E 34 35.11 -17.94 11.31
N GLU E 35 34.44 -18.62 12.25
CA GLU E 35 33.86 -19.99 12.09
C GLU E 35 32.34 -19.93 12.23
N VAL E 36 31.60 -20.73 11.46
CA VAL E 36 30.12 -20.93 11.60
C VAL E 36 29.87 -22.42 11.75
N ILE E 37 29.19 -22.84 12.81
CA ILE E 37 28.84 -24.27 13.06
C ILE E 37 27.34 -24.45 12.79
N CYS E 38 26.97 -25.28 11.81
CA CYS E 38 25.55 -25.65 11.54
C CYS E 38 25.43 -27.16 11.44
N PRO E 39 24.20 -27.71 11.55
CA PRO E 39 23.98 -29.13 11.30
C PRO E 39 24.30 -29.46 9.84
N ARG E 40 24.96 -30.59 9.61
CA ARG E 40 25.54 -30.93 8.30
C ARG E 40 24.45 -31.40 7.33
N HIS E 41 23.23 -31.73 7.80
CA HIS E 41 22.12 -32.15 6.92
C HIS E 41 21.70 -30.99 5.99
N VAL E 42 22.22 -29.78 6.22
CA VAL E 42 21.93 -28.57 5.39
C VAL E 42 22.40 -28.84 3.96
N ILE E 43 23.54 -29.53 3.82
CA ILE E 43 24.17 -29.90 2.52
C ILE E 43 23.24 -30.83 1.74
N ALA E 44 22.58 -31.74 2.45
CA ALA E 44 21.96 -32.98 1.91
C ALA E 44 20.96 -32.62 0.82
N SER E 45 21.06 -33.28 -0.31
CA SER E 45 20.17 -33.12 -1.49
C SER E 45 18.73 -33.50 -1.10
N ASP E 46 18.58 -34.56 -0.31
CA ASP E 46 17.26 -35.11 0.10
C ASP E 46 17.35 -35.58 1.56
N THR E 47 16.76 -34.84 2.51
CA THR E 47 16.79 -35.14 3.97
C THR E 47 15.51 -35.88 4.38
N THR E 48 14.86 -36.57 3.44
CA THR E 48 13.68 -37.46 3.71
C THR E 48 13.96 -38.88 3.20
N ARG E 49 15.21 -39.14 2.75
CA ARG E 49 15.73 -40.49 2.38
C ARG E 49 17.15 -40.65 2.97
N VAL E 50 17.54 -41.87 3.33
CA VAL E 50 18.87 -42.17 3.95
C VAL E 50 19.96 -41.44 3.15
N ILE E 51 20.84 -40.72 3.84
CA ILE E 51 21.83 -39.76 3.24
C ILE E 51 23.23 -40.36 3.36
N ASN E 52 24.10 -40.08 2.38
CA ASN E 52 25.53 -40.48 2.38
C ASN E 52 26.39 -39.22 2.45
N TYR E 53 26.74 -38.81 3.65
CA TYR E 53 27.46 -37.53 3.92
C TYR E 53 28.86 -37.55 3.30
N GLU E 54 29.41 -38.75 3.01
CA GLU E 54 30.76 -38.90 2.38
C GLU E 54 30.71 -38.35 0.94
N ASN E 55 29.62 -38.61 0.21
CA ASN E 55 29.41 -38.15 -1.20
C ASN E 55 29.14 -36.64 -1.21
N GLU E 56 28.25 -36.19 -0.31
CA GLU E 56 27.71 -34.81 -0.28
C GLU E 56 28.84 -33.82 -0.01
N MET E 57 29.71 -34.12 0.97
CA MET E 57 30.88 -33.25 1.30
C MET E 57 31.73 -33.08 0.05
N SER E 58 31.91 -34.16 -0.71
CA SER E 58 32.88 -34.28 -1.83
C SER E 58 32.31 -33.60 -3.08
N SER E 59 30.99 -33.49 -3.19
CA SER E 59 30.29 -32.87 -4.34
C SER E 59 29.74 -31.48 -3.95
N VAL E 60 30.20 -30.90 -2.84
CA VAL E 60 29.73 -29.58 -2.33
C VAL E 60 30.42 -28.45 -3.11
N ARG E 61 29.72 -27.33 -3.27
CA ARG E 61 30.21 -26.11 -3.96
C ARG E 61 30.08 -24.90 -3.02
N LEU E 62 31.21 -24.41 -2.49
CA LEU E 62 31.25 -23.34 -1.44
C LEU E 62 30.53 -22.07 -1.91
N HIS E 63 30.23 -21.95 -3.21
CA HIS E 63 29.54 -20.77 -3.80
C HIS E 63 28.05 -21.05 -3.98
N ASN E 64 27.53 -22.12 -3.36
CA ASN E 64 26.07 -22.39 -3.23
C ASN E 64 25.61 -22.03 -1.81
N PHE E 65 26.54 -21.95 -0.85
CA PHE E 65 26.31 -21.49 0.55
C PHE E 65 25.87 -20.01 0.53
N SER E 66 24.91 -19.69 1.40
CA SER E 66 24.36 -18.32 1.59
C SER E 66 24.20 -18.07 3.08
N VAL E 67 25.29 -17.69 3.74
CA VAL E 67 25.34 -17.39 5.21
C VAL E 67 25.18 -15.90 5.41
N SER E 68 24.13 -15.50 6.11
CA SER E 68 23.82 -14.07 6.37
C SER E 68 23.56 -13.83 7.87
N LYS E 69 23.54 -12.57 8.25
CA LYS E 69 23.10 -12.05 9.56
C LYS E 69 22.70 -10.59 9.38
N ASN E 70 21.42 -10.26 9.48
CA ASN E 70 20.95 -8.88 9.20
C ASN E 70 21.37 -8.55 7.77
N ASN E 71 22.02 -7.39 7.56
CA ASN E 71 22.42 -6.87 6.22
C ASN E 71 23.86 -7.27 5.89
N VAL E 72 24.42 -8.26 6.61
CA VAL E 72 25.81 -8.78 6.42
C VAL E 72 25.72 -10.11 5.67
N PHE E 73 26.47 -10.24 4.58
CA PHE E 73 26.68 -11.50 3.84
C PHE E 73 28.05 -12.05 4.21
N LEU E 74 28.11 -13.32 4.58
CA LEU E 74 29.37 -14.04 4.89
C LEU E 74 29.68 -15.01 3.74
N GLY E 75 30.94 -15.04 3.34
CA GLY E 75 31.49 -15.96 2.34
C GLY E 75 32.22 -17.11 2.99
N VAL E 76 31.91 -18.32 2.57
CA VAL E 76 32.55 -19.58 3.03
C VAL E 76 33.87 -19.76 2.26
N VAL E 77 34.95 -20.15 2.95
CA VAL E 77 36.30 -20.36 2.33
C VAL E 77 36.77 -21.80 2.59
N SER E 78 36.20 -22.49 3.60
CA SER E 78 36.42 -23.93 3.90
C SER E 78 35.14 -24.54 4.48
N ALA E 79 35.03 -25.87 4.50
CA ALA E 79 33.83 -26.61 4.98
C ALA E 79 34.19 -28.04 5.38
N LYS E 80 35.02 -28.23 6.40
CA LYS E 80 35.29 -29.57 7.01
C LYS E 80 34.08 -29.96 7.88
N TYR E 81 33.87 -31.26 8.11
CA TYR E 81 32.94 -31.81 9.13
C TYR E 81 33.63 -31.79 10.49
N LYS E 82 32.82 -31.75 11.55
CA LYS E 82 33.20 -32.03 12.95
C LYS E 82 32.02 -32.76 13.57
N GLY E 83 32.10 -34.09 13.68
CA GLY E 83 30.97 -34.98 13.96
C GLY E 83 29.80 -34.70 13.02
N VAL E 84 28.61 -34.53 13.57
CA VAL E 84 27.34 -34.31 12.82
C VAL E 84 27.19 -32.81 12.48
N ASN E 85 28.19 -31.97 12.77
CA ASN E 85 28.16 -30.50 12.50
C ASN E 85 29.13 -30.14 11.37
N LEU E 86 28.60 -29.49 10.34
CA LEU E 86 29.36 -28.69 9.33
C LEU E 86 30.03 -27.49 10.04
N VAL E 87 31.35 -27.33 9.87
CA VAL E 87 32.15 -26.17 10.40
C VAL E 87 32.65 -25.32 9.21
N LEU E 88 31.92 -24.24 8.87
CA LEU E 88 32.29 -23.27 7.80
C LEU E 88 33.21 -22.19 8.39
N LYS E 89 34.46 -22.13 7.95
CA LYS E 89 35.30 -20.93 8.07
C LYS E 89 34.70 -19.87 7.15
N VAL E 90 34.68 -18.59 7.57
CA VAL E 90 34.00 -17.49 6.81
C VAL E 90 34.95 -16.30 6.65
N ASN E 91 34.60 -15.39 5.73
CA ASN E 91 35.47 -14.29 5.25
C ASN E 91 35.41 -13.10 6.20
N GLN E 92 34.63 -13.19 7.28
CA GLN E 92 34.39 -12.07 8.24
C GLN E 92 34.40 -12.61 9.68
N VAL E 93 34.99 -11.86 10.61
CA VAL E 93 34.95 -12.18 12.05
C VAL E 93 33.67 -11.59 12.61
N ASN E 94 32.99 -12.33 13.50
CA ASN E 94 31.85 -11.84 14.33
C ASN E 94 32.38 -10.82 15.33
N PRO E 95 32.16 -9.50 15.10
CA PRO E 95 32.70 -8.48 16.00
C PRO E 95 31.99 -8.49 17.35
N ASN E 96 31.01 -9.40 17.53
CA ASN E 96 30.15 -9.54 18.73
C ASN E 96 30.25 -10.95 19.31
N THR E 97 31.42 -11.58 19.20
CA THR E 97 31.69 -12.96 19.70
C THR E 97 31.91 -12.94 21.21
N PRO E 98 31.02 -13.55 22.00
CA PRO E 98 31.16 -13.52 23.45
C PRO E 98 32.37 -14.34 23.84
N GLU E 99 33.03 -14.02 24.95
CA GLU E 99 33.84 -15.01 25.72
C GLU E 99 32.94 -16.23 25.96
N HIS E 100 33.43 -17.42 25.66
CA HIS E 100 32.62 -18.66 25.71
C HIS E 100 33.52 -19.86 25.87
N LYS E 101 32.95 -20.92 26.39
CA LYS E 101 33.47 -22.30 26.33
C LYS E 101 32.37 -23.19 25.73
N PHE E 102 32.68 -24.45 25.49
CA PHE E 102 31.72 -25.50 25.10
C PHE E 102 31.70 -26.52 26.22
N LYS E 103 30.55 -27.15 26.46
CA LYS E 103 30.34 -28.11 27.57
C LYS E 103 29.16 -28.99 27.18
N SER E 104 29.15 -30.21 27.69
CA SER E 104 28.12 -31.23 27.38
C SER E 104 27.16 -31.29 28.55
N ILE E 105 25.87 -31.32 28.25
CA ILE E 105 24.79 -31.40 29.25
C ILE E 105 24.58 -32.86 29.58
N LYS E 106 24.72 -33.21 30.86
CA LYS E 106 24.39 -34.54 31.41
C LYS E 106 22.87 -34.64 31.60
N ALA E 107 22.34 -35.85 31.75
CA ALA E 107 20.92 -36.11 32.05
C ALA E 107 20.47 -35.28 33.28
N GLY E 108 19.23 -34.81 33.29
CA GLY E 108 18.62 -34.11 34.44
C GLY E 108 19.14 -32.67 34.63
N GLU E 109 20.18 -32.28 33.90
CA GLU E 109 20.69 -30.88 33.87
C GLU E 109 19.78 -30.00 32.99
N SER E 110 19.62 -28.73 33.36
CA SER E 110 18.77 -27.73 32.67
C SER E 110 19.63 -26.79 31.83
N PHE E 111 19.06 -26.29 30.75
CA PHE E 111 19.71 -25.31 29.86
C PHE E 111 18.63 -24.56 29.07
N ASN E 112 19.05 -23.53 28.35
CA ASN E 112 18.18 -22.60 27.58
C ASN E 112 18.26 -22.93 26.09
N ILE E 113 17.13 -22.88 25.41
CA ILE E 113 17.03 -22.94 23.92
C ILE E 113 16.69 -21.55 23.38
N LEU E 114 17.60 -20.93 22.62
CA LEU E 114 17.27 -19.83 21.67
C LEU E 114 16.76 -20.45 20.37
N ALA E 115 15.44 -20.52 20.21
CA ALA E 115 14.76 -21.11 19.03
C ALA E 115 14.67 -20.07 17.91
N CYS E 116 15.41 -20.25 16.82
CA CYS E 116 15.43 -19.35 15.65
C CYS E 116 14.84 -20.07 14.45
N TYR E 117 13.95 -19.41 13.69
CA TYR E 117 13.44 -19.89 12.39
C TYR E 117 14.26 -19.28 11.24
N GLU E 118 14.94 -20.12 10.48
CA GLU E 118 15.67 -19.72 9.26
C GLU E 118 16.48 -18.43 9.53
N GLY E 119 17.11 -18.35 10.71
CA GLY E 119 18.09 -17.30 11.06
C GLY E 119 17.44 -16.06 11.63
N CYS E 120 16.10 -16.09 11.79
CA CYS E 120 15.23 -15.01 12.34
C CYS E 120 15.42 -14.90 13.85
N PRO E 121 14.99 -13.78 14.47
CA PRO E 121 15.29 -13.48 15.89
C PRO E 121 15.00 -14.61 16.88
N GLY E 122 13.75 -15.06 16.94
CA GLY E 122 13.37 -16.28 17.70
C GLY E 122 12.70 -15.98 19.04
N SER E 123 12.68 -16.98 19.91
CA SER E 123 12.08 -16.94 21.26
C SER E 123 12.94 -17.79 22.23
N VAL E 124 12.93 -17.48 23.52
CA VAL E 124 13.79 -18.15 24.55
C VAL E 124 12.87 -18.95 25.49
N TYR E 125 13.18 -20.22 25.71
CA TYR E 125 12.54 -21.08 26.73
C TYR E 125 13.58 -22.02 27.33
N GLY E 126 13.38 -22.42 28.58
CA GLY E 126 14.23 -23.36 29.32
C GLY E 126 13.76 -24.80 29.15
N VAL E 127 14.71 -25.75 29.21
CA VAL E 127 14.44 -27.22 29.06
C VAL E 127 15.31 -28.00 30.04
N ASN E 128 14.95 -29.26 30.26
CA ASN E 128 15.75 -30.23 31.03
C ASN E 128 16.10 -31.43 30.16
N MET E 129 17.37 -31.83 30.16
CA MET E 129 17.89 -33.03 29.44
C MET E 129 17.35 -34.32 30.10
N ARG E 130 16.58 -35.07 29.34
CA ARG E 130 16.02 -36.37 29.75
C ARG E 130 17.14 -37.43 29.80
N SER E 131 16.80 -38.64 30.28
CA SER E 131 17.76 -39.77 30.49
C SER E 131 18.34 -40.21 29.14
N GLN E 132 17.46 -40.44 28.15
CA GLN E 132 17.83 -40.91 26.79
C GLN E 132 18.43 -39.74 25.97
N GLY E 133 18.96 -38.72 26.65
CA GLY E 133 19.71 -37.60 26.05
C GLY E 133 18.89 -36.77 25.05
N THR E 134 17.54 -36.78 25.16
CA THR E 134 16.60 -35.97 24.32
C THR E 134 16.17 -34.72 25.11
N ILE E 135 15.27 -33.90 24.51
CA ILE E 135 14.44 -32.85 25.21
C ILE E 135 13.06 -32.78 24.55
N LYS E 136 12.04 -32.50 25.36
CA LYS E 136 10.70 -32.02 24.93
C LYS E 136 10.75 -30.51 24.89
N GLY E 137 10.60 -29.91 23.72
CA GLY E 137 10.55 -28.44 23.57
C GLY E 137 9.46 -28.02 22.62
N SER E 138 9.77 -27.03 21.79
CA SER E 138 9.00 -26.63 20.59
C SER E 138 9.97 -26.45 19.43
N PHE E 139 9.86 -27.28 18.40
CA PHE E 139 10.75 -27.26 17.23
C PHE E 139 9.95 -27.62 15.98
N ILE E 140 10.17 -26.89 14.88
CA ILE E 140 9.50 -27.11 13.56
C ILE E 140 10.56 -27.04 12.47
N ALA E 141 10.17 -27.37 11.24
CA ALA E 141 11.02 -27.23 10.04
C ALA E 141 11.46 -25.77 9.98
N GLY E 142 12.77 -25.52 9.96
CA GLY E 142 13.34 -24.16 9.99
C GLY E 142 14.17 -23.92 11.23
N THR E 143 13.93 -24.69 12.28
CA THR E 143 14.45 -24.43 13.66
C THR E 143 15.75 -25.19 13.92
N CYS E 144 16.24 -25.98 12.95
CA CYS E 144 17.54 -26.71 13.05
C CYS E 144 18.69 -25.72 13.17
N GLY E 145 19.76 -26.10 13.87
CA GLY E 145 20.86 -25.19 14.21
C GLY E 145 20.52 -24.30 15.42
N SER E 146 19.27 -24.32 15.91
CA SER E 146 18.85 -23.65 17.15
C SER E 146 19.83 -24.03 18.27
N VAL E 147 20.50 -23.03 18.82
CA VAL E 147 21.58 -23.14 19.84
C VAL E 147 20.96 -23.30 21.24
N GLY E 148 21.45 -24.27 22.01
CA GLY E 148 21.25 -24.33 23.47
C GLY E 148 22.46 -23.78 24.20
N TYR E 149 22.26 -23.13 25.35
CA TYR E 149 23.35 -22.47 26.13
C TYR E 149 23.03 -22.50 27.64
N VAL E 150 24.06 -22.27 28.48
CA VAL E 150 23.92 -22.09 29.96
C VAL E 150 24.96 -21.09 30.46
N LEU E 151 24.53 -20.21 31.37
CA LEU E 151 25.41 -19.32 32.19
C LEU E 151 25.58 -19.96 33.58
N GLU E 152 26.82 -20.27 33.95
CA GLU E 152 27.21 -20.92 35.22
C GLU E 152 28.45 -20.21 35.76
N ASN E 153 28.40 -19.73 37.00
CA ASN E 153 29.54 -19.07 37.69
C ASN E 153 30.17 -18.05 36.73
N GLY E 154 29.33 -17.25 36.04
CA GLY E 154 29.75 -16.08 35.25
C GLY E 154 30.55 -16.46 34.00
N ILE E 155 30.21 -17.60 33.38
CA ILE E 155 30.79 -18.06 32.10
C ILE E 155 29.67 -18.60 31.20
N LEU E 156 29.72 -18.25 29.92
CA LEU E 156 28.76 -18.70 28.88
C LEU E 156 29.26 -20.02 28.25
N TYR E 157 28.45 -21.08 28.36
CA TYR E 157 28.68 -22.39 27.72
C TYR E 157 27.63 -22.61 26.64
N PHE E 158 28.08 -22.80 25.39
CA PHE E 158 27.27 -23.39 24.28
C PHE E 158 27.23 -24.90 24.46
N VAL E 159 26.05 -25.50 24.50
CA VAL E 159 25.87 -26.92 24.95
C VAL E 159 24.87 -27.71 24.08
N TYR E 160 24.33 -27.14 23.00
CA TYR E 160 23.31 -27.85 22.17
C TYR E 160 23.15 -27.11 20.87
N MET E 161 23.07 -27.88 19.78
CA MET E 161 22.62 -27.46 18.45
C MET E 161 21.53 -28.44 17.99
N HIS E 162 20.41 -27.95 17.52
CA HIS E 162 19.22 -28.78 17.18
C HIS E 162 19.47 -29.54 15.88
N HIS E 163 18.81 -30.70 15.69
CA HIS E 163 19.02 -31.59 14.51
C HIS E 163 17.72 -32.28 14.09
N LEU E 164 17.05 -33.01 14.97
CA LEU E 164 15.94 -33.88 14.49
C LEU E 164 14.86 -34.06 15.56
N GLU E 165 13.70 -34.57 15.12
CA GLU E 165 12.49 -34.89 15.92
C GLU E 165 12.16 -36.38 15.76
N LEU E 166 12.15 -37.12 16.86
CA LEU E 166 11.77 -38.55 16.90
C LEU E 166 10.26 -38.67 16.71
N GLY E 167 9.78 -39.83 16.30
CA GLY E 167 8.37 -40.07 15.92
C GLY E 167 7.41 -39.73 17.06
N ASN E 168 7.95 -39.61 18.28
CA ASN E 168 7.18 -39.44 19.54
C ASN E 168 7.42 -38.03 20.11
N GLY E 169 7.72 -37.05 19.25
CA GLY E 169 7.77 -35.61 19.62
C GLY E 169 9.08 -35.21 20.29
N SER E 170 9.77 -36.14 20.94
CA SER E 170 11.10 -35.91 21.52
C SER E 170 12.01 -35.30 20.44
N HIS E 171 12.94 -34.42 20.84
CA HIS E 171 13.82 -33.62 19.97
C HIS E 171 15.26 -33.90 20.32
N VAL E 172 16.15 -33.82 19.34
CA VAL E 172 17.53 -34.33 19.49
C VAL E 172 18.47 -33.32 18.84
N GLY E 173 19.59 -33.04 19.51
CA GLY E 173 20.71 -32.28 18.93
C GLY E 173 22.06 -32.86 19.33
N SER E 174 23.11 -32.05 19.20
CA SER E 174 24.54 -32.36 19.42
C SER E 174 25.14 -31.33 20.36
N ASN E 175 26.25 -31.64 21.03
CA ASN E 175 27.16 -30.58 21.54
C ASN E 175 27.69 -29.85 20.31
N LEU E 176 28.46 -28.79 20.51
CA LEU E 176 29.06 -28.00 19.39
C LEU E 176 30.34 -28.72 18.92
N GLU E 177 30.64 -29.88 19.52
CA GLU E 177 31.87 -30.70 19.27
C GLU E 177 31.59 -31.66 18.10
N GLY E 178 30.32 -31.92 17.82
CA GLY E 178 29.87 -32.80 16.72
C GLY E 178 29.22 -34.07 17.23
N GLU E 179 29.33 -34.33 18.54
CA GLU E 179 28.79 -35.55 19.19
C GLU E 179 27.28 -35.37 19.40
N MET E 180 26.47 -36.31 18.92
CA MET E 180 24.99 -36.26 19.03
C MET E 180 24.52 -36.93 20.34
N TYR E 181 24.06 -36.14 21.31
CA TYR E 181 23.44 -36.64 22.57
C TYR E 181 22.52 -37.82 22.27
N GLY E 182 22.61 -38.87 23.10
CA GLY E 182 21.76 -40.07 23.05
C GLY E 182 22.29 -41.10 22.05
N GLY E 183 23.32 -40.73 21.26
CA GLY E 183 23.89 -41.57 20.21
C GLY E 183 22.98 -41.73 19.00
N TYR E 184 21.96 -40.86 18.85
CA TYR E 184 21.07 -40.80 17.66
C TYR E 184 21.88 -40.32 16.45
N GLU E 185 21.56 -40.81 15.25
CA GLU E 185 22.31 -40.46 14.02
C GLU E 185 21.49 -39.47 13.21
N ASP E 186 22.18 -38.89 12.23
CA ASP E 186 21.85 -37.67 11.47
C ASP E 186 20.93 -38.00 10.29
N GLN E 187 19.89 -38.82 10.47
CA GLN E 187 19.15 -39.47 9.34
C GLN E 187 17.65 -39.50 9.61
N PRO E 188 16.82 -39.61 8.53
CA PRO E 188 15.36 -39.70 8.65
C PRO E 188 14.83 -41.10 8.99
N SER E 189 15.73 -42.08 9.08
CA SER E 189 15.45 -43.47 9.53
C SER E 189 14.80 -43.47 10.92
N MET E 190 13.92 -44.44 11.18
CA MET E 190 13.28 -44.69 12.51
C MET E 190 14.38 -44.79 13.58
N GLN E 191 14.42 -43.83 14.51
CA GLN E 191 15.17 -43.94 15.78
C GLN E 191 14.15 -43.87 16.91
N LEU E 192 14.50 -44.42 18.08
CA LEU E 192 13.55 -44.62 19.21
C LEU E 192 14.24 -44.30 20.53
N GLU E 193 13.44 -43.80 21.48
CA GLU E 193 13.88 -43.19 22.77
C GLU E 193 13.77 -44.24 23.88
N GLY E 194 12.65 -44.97 23.92
CA GLY E 194 12.43 -46.10 24.84
C GLY E 194 11.70 -45.68 26.10
N THR E 195 12.45 -45.44 27.19
CA THR E 195 11.93 -45.30 28.58
C THR E 195 12.75 -44.27 29.35
N ASN E 196 12.10 -43.16 29.76
CA ASN E 196 12.77 -42.02 30.44
C ASN E 196 12.97 -42.37 31.92
N VAL E 197 14.20 -42.13 32.41
CA VAL E 197 14.61 -42.30 33.82
C VAL E 197 14.46 -40.94 34.54
N MET E 198 13.23 -40.64 35.01
CA MET E 198 12.90 -39.49 35.91
C MET E 198 14.08 -39.19 36.83
N SER E 199 14.60 -37.95 36.82
CA SER E 199 15.54 -37.43 37.86
C SER E 199 14.79 -37.33 39.20
N SER E 200 15.29 -38.00 40.24
CA SER E 200 14.73 -37.96 41.62
C SER E 200 15.05 -36.60 42.24
N ASP E 201 16.32 -36.18 42.19
CA ASP E 201 16.83 -34.87 42.69
C ASP E 201 15.89 -33.74 42.25
N ASN E 202 15.43 -33.81 40.98
CA ASN E 202 14.60 -32.77 40.32
C ASN E 202 13.16 -32.87 40.84
N VAL E 203 12.57 -34.07 40.85
CA VAL E 203 11.18 -34.32 41.34
C VAL E 203 11.08 -33.88 42.81
N VAL E 204 12.14 -34.04 43.61
CA VAL E 204 12.18 -33.61 45.05
C VAL E 204 12.17 -32.08 45.09
N ALA E 205 13.06 -31.42 44.32
CA ALA E 205 13.18 -29.94 44.23
C ALA E 205 11.83 -29.35 43.78
N PHE E 206 11.11 -30.07 42.91
CA PHE E 206 9.75 -29.73 42.42
C PHE E 206 8.74 -29.79 43.55
N LEU E 207 8.81 -30.82 44.40
CA LEU E 207 7.89 -31.00 45.55
C LEU E 207 8.17 -29.93 46.61
N TYR E 208 9.44 -29.57 46.82
CA TYR E 208 9.89 -28.50 47.75
C TYR E 208 9.32 -27.16 47.28
N ALA E 209 9.27 -26.94 45.96
CA ALA E 209 8.68 -25.73 45.32
C ALA E 209 7.19 -25.66 45.66
N ALA E 210 6.47 -26.79 45.56
CA ALA E 210 5.04 -26.93 45.90
C ALA E 210 4.80 -26.58 47.37
N LEU E 211 5.61 -27.14 48.28
CA LEU E 211 5.61 -26.81 49.74
C LEU E 211 5.71 -25.29 49.92
N ILE E 212 6.73 -24.67 49.34
CA ILE E 212 7.02 -23.21 49.55
C ILE E 212 5.84 -22.39 49.01
N ASN E 213 5.07 -22.93 48.07
CA ASN E 213 3.89 -22.29 47.44
C ASN E 213 2.61 -22.70 48.20
N GLY E 214 2.74 -23.57 49.20
CA GLY E 214 1.64 -23.95 50.10
C GLY E 214 0.70 -24.94 49.45
N GLU E 215 1.23 -26.03 48.94
CA GLU E 215 0.48 -27.28 48.68
C GLU E 215 1.15 -28.38 49.50
N ARG E 216 0.45 -28.88 50.53
CA ARG E 216 1.00 -29.82 51.54
C ARG E 216 0.21 -31.13 51.52
N TRP E 217 -0.70 -31.31 50.55
CA TRP E 217 -1.67 -32.44 50.52
C TRP E 217 -0.96 -33.77 50.28
N PHE E 218 0.32 -33.75 49.85
CA PHE E 218 1.09 -34.93 49.39
C PHE E 218 2.12 -35.34 50.47
N VAL E 219 2.21 -34.58 51.56
CA VAL E 219 3.02 -34.91 52.77
C VAL E 219 2.12 -35.71 53.73
N THR E 220 2.69 -36.67 54.46
CA THR E 220 1.98 -37.54 55.42
C THR E 220 2.90 -37.84 56.62
N ASN E 221 2.48 -38.74 57.52
CA ASN E 221 3.22 -39.11 58.75
C ASN E 221 4.46 -39.94 58.39
N THR E 222 4.44 -40.68 57.27
CA THR E 222 5.46 -41.72 56.88
C THR E 222 6.63 -41.07 56.12
N SER E 223 7.86 -41.51 56.44
CA SER E 223 9.14 -40.96 55.92
C SER E 223 10.05 -42.10 55.44
N MET E 224 10.23 -42.21 54.13
CA MET E 224 10.97 -43.31 53.44
C MET E 224 12.48 -43.04 53.49
N SER E 225 13.28 -44.01 53.95
CA SER E 225 14.76 -43.89 54.08
C SER E 225 15.39 -43.76 52.69
N LEU E 226 16.63 -43.27 52.61
CA LEU E 226 17.43 -43.14 51.36
C LEU E 226 17.50 -44.51 50.66
N GLU E 227 18.08 -45.51 51.34
CA GLU E 227 18.41 -46.85 50.77
C GLU E 227 17.13 -47.56 50.29
N SER E 228 16.01 -47.39 51.00
CA SER E 228 14.71 -48.06 50.70
C SER E 228 14.10 -47.51 49.39
N TYR E 229 14.26 -46.19 49.14
CA TYR E 229 13.81 -45.48 47.91
C TYR E 229 14.70 -45.85 46.72
N ASN E 230 16.01 -45.65 46.85
CA ASN E 230 17.04 -46.01 45.83
C ASN E 230 16.76 -47.44 45.29
N THR E 231 16.34 -48.36 46.17
CA THR E 231 15.86 -49.73 45.82
C THR E 231 14.66 -49.64 44.89
N TRP E 232 13.59 -48.97 45.33
CA TRP E 232 12.29 -48.86 44.62
C TRP E 232 12.45 -48.04 43.33
N ALA E 233 13.35 -47.06 43.35
CA ALA E 233 13.74 -46.22 42.19
C ALA E 233 14.01 -47.13 40.97
N LYS E 234 14.86 -48.15 41.16
CA LYS E 234 15.40 -49.02 40.08
C LYS E 234 14.28 -49.83 39.42
N THR E 235 13.14 -50.05 40.07
CA THR E 235 12.04 -50.89 39.51
C THR E 235 10.87 -50.04 39.01
N ASN E 236 10.98 -48.71 39.00
CA ASN E 236 9.84 -47.83 38.58
C ASN E 236 10.31 -46.71 37.62
N SER E 237 11.59 -46.71 37.20
CA SER E 237 12.14 -45.78 36.17
C SER E 237 12.40 -44.41 36.81
N PHE E 238 13.19 -44.41 37.89
CA PHE E 238 13.62 -43.19 38.65
C PHE E 238 15.10 -43.35 39.00
N THR E 239 15.83 -42.24 38.96
CA THR E 239 17.29 -42.21 39.23
C THR E 239 17.46 -42.44 40.72
N GLU E 240 18.63 -42.94 41.12
CA GLU E 240 18.97 -43.09 42.55
C GLU E 240 19.56 -41.76 43.02
N LEU E 241 18.79 -41.02 43.82
CA LEU E 241 19.27 -39.86 44.61
C LEU E 241 20.55 -40.27 45.35
N SER E 242 21.67 -39.63 45.04
CA SER E 242 23.01 -40.00 45.55
C SER E 242 23.29 -39.23 46.86
N SER E 243 22.93 -37.95 46.89
CA SER E 243 23.22 -37.00 48.01
C SER E 243 21.92 -36.59 48.69
N ILE E 244 22.01 -35.93 49.84
CA ILE E 244 20.87 -35.32 50.58
C ILE E 244 21.24 -33.89 50.98
N ASP E 245 22.50 -33.49 50.75
CA ASP E 245 23.11 -32.22 51.25
C ASP E 245 22.63 -31.04 50.39
N ALA E 246 22.23 -31.31 49.14
CA ALA E 246 21.79 -30.30 48.15
C ALA E 246 20.50 -29.64 48.62
N PHE E 247 19.77 -30.31 49.54
CA PHE E 247 18.42 -29.92 50.02
C PHE E 247 18.46 -29.38 51.45
N SER E 248 19.65 -29.03 51.97
CA SER E 248 19.83 -28.43 53.33
C SER E 248 18.82 -27.30 53.53
N MET E 249 18.94 -26.24 52.73
CA MET E 249 18.14 -24.99 52.79
C MET E 249 16.64 -25.33 52.68
N LEU E 250 16.26 -26.14 51.69
CA LEU E 250 14.85 -26.37 51.26
C LEU E 250 14.09 -27.15 52.36
N ALA E 251 14.76 -28.12 52.98
CA ALA E 251 14.25 -28.93 54.12
C ALA E 251 14.02 -28.03 55.35
N ALA E 252 15.05 -27.27 55.75
CA ALA E 252 14.98 -26.28 56.85
C ALA E 252 13.75 -25.37 56.67
N LYS E 253 13.65 -24.68 55.53
CA LYS E 253 12.65 -23.60 55.28
C LYS E 253 11.23 -24.18 55.19
N THR E 254 11.07 -25.37 54.58
CA THR E 254 9.73 -26.01 54.34
C THR E 254 9.30 -26.85 55.55
N GLY E 255 10.26 -27.29 56.37
CA GLY E 255 10.02 -28.24 57.48
C GLY E 255 9.55 -29.60 56.96
N GLN E 256 10.32 -30.17 56.03
CA GLN E 256 10.14 -31.55 55.50
C GLN E 256 11.52 -32.08 55.07
N SER E 257 11.96 -33.21 55.64
CA SER E 257 13.20 -33.93 55.26
C SER E 257 13.00 -34.53 53.87
N VAL E 258 14.09 -34.86 53.20
CA VAL E 258 14.08 -35.49 51.85
C VAL E 258 13.18 -36.74 51.92
N GLU E 259 13.23 -37.46 53.04
CA GLU E 259 12.58 -38.79 53.24
C GLU E 259 11.05 -38.61 53.28
N LYS E 260 10.56 -37.47 53.81
CA LYS E 260 9.10 -37.14 53.84
C LYS E 260 8.57 -37.01 52.42
N LEU E 261 9.45 -36.56 51.51
CA LEU E 261 9.17 -36.32 50.08
C LEU E 261 9.37 -37.62 49.28
N LEU E 262 10.51 -38.28 49.45
CA LEU E 262 10.80 -39.58 48.80
C LEU E 262 9.55 -40.47 48.91
N ASP E 263 8.94 -40.55 50.10
CA ASP E 263 7.70 -41.30 50.38
C ASP E 263 6.60 -40.78 49.43
N SER E 264 6.39 -39.46 49.41
CA SER E 264 5.34 -38.78 48.60
C SER E 264 5.43 -39.21 47.13
N ILE E 265 6.67 -39.35 46.62
CA ILE E 265 6.95 -39.69 45.19
C ILE E 265 6.32 -41.05 44.90
N VAL E 266 6.57 -42.02 45.79
CA VAL E 266 6.23 -43.46 45.63
C VAL E 266 4.69 -43.61 45.65
N ARG E 267 4.01 -42.80 46.47
CA ARG E 267 2.53 -42.84 46.62
C ARG E 267 1.88 -42.10 45.44
N LEU E 268 2.39 -40.90 45.14
CA LEU E 268 1.86 -39.97 44.11
C LEU E 268 1.98 -40.62 42.73
N ASN E 269 3.14 -41.17 42.42
CA ASN E 269 3.45 -41.79 41.10
C ASN E 269 2.29 -42.74 40.69
N LYS E 270 1.79 -43.54 41.65
CA LYS E 270 0.75 -44.59 41.43
C LYS E 270 -0.52 -43.92 40.91
N GLY E 271 -0.87 -42.76 41.46
CA GLY E 271 -2.02 -41.94 41.04
C GLY E 271 -2.07 -40.62 41.79
N PHE E 272 -2.32 -39.53 41.07
CA PHE E 272 -2.55 -38.18 41.63
C PHE E 272 -3.99 -38.10 42.14
N GLY E 273 -4.88 -38.92 41.57
CA GLY E 273 -6.30 -39.04 41.96
C GLY E 273 -7.06 -37.76 41.66
N GLY E 274 -6.89 -37.22 40.45
CA GLY E 274 -7.61 -36.02 39.96
C GLY E 274 -7.18 -34.75 40.68
N ARG E 275 -6.25 -34.85 41.64
CA ARG E 275 -5.59 -33.71 42.31
C ARG E 275 -4.41 -33.24 41.45
N THR E 276 -3.89 -32.03 41.71
CA THR E 276 -2.77 -31.39 40.96
C THR E 276 -1.77 -30.76 41.94
N ILE E 277 -0.46 -30.79 41.60
CA ILE E 277 0.66 -30.06 42.29
C ILE E 277 1.11 -28.90 41.39
N LEU E 278 0.78 -27.65 41.74
CA LEU E 278 1.10 -26.44 40.94
C LEU E 278 0.50 -26.60 39.54
N SER E 279 -0.73 -27.14 39.45
CA SER E 279 -1.48 -27.45 38.21
C SER E 279 -0.68 -28.42 37.31
N TYR E 280 -0.02 -29.41 37.90
CA TYR E 280 0.64 -30.54 37.18
C TYR E 280 -0.20 -31.81 37.37
N GLY E 281 -0.43 -32.54 36.28
CA GLY E 281 -1.17 -33.82 36.28
C GLY E 281 -0.37 -34.90 36.97
N SER E 282 0.89 -35.05 36.57
CA SER E 282 1.84 -36.05 37.12
C SER E 282 3.13 -35.35 37.55
N LEU E 283 4.04 -36.07 38.21
CA LEU E 283 5.33 -35.55 38.73
C LEU E 283 6.11 -34.94 37.56
N CYS E 284 7.04 -34.03 37.88
CA CYS E 284 7.71 -33.12 36.93
C CYS E 284 9.20 -33.05 37.29
N ASP E 285 10.08 -33.40 36.34
CA ASP E 285 11.55 -33.52 36.56
C ASP E 285 12.28 -32.34 35.89
N GLU E 286 11.51 -31.35 35.39
CA GLU E 286 12.00 -30.21 34.54
C GLU E 286 12.96 -29.30 35.33
N PHE E 287 12.84 -29.29 36.66
CA PHE E 287 13.36 -28.24 37.58
C PHE E 287 14.51 -28.81 38.43
N THR E 288 15.65 -28.11 38.46
CA THR E 288 16.84 -28.50 39.25
C THR E 288 16.80 -27.84 40.64
N PRO E 289 17.29 -28.54 41.69
CA PRO E 289 17.37 -27.95 43.03
C PRO E 289 17.88 -26.51 42.96
N THR E 290 18.89 -26.26 42.12
CA THR E 290 19.55 -24.93 41.92
C THR E 290 18.53 -23.94 41.35
N GLU E 291 17.82 -24.34 40.28
CA GLU E 291 16.70 -23.56 39.66
C GLU E 291 15.64 -23.22 40.74
N VAL E 292 15.25 -24.19 41.57
CA VAL E 292 14.19 -23.99 42.60
C VAL E 292 14.72 -23.04 43.67
N ILE E 293 15.99 -23.19 44.07
CA ILE E 293 16.63 -22.34 45.11
C ILE E 293 16.72 -20.89 44.59
N ARG E 294 16.92 -20.69 43.29
CA ARG E 294 17.04 -19.34 42.65
C ARG E 294 15.66 -18.67 42.57
N GLN E 295 14.63 -19.43 42.19
CA GLN E 295 13.26 -18.94 41.93
C GLN E 295 12.52 -18.61 43.24
N MET E 296 12.85 -19.27 44.35
CA MET E 296 12.07 -19.16 45.61
C MET E 296 12.76 -18.22 46.61
N TYR E 297 14.07 -18.00 46.52
CA TYR E 297 14.85 -17.24 47.55
C TYR E 297 15.83 -16.25 46.90
N GLY E 298 15.97 -16.27 45.57
CA GLY E 298 16.96 -15.43 44.85
C GLY E 298 18.39 -15.70 45.28
N VAL E 299 18.83 -16.95 45.16
CA VAL E 299 20.26 -17.37 45.35
C VAL E 299 20.71 -18.14 44.10
N SER F 1 5.59 -31.81 17.31
CA SER F 1 6.38 -30.56 17.16
C SER F 1 6.45 -29.82 18.51
N GLY F 2 5.33 -29.72 19.26
CA GLY F 2 5.30 -29.30 20.68
C GLY F 2 4.64 -27.93 20.91
N LEU F 3 4.32 -27.59 22.17
CA LEU F 3 3.85 -26.25 22.64
C LEU F 3 4.57 -25.86 23.94
N ARG F 4 5.31 -24.77 23.92
CA ARG F 4 5.90 -24.13 25.11
C ARG F 4 5.54 -22.64 25.12
N LYS F 5 5.41 -22.05 26.30
CA LYS F 5 5.25 -20.57 26.45
C LYS F 5 6.62 -19.92 26.28
N MET F 6 6.75 -19.14 25.22
CA MET F 6 8.03 -18.59 24.73
C MET F 6 8.20 -17.19 25.33
N ALA F 7 9.44 -16.76 25.51
CA ALA F 7 9.80 -15.36 25.75
C ALA F 7 10.50 -14.84 24.48
N GLN F 8 10.20 -13.61 24.09
CA GLN F 8 10.99 -12.93 23.05
C GLN F 8 12.37 -12.61 23.63
N PRO F 9 13.42 -12.57 22.79
CA PRO F 9 14.78 -12.44 23.29
C PRO F 9 14.94 -11.14 24.08
N SER F 10 15.81 -11.17 25.09
CA SER F 10 15.89 -10.14 26.16
C SER F 10 17.02 -9.14 25.87
N GLY F 11 17.77 -9.34 24.80
CA GLY F 11 19.03 -8.62 24.52
C GLY F 11 18.93 -7.12 24.72
N LEU F 12 17.92 -6.46 24.14
CA LEU F 12 17.78 -4.98 24.19
C LEU F 12 17.45 -4.46 25.61
N VAL F 13 16.68 -5.24 26.43
CA VAL F 13 16.22 -4.86 27.80
C VAL F 13 17.35 -5.00 28.83
N GLU F 14 18.21 -6.00 28.66
CA GLU F 14 19.15 -6.45 29.71
C GLU F 14 20.00 -5.28 30.18
N PRO F 15 20.60 -4.48 29.26
CA PRO F 15 21.47 -3.40 29.65
C PRO F 15 20.73 -2.28 30.37
N CYS F 16 19.41 -2.41 30.54
CA CYS F 16 18.56 -1.31 31.04
C CYS F 16 18.17 -1.52 32.51
N ILE F 17 18.51 -2.65 33.12
CA ILE F 17 18.10 -2.95 34.52
C ILE F 17 19.18 -2.44 35.47
N VAL F 18 18.79 -1.57 36.42
CA VAL F 18 19.68 -1.05 37.50
C VAL F 18 19.19 -1.60 38.85
N ARG F 19 20.05 -1.47 39.87
CA ARG F 19 19.70 -1.72 41.28
C ARG F 19 19.34 -0.37 41.91
N VAL F 20 18.22 -0.33 42.63
CA VAL F 20 17.70 0.90 43.26
C VAL F 20 17.35 0.56 44.70
N SER F 21 17.98 1.22 45.66
CA SER F 21 17.65 1.05 47.10
C SER F 21 17.39 2.40 47.75
N TYR F 22 16.47 2.39 48.71
CA TYR F 22 16.25 3.43 49.72
C TYR F 22 16.16 2.73 51.09
N GLY F 23 17.17 2.96 51.95
CA GLY F 23 17.36 2.26 53.23
C GLY F 23 17.32 0.75 53.08
N ASN F 24 16.28 0.10 53.63
CA ASN F 24 16.19 -1.38 53.78
C ASN F 24 15.47 -1.99 52.58
N ASN F 25 14.89 -1.15 51.71
CA ASN F 25 14.17 -1.61 50.50
C ASN F 25 15.16 -1.65 49.33
N VAL F 26 15.08 -2.72 48.54
CA VAL F 26 15.93 -2.93 47.34
C VAL F 26 15.03 -3.49 46.24
N LEU F 27 15.03 -2.84 45.08
CA LEU F 27 14.34 -3.38 43.88
C LEU F 27 15.06 -2.96 42.59
N ASN F 28 14.45 -3.30 41.45
CA ASN F 28 15.00 -3.00 40.11
C ASN F 28 14.50 -1.63 39.64
N GLY F 29 15.34 -0.91 38.88
CA GLY F 29 14.94 0.26 38.06
C GLY F 29 15.18 0.06 36.56
N LEU F 30 14.43 0.77 35.73
CA LEU F 30 14.60 0.85 34.25
C LEU F 30 15.33 2.14 33.89
N TRP F 31 16.55 2.01 33.38
CA TRP F 31 17.48 3.12 33.00
C TRP F 31 17.40 3.33 31.49
N LEU F 32 16.74 4.42 31.07
CA LEU F 32 16.61 4.91 29.67
C LEU F 32 17.04 6.38 29.65
N GLY F 33 18.01 6.74 28.81
CA GLY F 33 18.64 8.06 28.83
C GLY F 33 19.14 8.40 30.21
N ASP F 34 18.74 9.54 30.75
CA ASP F 34 19.18 10.04 32.07
C ASP F 34 18.06 9.78 33.09
N GLU F 35 17.08 8.94 32.74
CA GLU F 35 15.90 8.67 33.63
C GLU F 35 15.96 7.22 34.11
N VAL F 36 15.73 7.01 35.40
CA VAL F 36 15.46 5.67 36.02
C VAL F 36 14.02 5.64 36.53
N ILE F 37 13.26 4.60 36.19
CA ILE F 37 11.84 4.38 36.62
C ILE F 37 11.77 3.14 37.52
N CYS F 38 11.30 3.27 38.76
CA CYS F 38 11.13 2.16 39.76
C CYS F 38 9.87 2.39 40.57
N PRO F 39 9.25 1.34 41.17
CA PRO F 39 8.15 1.52 42.10
C PRO F 39 8.46 2.58 43.17
N ARG F 40 7.46 3.40 43.49
CA ARG F 40 7.62 4.54 44.43
C ARG F 40 7.75 3.99 45.85
N HIS F 41 7.33 2.75 46.08
CA HIS F 41 7.26 2.11 47.41
C HIS F 41 8.65 1.74 47.91
N VAL F 42 9.69 1.92 47.10
CA VAL F 42 11.10 1.72 47.55
C VAL F 42 11.39 2.73 48.67
N ILE F 43 10.67 3.86 48.67
CA ILE F 43 10.90 5.03 49.57
C ILE F 43 10.21 4.80 50.93
N ALA F 44 9.27 3.86 51.01
CA ALA F 44 8.42 3.61 52.19
C ALA F 44 9.18 2.80 53.26
N SER F 45 9.28 3.35 54.48
CA SER F 45 10.00 2.77 55.65
C SER F 45 9.37 1.43 56.06
N ASP F 46 8.10 1.44 56.49
CA ASP F 46 7.32 0.22 56.81
C ASP F 46 6.46 -0.12 55.59
N THR F 47 6.89 -1.09 54.81
CA THR F 47 6.29 -1.51 53.52
C THR F 47 5.09 -2.43 53.78
N THR F 48 4.90 -2.80 55.05
CA THR F 48 3.95 -3.84 55.52
C THR F 48 2.70 -3.17 56.10
N ARG F 49 2.84 -1.92 56.56
CA ARG F 49 1.75 -1.09 57.15
C ARG F 49 1.41 0.06 56.18
N VAL F 50 0.13 0.19 55.83
CA VAL F 50 -0.37 1.11 54.77
C VAL F 50 0.47 2.39 54.77
N ILE F 51 0.80 2.88 53.56
CA ILE F 51 1.83 3.93 53.32
C ILE F 51 1.13 5.24 52.98
N ASN F 52 1.80 6.37 53.28
CA ASN F 52 1.32 7.73 52.99
C ASN F 52 2.34 8.41 52.07
N TYR F 53 2.06 8.40 50.77
CA TYR F 53 3.07 8.69 49.72
C TYR F 53 3.42 10.19 49.71
N GLU F 54 2.46 11.07 50.07
CA GLU F 54 2.69 12.52 50.29
C GLU F 54 3.73 12.68 51.41
N ASN F 55 3.61 11.85 52.45
CA ASN F 55 4.46 11.92 53.67
C ASN F 55 5.88 11.46 53.32
N GLU F 56 6.00 10.37 52.58
CA GLU F 56 7.31 9.75 52.21
C GLU F 56 8.08 10.71 51.28
N MET F 57 7.38 11.32 50.31
CA MET F 57 7.97 12.29 49.35
C MET F 57 8.47 13.53 50.10
N SER F 58 7.72 13.98 51.10
CA SER F 58 8.11 15.11 51.98
C SER F 58 9.44 14.79 52.67
N SER F 59 9.58 13.57 53.20
CA SER F 59 10.74 13.13 54.01
C SER F 59 11.85 12.53 53.13
N VAL F 60 11.64 12.41 51.80
CA VAL F 60 12.66 11.87 50.84
C VAL F 60 13.89 12.78 50.84
N ARG F 61 15.04 12.16 50.59
CA ARG F 61 16.37 12.82 50.48
C ARG F 61 17.14 12.11 49.38
N LEU F 62 17.59 12.85 48.37
CA LEU F 62 18.09 12.28 47.10
C LEU F 62 19.35 11.42 47.38
N HIS F 63 20.13 11.75 48.42
CA HIS F 63 21.38 11.05 48.81
C HIS F 63 21.08 9.65 49.35
N ASN F 64 19.91 9.48 49.96
CA ASN F 64 19.46 8.20 50.57
C ASN F 64 19.14 7.15 49.49
N PHE F 65 19.01 7.59 48.22
CA PHE F 65 18.88 6.71 47.02
C PHE F 65 20.24 6.07 46.73
N SER F 66 20.24 4.77 46.48
CA SER F 66 21.37 4.05 45.88
C SER F 66 20.94 3.49 44.54
N VAL F 67 21.56 3.96 43.44
CA VAL F 67 21.29 3.47 42.05
C VAL F 67 22.61 3.09 41.37
N SER F 68 22.66 1.86 40.85
CA SER F 68 23.91 1.20 40.36
C SER F 68 23.56 0.15 39.30
N LYS F 69 24.51 -0.09 38.38
CA LYS F 69 24.57 -1.24 37.43
C LYS F 69 25.96 -1.86 37.51
N ASN F 70 26.04 -3.18 37.70
CA ASN F 70 27.30 -3.94 37.90
C ASN F 70 28.20 -3.16 38.87
N ASN F 71 27.61 -2.63 39.96
CA ASN F 71 28.32 -1.97 41.10
C ASN F 71 29.03 -0.71 40.65
N VAL F 72 28.61 -0.12 39.53
CA VAL F 72 28.93 1.29 39.15
C VAL F 72 27.70 2.15 39.49
N PHE F 73 27.90 3.23 40.24
CA PHE F 73 26.84 4.00 40.91
C PHE F 73 26.51 5.24 40.08
N LEU F 74 25.22 5.46 39.85
CA LEU F 74 24.71 6.67 39.17
C LEU F 74 24.18 7.65 40.23
N GLY F 75 24.62 8.93 40.17
CA GLY F 75 24.13 10.04 41.02
C GLY F 75 22.72 10.50 40.65
N VAL F 76 21.78 10.50 41.64
CA VAL F 76 20.37 10.96 41.51
C VAL F 76 20.31 12.48 41.72
N VAL F 77 19.68 13.23 40.80
CA VAL F 77 19.66 14.73 40.79
C VAL F 77 18.22 15.26 40.69
N SER F 78 17.21 14.37 40.64
CA SER F 78 15.83 14.67 41.10
C SER F 78 15.01 13.41 41.21
N ALA F 79 13.91 13.51 41.94
CA ALA F 79 12.91 12.44 42.17
C ALA F 79 11.52 13.07 42.04
N LYS F 80 10.73 12.62 41.09
CA LYS F 80 9.29 12.96 41.03
C LYS F 80 8.51 11.66 40.94
N TYR F 81 7.34 11.61 41.57
CA TYR F 81 6.33 10.57 41.30
C TYR F 81 5.78 10.74 39.88
N LYS F 82 5.31 9.64 39.31
CA LYS F 82 4.42 9.65 38.15
C LYS F 82 3.47 8.48 38.31
N GLY F 83 2.26 8.74 38.79
CA GLY F 83 1.37 7.69 39.28
C GLY F 83 2.03 6.92 40.41
N VAL F 84 2.17 5.62 40.23
CA VAL F 84 2.68 4.69 41.27
C VAL F 84 4.14 4.37 40.96
N ASN F 85 4.70 4.96 39.91
CA ASN F 85 6.13 4.89 39.58
C ASN F 85 6.83 6.12 40.15
N LEU F 86 8.11 5.99 40.46
CA LEU F 86 9.08 7.04 40.79
C LEU F 86 9.92 7.31 39.53
N VAL F 87 10.18 8.55 39.18
CA VAL F 87 11.06 8.89 38.03
C VAL F 87 12.29 9.64 38.57
N LEU F 88 13.43 8.97 38.54
CA LEU F 88 14.72 9.47 39.06
C LEU F 88 15.51 10.00 37.88
N LYS F 89 16.02 11.23 37.99
CA LYS F 89 16.99 11.79 37.05
C LYS F 89 18.40 11.50 37.58
N VAL F 90 19.28 10.97 36.72
CA VAL F 90 20.69 10.61 37.07
C VAL F 90 21.62 11.35 36.13
N ASN F 91 22.85 11.57 36.58
CA ASN F 91 23.92 12.28 35.84
C ASN F 91 24.23 11.50 34.58
N GLN F 92 24.39 10.18 34.69
CA GLN F 92 24.94 9.31 33.61
C GLN F 92 23.81 8.88 32.67
N VAL F 93 24.00 9.12 31.37
CA VAL F 93 23.10 8.69 30.28
C VAL F 93 23.44 7.26 29.88
N ASN F 94 22.44 6.36 29.91
CA ASN F 94 22.57 4.92 29.57
C ASN F 94 23.06 4.83 28.13
N PRO F 95 24.33 4.43 27.90
CA PRO F 95 24.92 4.43 26.55
C PRO F 95 24.33 3.35 25.65
N ASN F 96 23.53 2.44 26.22
CA ASN F 96 22.92 1.25 25.56
C ASN F 96 21.39 1.41 25.50
N THR F 97 20.87 2.64 25.57
CA THR F 97 19.41 2.89 25.50
C THR F 97 18.95 2.44 24.11
N PRO F 98 18.04 1.46 24.00
CA PRO F 98 17.54 1.04 22.70
C PRO F 98 16.46 2.01 22.20
N GLU F 99 16.24 2.07 20.89
CA GLU F 99 14.97 2.64 20.38
C GLU F 99 13.85 1.86 21.07
N HIS F 100 12.92 2.58 21.71
CA HIS F 100 11.83 1.99 22.52
C HIS F 100 10.58 2.87 22.44
N LYS F 101 9.46 2.31 22.86
CA LYS F 101 8.17 3.02 23.05
C LYS F 101 7.46 2.40 24.24
N PHE F 102 6.38 3.02 24.69
CA PHE F 102 5.62 2.66 25.91
C PHE F 102 4.16 2.44 25.54
N LYS F 103 3.54 1.35 26.01
CA LYS F 103 2.10 1.09 25.75
C LYS F 103 1.55 0.17 26.83
N SER F 104 0.23 0.09 26.90
CA SER F 104 -0.54 -0.70 27.89
C SER F 104 -1.00 -2.01 27.25
N ILE F 105 -1.35 -3.00 28.07
CA ILE F 105 -1.54 -4.42 27.68
C ILE F 105 -2.97 -4.81 27.96
N LYS F 106 -3.74 -5.14 26.94
CA LYS F 106 -5.18 -5.49 27.08
C LYS F 106 -5.31 -6.93 27.62
N ALA F 107 -6.40 -7.22 28.32
CA ALA F 107 -6.78 -8.60 28.71
C ALA F 107 -6.58 -9.52 27.49
N GLY F 108 -5.88 -10.64 27.69
CA GLY F 108 -5.77 -11.73 26.70
C GLY F 108 -4.50 -11.63 25.87
N GLU F 109 -3.77 -10.51 25.95
CA GLU F 109 -2.53 -10.25 25.17
C GLU F 109 -1.32 -10.83 25.93
N SER F 110 -0.36 -11.41 25.19
CA SER F 110 0.92 -11.94 25.73
C SER F 110 1.98 -10.85 25.75
N PHE F 111 2.85 -10.88 26.75
CA PHE F 111 4.10 -10.08 26.82
C PHE F 111 5.14 -10.89 27.57
N ASN F 112 6.33 -10.32 27.75
CA ASN F 112 7.48 -11.01 28.33
C ASN F 112 7.93 -10.28 29.58
N ILE F 113 8.35 -11.04 30.59
CA ILE F 113 8.94 -10.53 31.87
C ILE F 113 10.44 -10.81 31.89
N LEU F 114 11.25 -9.77 32.05
CA LEU F 114 12.66 -9.91 32.51
C LEU F 114 12.69 -9.76 34.04
N ALA F 115 12.37 -10.86 34.73
CA ALA F 115 12.45 -11.02 36.21
C ALA F 115 13.89 -10.81 36.66
N CYS F 116 14.12 -9.81 37.49
CA CYS F 116 15.45 -9.49 38.04
C CYS F 116 15.35 -9.43 39.55
N TYR F 117 16.46 -9.57 40.23
CA TYR F 117 16.56 -9.61 41.70
C TYR F 117 17.64 -8.62 42.09
N GLU F 118 17.24 -7.52 42.73
CA GLU F 118 18.16 -6.49 43.26
C GLU F 118 19.11 -6.07 42.14
N GLY F 119 18.62 -6.04 40.90
CA GLY F 119 19.28 -5.36 39.77
C GLY F 119 20.28 -6.24 39.00
N CYS F 120 20.25 -7.55 39.20
CA CYS F 120 21.05 -8.53 38.39
C CYS F 120 20.13 -9.27 37.43
N PRO F 121 20.04 -8.87 36.13
CA PRO F 121 19.17 -9.57 35.19
C PRO F 121 19.31 -11.08 35.38
N GLY F 122 18.16 -11.76 35.46
CA GLY F 122 18.05 -13.13 35.95
C GLY F 122 17.40 -14.02 34.93
N SER F 123 16.08 -13.92 34.74
CA SER F 123 15.32 -14.90 33.91
C SER F 123 14.21 -14.21 33.11
N VAL F 124 13.82 -14.82 31.99
CA VAL F 124 12.80 -14.30 31.04
C VAL F 124 11.75 -15.38 30.81
N TYR F 125 10.48 -15.01 30.74
CA TYR F 125 9.38 -15.95 30.43
C TYR F 125 8.19 -15.18 29.91
N GLY F 126 7.25 -15.89 29.28
CA GLY F 126 6.03 -15.32 28.69
C GLY F 126 4.89 -15.31 29.68
N VAL F 127 4.09 -14.24 29.68
CA VAL F 127 2.84 -14.12 30.46
C VAL F 127 1.70 -13.74 29.50
N ASN F 128 0.50 -13.65 30.04
CA ASN F 128 -0.72 -13.27 29.31
C ASN F 128 -1.68 -12.63 30.32
N MET F 129 -2.15 -11.40 30.06
CA MET F 129 -2.86 -10.59 31.07
C MET F 129 -4.26 -11.16 31.29
N ARG F 130 -4.57 -11.51 32.54
CA ARG F 130 -5.90 -11.99 32.97
C ARG F 130 -6.88 -10.81 32.86
N SER F 131 -8.19 -11.11 32.80
CA SER F 131 -9.29 -10.14 32.54
C SER F 131 -9.31 -9.08 33.64
N GLN F 132 -8.67 -9.36 34.79
CA GLN F 132 -8.71 -8.50 36.01
C GLN F 132 -7.38 -7.73 36.13
N GLY F 133 -6.62 -7.66 35.04
CA GLY F 133 -5.39 -6.84 34.93
C GLY F 133 -4.27 -7.39 35.81
N THR F 134 -4.23 -8.71 35.98
CA THR F 134 -3.17 -9.44 36.73
C THR F 134 -2.48 -10.43 35.79
N ILE F 135 -1.36 -10.98 36.25
CA ILE F 135 -0.61 -12.10 35.61
C ILE F 135 -0.37 -13.20 36.65
N LYS F 136 0.07 -14.39 36.20
CA LYS F 136 0.47 -15.54 37.05
C LYS F 136 1.94 -15.89 36.77
N GLY F 137 2.86 -15.07 37.24
CA GLY F 137 4.29 -15.26 36.91
C GLY F 137 5.00 -16.06 37.98
N SER F 138 6.11 -15.54 38.45
CA SER F 138 6.88 -16.06 39.58
C SER F 138 7.74 -14.90 40.10
N PHE F 139 7.25 -14.25 41.16
CA PHE F 139 7.85 -13.02 41.77
C PHE F 139 8.07 -13.24 43.26
N ILE F 140 9.15 -12.67 43.78
CA ILE F 140 9.56 -12.79 45.20
C ILE F 140 10.10 -11.43 45.65
N ALA F 141 10.12 -11.18 46.95
CA ALA F 141 10.90 -10.08 47.53
C ALA F 141 12.13 -9.87 46.65
N GLY F 142 12.37 -8.64 46.21
CA GLY F 142 13.56 -8.24 45.43
C GLY F 142 13.27 -8.08 43.93
N THR F 143 12.13 -8.61 43.43
CA THR F 143 11.80 -8.63 41.99
C THR F 143 10.83 -7.52 41.62
N CYS F 144 10.66 -6.51 42.47
CA CYS F 144 9.89 -5.29 42.14
C CYS F 144 10.75 -4.43 41.21
N GLY F 145 10.15 -3.89 40.16
CA GLY F 145 10.86 -3.13 39.12
C GLY F 145 11.29 -4.01 37.96
N SER F 146 11.08 -5.32 38.09
CA SER F 146 11.16 -6.28 36.96
C SER F 146 10.28 -5.74 35.84
N VAL F 147 10.75 -5.81 34.60
CA VAL F 147 10.17 -5.06 33.45
C VAL F 147 9.51 -6.06 32.50
N GLY F 148 8.35 -5.69 31.97
CA GLY F 148 7.66 -6.41 30.89
C GLY F 148 7.84 -5.68 29.58
N TYR F 149 7.89 -6.42 28.48
CA TYR F 149 8.11 -5.86 27.13
C TYR F 149 7.44 -6.74 26.08
N VAL F 150 7.04 -6.15 24.96
CA VAL F 150 6.62 -6.83 23.71
C VAL F 150 7.45 -6.24 22.57
N LEU F 151 7.87 -7.08 21.62
CA LEU F 151 8.37 -6.66 20.30
C LEU F 151 7.26 -6.90 19.26
N GLU F 152 6.85 -5.83 18.56
CA GLU F 152 5.96 -5.88 17.36
C GLU F 152 6.58 -5.04 16.25
N ASN F 153 6.81 -5.64 15.08
CA ASN F 153 7.40 -4.92 13.92
C ASN F 153 8.68 -4.22 14.38
N GLY F 154 9.60 -4.97 15.01
CA GLY F 154 10.92 -4.48 15.46
C GLY F 154 10.82 -3.18 16.24
N ILE F 155 9.62 -2.82 16.71
CA ILE F 155 9.41 -1.77 17.75
C ILE F 155 9.41 -2.48 19.12
N LEU F 156 10.30 -2.04 20.02
CA LEU F 156 10.36 -2.47 21.43
C LEU F 156 9.46 -1.57 22.28
N TYR F 157 8.36 -2.10 22.81
CA TYR F 157 7.50 -1.44 23.83
C TYR F 157 7.79 -2.02 25.22
N PHE F 158 8.03 -1.13 26.21
CA PHE F 158 7.94 -1.43 27.66
C PHE F 158 6.45 -1.29 28.10
N VAL F 159 5.93 -2.27 28.86
CA VAL F 159 4.46 -2.40 29.09
C VAL F 159 4.12 -2.70 30.55
N TYR F 160 5.08 -3.10 31.37
CA TYR F 160 4.81 -3.62 32.74
C TYR F 160 6.03 -3.32 33.59
N MET F 161 5.82 -2.72 34.74
CA MET F 161 6.75 -2.70 35.88
C MET F 161 6.05 -3.39 37.06
N HIS F 162 6.72 -4.33 37.71
CA HIS F 162 6.15 -5.21 38.77
C HIS F 162 6.06 -4.47 40.12
N HIS F 163 4.91 -4.59 40.83
CA HIS F 163 4.61 -3.87 42.11
C HIS F 163 4.29 -4.85 43.28
N LEU F 164 3.36 -5.79 43.13
CA LEU F 164 2.81 -6.48 44.31
C LEU F 164 2.16 -7.82 43.96
N GLU F 165 1.89 -8.60 45.01
CA GLU F 165 1.27 -9.95 44.97
C GLU F 165 -0.05 -9.92 45.77
N LEU F 166 -1.16 -10.28 45.14
CA LEU F 166 -2.47 -10.48 45.80
C LEU F 166 -2.39 -11.71 46.73
N GLY F 167 -3.47 -11.95 47.49
CA GLY F 167 -3.57 -13.04 48.47
C GLY F 167 -3.58 -14.41 47.82
N ASN F 168 -3.98 -14.48 46.53
CA ASN F 168 -4.25 -15.77 45.83
C ASN F 168 -3.03 -16.18 44.99
N GLY F 169 -2.01 -15.31 44.88
CA GLY F 169 -0.75 -15.59 44.15
C GLY F 169 -0.75 -14.99 42.74
N SER F 170 -1.80 -14.23 42.38
CA SER F 170 -1.83 -13.34 41.19
C SER F 170 -0.82 -12.22 41.40
N HIS F 171 -0.36 -11.58 40.33
CA HIS F 171 0.62 -10.47 40.37
C HIS F 171 0.11 -9.24 39.61
N VAL F 172 0.63 -8.10 40.02
CA VAL F 172 0.05 -6.76 39.79
C VAL F 172 1.22 -5.83 39.51
N GLY F 173 1.12 -5.02 38.47
CA GLY F 173 2.13 -4.02 38.12
C GLY F 173 1.53 -2.82 37.41
N SER F 174 2.28 -1.74 37.30
CA SER F 174 1.91 -0.55 36.51
C SER F 174 2.31 -0.75 35.05
N ASN F 175 1.83 0.10 34.14
CA ASN F 175 2.55 0.43 32.88
C ASN F 175 3.65 1.43 33.25
N LEU F 176 4.39 1.94 32.26
CA LEU F 176 5.58 2.79 32.50
C LEU F 176 5.16 4.27 32.57
N GLU F 177 3.85 4.55 32.49
CA GLU F 177 3.23 5.87 32.78
C GLU F 177 2.79 5.91 34.25
N GLY F 178 2.77 4.76 34.92
CA GLY F 178 2.55 4.68 36.38
C GLY F 178 1.08 4.51 36.74
N GLU F 179 0.25 4.09 35.80
CA GLU F 179 -1.13 3.58 36.07
C GLU F 179 -1.02 2.10 36.41
N MET F 180 -1.45 1.70 37.61
CA MET F 180 -1.46 0.28 38.02
C MET F 180 -2.54 -0.44 37.25
N TYR F 181 -2.21 -1.57 36.65
CA TYR F 181 -3.15 -2.40 35.87
C TYR F 181 -4.25 -2.88 36.81
N GLY F 182 -5.49 -2.98 36.32
CA GLY F 182 -6.66 -3.50 37.06
C GLY F 182 -7.05 -2.63 38.25
N GLY F 183 -6.56 -1.39 38.33
CA GLY F 183 -7.00 -0.39 39.32
C GLY F 183 -6.31 -0.53 40.68
N TYR F 184 -5.72 -1.69 40.97
CA TYR F 184 -5.14 -2.03 42.29
C TYR F 184 -4.25 -0.88 42.78
N GLU F 185 -4.08 -0.78 44.10
CA GLU F 185 -3.30 0.30 44.77
C GLU F 185 -1.97 -0.29 45.22
N ASP F 186 -0.89 0.49 45.19
CA ASP F 186 0.44 0.04 45.65
C ASP F 186 0.48 0.20 47.17
N GLN F 187 -0.30 -0.65 47.87
CA GLN F 187 -0.56 -0.66 49.32
C GLN F 187 -0.55 -2.12 49.82
N PRO F 188 -0.02 -2.41 51.04
CA PRO F 188 -0.03 -3.76 51.59
C PRO F 188 -1.45 -4.31 51.80
N SER F 189 -2.39 -3.43 52.11
CA SER F 189 -3.78 -3.77 52.50
C SER F 189 -4.33 -4.85 51.55
N MET F 190 -5.12 -5.77 52.08
CA MET F 190 -5.73 -6.91 51.34
C MET F 190 -6.48 -6.38 50.11
N GLN F 191 -6.25 -6.99 48.94
CA GLN F 191 -6.96 -6.70 47.66
C GLN F 191 -7.39 -8.02 47.01
N LEU F 192 -8.60 -8.07 46.46
CA LEU F 192 -9.21 -9.30 45.88
C LEU F 192 -9.26 -9.18 44.36
N GLU F 193 -9.11 -10.29 43.66
CA GLU F 193 -9.05 -10.30 42.18
C GLU F 193 -10.48 -10.34 41.64
N GLY F 194 -11.31 -11.21 42.21
CA GLY F 194 -12.64 -11.54 41.67
C GLY F 194 -12.53 -12.43 40.44
N THR F 195 -13.65 -12.98 40.00
CA THR F 195 -13.72 -14.06 38.96
C THR F 195 -12.85 -13.68 37.77
N ASN F 196 -12.05 -14.63 37.26
CA ASN F 196 -11.28 -14.45 36.01
C ASN F 196 -12.15 -14.87 34.82
N VAL F 197 -12.03 -14.15 33.71
CA VAL F 197 -12.77 -14.43 32.45
C VAL F 197 -11.77 -15.04 31.45
N MET F 198 -11.83 -16.35 31.26
CA MET F 198 -11.04 -17.07 30.22
C MET F 198 -11.24 -16.36 28.87
N SER F 199 -10.14 -15.88 28.28
CA SER F 199 -10.09 -15.38 26.88
C SER F 199 -10.52 -16.49 25.94
N SER F 200 -11.64 -16.33 25.25
CA SER F 200 -12.17 -17.33 24.28
C SER F 200 -11.12 -17.57 23.18
N ASP F 201 -10.58 -16.49 22.60
CA ASP F 201 -9.73 -16.55 21.38
C ASP F 201 -8.47 -17.38 21.69
N ASN F 202 -7.93 -17.25 22.90
CA ASN F 202 -6.66 -17.89 23.33
C ASN F 202 -6.88 -19.39 23.62
N VAL F 203 -8.13 -19.80 23.87
CA VAL F 203 -8.52 -21.21 24.17
C VAL F 203 -8.91 -21.90 22.87
N VAL F 204 -9.40 -21.16 21.88
CA VAL F 204 -9.53 -21.65 20.48
C VAL F 204 -8.12 -21.96 19.96
N ALA F 205 -7.23 -20.96 19.99
CA ALA F 205 -5.83 -21.03 19.49
C ALA F 205 -5.12 -22.25 20.10
N PHE F 206 -5.34 -22.52 21.38
CA PHE F 206 -4.72 -23.64 22.15
C PHE F 206 -5.15 -24.99 21.57
N LEU F 207 -6.45 -25.17 21.28
CA LEU F 207 -7.02 -26.43 20.71
C LEU F 207 -6.42 -26.66 19.32
N TYR F 208 -6.39 -25.64 18.47
CA TYR F 208 -5.71 -25.70 17.16
C TYR F 208 -4.30 -26.31 17.36
N ALA F 209 -3.51 -25.76 18.27
CA ALA F 209 -2.14 -26.24 18.59
C ALA F 209 -2.21 -27.72 19.01
N ALA F 210 -3.24 -28.08 19.76
CA ALA F 210 -3.53 -29.46 20.23
C ALA F 210 -3.89 -30.36 19.03
N LEU F 211 -4.78 -29.90 18.15
CA LEU F 211 -5.16 -30.59 16.87
C LEU F 211 -3.91 -30.86 16.04
N ILE F 212 -3.02 -29.87 15.97
CA ILE F 212 -1.81 -29.87 15.09
C ILE F 212 -0.73 -30.76 15.73
N ASN F 213 -0.83 -31.05 17.04
CA ASN F 213 0.05 -32.01 17.76
C ASN F 213 -0.73 -33.32 18.02
N GLY F 214 -1.61 -33.71 17.08
CA GLY F 214 -2.20 -35.07 17.02
C GLY F 214 -3.57 -35.13 17.66
N GLU F 215 -3.66 -34.81 18.96
CA GLU F 215 -4.90 -34.98 19.79
C GLU F 215 -6.09 -34.38 19.04
N ARG F 216 -7.17 -35.17 18.85
CA ARG F 216 -8.40 -34.73 18.13
C ARG F 216 -9.66 -35.15 18.89
N TRP F 217 -9.51 -35.68 20.11
CA TRP F 217 -10.58 -36.44 20.82
C TRP F 217 -11.68 -35.49 21.34
N PHE F 218 -11.47 -34.17 21.26
CA PHE F 218 -12.37 -33.14 21.85
C PHE F 218 -13.32 -32.58 20.78
N VAL F 219 -13.05 -32.85 19.50
CA VAL F 219 -13.85 -32.30 18.35
C VAL F 219 -14.89 -33.32 17.92
N THR F 220 -16.11 -32.85 17.64
CA THR F 220 -17.26 -33.64 17.08
C THR F 220 -17.74 -32.95 15.80
N ASN F 221 -18.96 -33.25 15.33
CA ASN F 221 -19.55 -32.69 14.09
C ASN F 221 -20.41 -31.45 14.40
N THR F 222 -20.59 -31.13 15.69
CA THR F 222 -21.36 -29.94 16.18
C THR F 222 -20.62 -28.66 15.72
N SER F 223 -21.32 -27.52 15.70
CA SER F 223 -20.79 -26.23 15.15
C SER F 223 -21.51 -25.03 15.78
N MET F 224 -21.25 -24.73 17.05
CA MET F 224 -21.83 -23.54 17.75
C MET F 224 -21.45 -22.27 16.97
N SER F 225 -22.39 -21.33 16.80
CA SER F 225 -22.23 -20.09 16.00
C SER F 225 -21.69 -18.97 16.91
N LEU F 226 -20.87 -18.07 16.35
CA LEU F 226 -20.25 -16.92 17.06
C LEU F 226 -21.27 -16.33 18.06
N GLU F 227 -22.46 -15.96 17.55
CA GLU F 227 -23.55 -15.26 18.30
C GLU F 227 -24.10 -16.16 19.41
N SER F 228 -24.37 -17.42 19.08
CA SER F 228 -24.82 -18.47 20.02
C SER F 228 -23.84 -18.50 21.22
N TYR F 229 -22.53 -18.54 20.94
CA TYR F 229 -21.43 -18.74 21.93
C TYR F 229 -21.32 -17.49 22.81
N ASN F 230 -21.25 -16.31 22.19
CA ASN F 230 -21.09 -15.00 22.89
C ASN F 230 -22.14 -14.90 24.01
N THR F 231 -23.33 -15.48 23.80
CA THR F 231 -24.45 -15.54 24.78
C THR F 231 -24.06 -16.50 25.92
N TRP F 232 -23.74 -17.75 25.58
CA TRP F 232 -23.15 -18.77 26.50
C TRP F 232 -22.07 -18.09 27.36
N ALA F 233 -21.24 -17.26 26.71
CA ALA F 233 -20.01 -16.65 27.27
C ALA F 233 -20.37 -15.72 28.43
N LYS F 234 -21.50 -15.02 28.35
CA LYS F 234 -21.81 -13.84 29.20
C LYS F 234 -22.09 -14.29 30.64
N THR F 235 -22.52 -15.54 30.85
CA THR F 235 -22.90 -16.10 32.19
C THR F 235 -22.03 -17.32 32.55
N ASN F 236 -20.93 -17.56 31.82
CA ASN F 236 -20.04 -18.73 32.08
C ASN F 236 -18.58 -18.27 32.23
N SER F 237 -18.34 -16.98 32.51
CA SER F 237 -17.00 -16.39 32.74
C SER F 237 -16.10 -16.63 31.51
N PHE F 238 -16.52 -16.15 30.34
CA PHE F 238 -15.80 -16.30 29.04
C PHE F 238 -16.05 -15.06 28.17
N THR F 239 -15.01 -14.53 27.51
CA THR F 239 -15.08 -13.29 26.67
C THR F 239 -15.89 -13.57 25.40
N GLU F 240 -16.58 -12.54 24.90
CA GLU F 240 -17.13 -12.50 23.53
C GLU F 240 -15.95 -12.67 22.56
N LEU F 241 -16.05 -13.63 21.63
CA LEU F 241 -15.00 -13.91 20.62
C LEU F 241 -14.96 -12.75 19.62
N SER F 242 -13.78 -12.12 19.47
CA SER F 242 -13.53 -10.91 18.64
C SER F 242 -14.04 -11.12 17.20
N SER F 243 -13.59 -12.20 16.54
CA SER F 243 -13.67 -12.39 15.05
C SER F 243 -13.61 -13.88 14.71
N ILE F 244 -13.56 -14.20 13.41
CA ILE F 244 -13.23 -15.56 12.87
C ILE F 244 -12.09 -15.43 11.84
N ASP F 245 -11.81 -14.19 11.39
CA ASP F 245 -10.74 -13.87 10.41
C ASP F 245 -9.36 -14.12 11.04
N ALA F 246 -9.29 -14.10 12.38
CA ALA F 246 -8.05 -14.23 13.17
C ALA F 246 -7.58 -15.70 13.19
N PHE F 247 -8.46 -16.64 12.81
CA PHE F 247 -8.17 -18.10 12.71
C PHE F 247 -8.36 -18.60 11.26
N SER F 248 -8.18 -17.73 10.27
CA SER F 248 -8.18 -18.06 8.82
C SER F 248 -7.25 -19.25 8.55
N MET F 249 -5.95 -19.07 8.83
CA MET F 249 -4.83 -19.98 8.44
C MET F 249 -4.93 -21.30 9.22
N LEU F 250 -5.25 -21.24 10.52
CA LEU F 250 -5.25 -22.43 11.42
C LEU F 250 -6.42 -23.35 11.07
N ALA F 251 -7.56 -22.77 10.66
CA ALA F 251 -8.75 -23.47 10.12
C ALA F 251 -8.35 -24.28 8.88
N ALA F 252 -7.76 -23.60 7.89
CA ALA F 252 -7.32 -24.19 6.61
C ALA F 252 -6.40 -25.40 6.86
N LYS F 253 -5.37 -25.22 7.70
CA LYS F 253 -4.28 -26.23 7.94
C LYS F 253 -4.88 -27.46 8.63
N THR F 254 -6.01 -27.32 9.34
CA THR F 254 -6.64 -28.37 10.17
C THR F 254 -7.99 -28.80 9.56
N GLY F 255 -8.58 -27.97 8.69
CA GLY F 255 -9.93 -28.19 8.12
C GLY F 255 -10.97 -28.38 9.21
N GLN F 256 -10.93 -27.54 10.25
CA GLN F 256 -11.96 -27.44 11.31
C GLN F 256 -12.32 -25.96 11.50
N SER F 257 -13.59 -25.60 11.33
CA SER F 257 -14.11 -24.21 11.49
C SER F 257 -14.04 -23.81 12.97
N VAL F 258 -13.81 -22.51 13.23
CA VAL F 258 -13.81 -21.92 14.60
C VAL F 258 -15.01 -22.46 15.37
N GLU F 259 -16.19 -22.45 14.73
CA GLU F 259 -17.49 -22.95 15.30
C GLU F 259 -17.30 -24.35 15.88
N LYS F 260 -16.67 -25.26 15.13
CA LYS F 260 -16.43 -26.68 15.54
C LYS F 260 -15.72 -26.69 16.90
N LEU F 261 -14.78 -25.76 17.11
CA LEU F 261 -14.00 -25.63 18.36
C LEU F 261 -14.82 -24.91 19.43
N LEU F 262 -15.61 -23.89 19.04
CA LEU F 262 -16.50 -23.13 19.96
C LEU F 262 -17.47 -24.09 20.66
N ASP F 263 -17.92 -25.12 19.94
CA ASP F 263 -18.68 -26.27 20.51
C ASP F 263 -17.77 -27.00 21.50
N SER F 264 -16.59 -27.45 21.04
CA SER F 264 -15.61 -28.26 21.82
C SER F 264 -15.32 -27.59 23.17
N ILE F 265 -15.16 -26.27 23.20
CA ILE F 265 -14.94 -25.47 24.44
C ILE F 265 -16.07 -25.77 25.44
N VAL F 266 -17.32 -25.69 24.97
CA VAL F 266 -18.56 -25.71 25.82
C VAL F 266 -18.62 -27.04 26.61
N ARG F 267 -18.52 -28.18 25.93
CA ARG F 267 -18.49 -29.53 26.57
C ARG F 267 -17.33 -29.59 27.57
N LEU F 268 -16.13 -29.21 27.11
CA LEU F 268 -14.85 -29.34 27.88
C LEU F 268 -14.88 -28.45 29.13
N ASN F 269 -15.63 -27.34 29.10
CA ASN F 269 -15.72 -26.38 30.23
C ASN F 269 -16.26 -27.10 31.47
N LYS F 270 -17.27 -27.97 31.28
CA LYS F 270 -17.98 -28.68 32.38
C LYS F 270 -17.02 -29.64 33.11
N GLY F 271 -15.94 -30.07 32.46
CA GLY F 271 -14.93 -31.00 33.02
C GLY F 271 -14.31 -31.89 31.95
N PHE F 272 -13.05 -32.27 32.12
CA PHE F 272 -12.24 -32.97 31.09
C PHE F 272 -12.50 -34.49 31.16
N GLY F 273 -12.64 -35.02 32.37
CA GLY F 273 -12.92 -36.46 32.62
C GLY F 273 -11.65 -37.30 32.58
N GLY F 274 -10.57 -36.82 33.24
CA GLY F 274 -9.28 -37.52 33.37
C GLY F 274 -8.41 -37.36 32.14
N ARG F 275 -9.00 -36.97 31.01
CA ARG F 275 -8.35 -36.83 29.67
C ARG F 275 -7.64 -35.48 29.59
N THR F 276 -6.36 -35.44 29.20
CA THR F 276 -5.53 -34.20 29.15
C THR F 276 -5.36 -33.73 27.71
N ILE F 277 -4.78 -32.53 27.54
CA ILE F 277 -4.53 -31.87 26.22
C ILE F 277 -3.16 -31.17 26.28
N LEU F 278 -2.18 -31.68 25.52
CA LEU F 278 -0.75 -31.25 25.54
C LEU F 278 -0.24 -31.18 26.98
N SER F 279 -0.71 -32.10 27.84
CA SER F 279 -0.28 -32.32 29.25
C SER F 279 -0.98 -31.32 30.19
N TYR F 280 -2.13 -30.76 29.78
CA TYR F 280 -2.98 -29.84 30.59
C TYR F 280 -4.31 -30.54 30.92
N GLY F 281 -4.78 -30.42 32.17
CA GLY F 281 -6.02 -31.06 32.67
C GLY F 281 -7.24 -30.14 32.59
N SER F 282 -7.03 -28.87 32.25
CA SER F 282 -8.11 -27.85 32.08
C SER F 282 -7.82 -27.03 30.82
N LEU F 283 -8.83 -26.30 30.31
CA LEU F 283 -8.66 -25.32 29.20
C LEU F 283 -7.63 -24.26 29.59
N CYS F 284 -6.72 -23.96 28.66
CA CYS F 284 -5.56 -23.03 28.79
C CYS F 284 -5.84 -21.76 27.96
N ASP F 285 -5.64 -20.57 28.56
CA ASP F 285 -5.78 -19.27 27.85
C ASP F 285 -4.50 -18.44 28.01
N GLU F 286 -3.31 -19.05 27.93
CA GLU F 286 -2.02 -18.33 27.97
C GLU F 286 -1.53 -18.06 26.54
N PHE F 287 -2.12 -18.71 25.54
CA PHE F 287 -1.58 -18.85 24.17
C PHE F 287 -2.50 -18.13 23.17
N THR F 288 -2.06 -16.99 22.64
CA THR F 288 -2.80 -16.18 21.63
C THR F 288 -2.69 -16.87 20.28
N PRO F 289 -3.61 -16.54 19.32
CA PRO F 289 -3.56 -17.12 17.98
C PRO F 289 -2.25 -16.83 17.24
N THR F 290 -1.64 -15.66 17.50
CA THR F 290 -0.33 -15.26 16.93
C THR F 290 0.75 -16.22 17.43
N GLU F 291 0.84 -16.38 18.76
CA GLU F 291 1.86 -17.22 19.46
C GLU F 291 1.82 -18.63 18.88
N VAL F 292 0.60 -19.15 18.66
CA VAL F 292 0.34 -20.53 18.15
C VAL F 292 0.78 -20.62 16.69
N ILE F 293 0.34 -19.70 15.84
CA ILE F 293 0.78 -19.64 14.42
C ILE F 293 2.32 -19.50 14.39
N ARG F 294 2.91 -18.55 15.13
CA ARG F 294 4.38 -18.34 15.17
C ARG F 294 5.05 -19.67 15.46
N GLN F 295 4.51 -20.40 16.44
CA GLN F 295 5.17 -21.60 17.02
C GLN F 295 5.00 -22.78 16.08
N MET F 296 3.85 -22.88 15.41
CA MET F 296 3.46 -24.06 14.59
C MET F 296 4.12 -23.96 13.20
N TYR F 297 4.21 -22.77 12.61
CA TYR F 297 4.50 -22.59 11.15
C TYR F 297 5.67 -21.60 10.89
N GLY F 298 5.97 -20.68 11.80
CA GLY F 298 7.17 -19.81 11.73
C GLY F 298 6.85 -18.41 11.22
N VAL F 299 5.58 -18.12 10.95
CA VAL F 299 5.09 -16.80 10.43
C VAL F 299 4.92 -15.84 11.61
N SER G 1 -34.75 9.57 11.50
CA SER G 1 -33.90 8.47 12.08
C SER G 1 -33.39 8.87 13.48
N GLY G 2 -33.27 10.18 13.75
CA GLY G 2 -33.25 10.78 15.10
C GLY G 2 -31.89 10.67 15.77
N LEU G 3 -31.57 11.62 16.66
CA LEU G 3 -30.46 11.51 17.64
C LEU G 3 -30.98 11.83 19.05
N ARG G 4 -30.95 10.84 19.94
CA ARG G 4 -31.51 10.92 21.31
C ARG G 4 -30.49 10.41 22.33
N LYS G 5 -30.35 11.12 23.45
CA LYS G 5 -29.53 10.63 24.59
C LYS G 5 -30.21 9.41 25.19
N MET G 6 -29.48 8.30 25.29
CA MET G 6 -30.04 6.96 25.59
C MET G 6 -29.25 6.32 26.72
N ALA G 7 -29.71 5.16 27.17
CA ALA G 7 -29.30 4.49 28.42
C ALA G 7 -29.23 2.99 28.19
N GLN G 8 -28.09 2.38 28.51
CA GLN G 8 -27.99 0.91 28.49
C GLN G 8 -28.86 0.42 29.63
N PRO G 9 -29.72 -0.59 29.37
CA PRO G 9 -30.62 -1.14 30.38
C PRO G 9 -30.01 -1.35 31.77
N SER G 10 -30.86 -1.27 32.80
CA SER G 10 -30.48 -1.14 34.23
C SER G 10 -30.58 -2.50 34.95
N GLY G 11 -31.06 -3.54 34.24
CA GLY G 11 -31.58 -4.78 34.84
C GLY G 11 -30.54 -5.50 35.70
N LEU G 12 -29.27 -5.35 35.37
CA LEU G 12 -28.15 -5.95 36.14
C LEU G 12 -27.92 -5.14 37.42
N VAL G 13 -28.28 -3.84 37.42
CA VAL G 13 -27.90 -2.89 38.51
C VAL G 13 -29.01 -2.78 39.55
N GLU G 14 -30.28 -2.92 39.14
CA GLU G 14 -31.47 -2.66 40.00
C GLU G 14 -31.42 -3.53 41.26
N PRO G 15 -31.15 -4.86 41.16
CA PRO G 15 -31.18 -5.74 42.32
C PRO G 15 -30.12 -5.44 43.41
N CYS G 16 -29.14 -4.56 43.12
CA CYS G 16 -28.01 -4.23 44.03
C CYS G 16 -28.24 -2.92 44.78
N ILE G 17 -29.34 -2.22 44.50
CA ILE G 17 -29.61 -0.87 45.09
C ILE G 17 -30.34 -1.05 46.43
N VAL G 18 -29.78 -0.49 47.48
CA VAL G 18 -30.27 -0.63 48.87
C VAL G 18 -30.51 0.75 49.48
N ARG G 19 -31.48 0.84 50.39
CA ARG G 19 -31.71 2.00 51.29
C ARG G 19 -30.75 1.91 52.49
N VAL G 20 -29.83 2.87 52.60
CA VAL G 20 -28.82 2.98 53.71
C VAL G 20 -29.11 4.27 54.46
N SER G 21 -29.62 4.17 55.71
CA SER G 21 -30.04 5.32 56.53
C SER G 21 -29.38 5.29 57.91
N TYR G 22 -28.70 6.36 58.28
CA TYR G 22 -28.05 6.55 59.60
C TYR G 22 -28.48 7.90 60.19
N GLY G 23 -29.40 7.89 61.15
CA GLY G 23 -29.92 9.10 61.81
C GLY G 23 -30.94 9.81 60.94
N ASN G 24 -30.83 11.14 60.81
CA ASN G 24 -31.73 11.97 59.98
C ASN G 24 -31.45 11.68 58.50
N ASN G 25 -30.26 11.16 58.17
CA ASN G 25 -29.81 10.93 56.77
C ASN G 25 -30.44 9.65 56.22
N VAL G 26 -30.73 9.64 54.92
CA VAL G 26 -31.27 8.49 54.14
C VAL G 26 -30.75 8.62 52.72
N LEU G 27 -29.91 7.70 52.26
CA LEU G 27 -29.48 7.65 50.84
C LEU G 27 -29.40 6.20 50.37
N ASN G 28 -28.65 5.93 49.32
CA ASN G 28 -28.65 4.64 48.58
C ASN G 28 -27.29 3.96 48.68
N GLY G 29 -27.30 2.62 48.72
CA GLY G 29 -26.08 1.79 48.67
C GLY G 29 -26.04 0.89 47.45
N LEU G 30 -24.84 0.52 47.04
CA LEU G 30 -24.58 -0.59 46.08
C LEU G 30 -24.19 -1.83 46.90
N TRP G 31 -25.02 -2.88 46.84
CA TRP G 31 -24.89 -4.13 47.63
C TRP G 31 -24.29 -5.22 46.73
N LEU G 32 -22.99 -5.48 46.90
CA LEU G 32 -22.18 -6.41 46.06
C LEU G 32 -21.56 -7.47 46.97
N GLY G 33 -21.86 -8.74 46.70
CA GLY G 33 -21.58 -9.87 47.62
C GLY G 33 -22.13 -9.55 49.00
N ASP G 34 -21.24 -9.27 49.95
CA ASP G 34 -21.59 -8.91 51.35
C ASP G 34 -21.01 -7.52 51.69
N GLU G 35 -20.41 -6.83 50.71
CA GLU G 35 -20.04 -5.39 50.81
C GLU G 35 -21.24 -4.54 50.38
N VAL G 36 -21.53 -3.47 51.14
CA VAL G 36 -22.50 -2.41 50.76
C VAL G 36 -21.75 -1.07 50.64
N ILE G 37 -21.65 -0.53 49.42
CA ILE G 37 -20.93 0.75 49.15
C ILE G 37 -21.94 1.89 49.12
N CYS G 38 -21.64 2.99 49.80
CA CYS G 38 -22.50 4.17 49.92
C CYS G 38 -21.68 5.37 50.42
N PRO G 39 -22.12 6.62 50.15
CA PRO G 39 -21.32 7.80 50.46
C PRO G 39 -21.28 8.05 51.97
N ARG G 40 -20.15 8.54 52.49
CA ARG G 40 -19.82 8.51 53.94
C ARG G 40 -20.58 9.61 54.69
N HIS G 41 -21.11 10.61 53.98
CA HIS G 41 -21.79 11.78 54.61
C HIS G 41 -23.09 11.32 55.27
N VAL G 42 -23.51 10.08 55.03
CA VAL G 42 -24.71 9.46 55.66
C VAL G 42 -24.50 9.41 57.18
N ILE G 43 -23.24 9.34 57.61
CA ILE G 43 -22.84 9.15 59.04
C ILE G 43 -22.91 10.49 59.77
N ALA G 44 -22.59 11.59 59.10
CA ALA G 44 -22.46 12.95 59.67
C ALA G 44 -23.78 13.38 60.31
N SER G 45 -23.72 13.83 61.56
CA SER G 45 -24.87 14.37 62.34
C SER G 45 -25.48 15.56 61.61
N ASP G 46 -24.65 16.39 60.99
CA ASP G 46 -25.09 17.60 60.26
C ASP G 46 -24.41 17.66 58.89
N THR G 47 -25.21 17.72 57.83
CA THR G 47 -24.75 17.72 56.42
C THR G 47 -24.83 19.16 55.88
N THR G 48 -25.03 20.16 56.77
CA THR G 48 -25.16 21.62 56.42
C THR G 48 -23.99 22.45 56.99
N ARG G 49 -23.26 21.94 58.00
CA ARG G 49 -21.98 22.51 58.51
C ARG G 49 -20.84 21.55 58.15
N VAL G 50 -19.60 22.06 58.05
CA VAL G 50 -18.39 21.26 57.71
C VAL G 50 -18.34 20.03 58.63
N ILE G 51 -17.77 18.92 58.16
CA ILE G 51 -17.77 17.60 58.86
C ILE G 51 -16.33 17.19 59.17
N ASN G 52 -16.07 16.71 60.40
CA ASN G 52 -14.82 15.98 60.78
C ASN G 52 -15.10 14.49 60.74
N TYR G 53 -14.60 13.79 59.71
CA TYR G 53 -14.99 12.40 59.39
C TYR G 53 -14.30 11.42 60.35
N GLU G 54 -13.12 11.78 60.90
CA GLU G 54 -12.36 10.91 61.84
C GLU G 54 -13.10 10.91 63.20
N ASN G 55 -13.63 12.06 63.64
CA ASN G 55 -14.49 12.14 64.87
C ASN G 55 -15.78 11.36 64.66
N GLU G 56 -16.41 11.51 63.48
CA GLU G 56 -17.74 10.90 63.18
C GLU G 56 -17.58 9.39 63.06
N MET G 57 -16.41 8.90 62.62
CA MET G 57 -16.11 7.45 62.48
C MET G 57 -15.88 6.82 63.87
N SER G 58 -15.27 7.58 64.80
CA SER G 58 -15.08 7.17 66.22
C SER G 58 -16.44 7.10 66.92
N SER G 59 -17.33 8.04 66.62
CA SER G 59 -18.62 8.26 67.31
C SER G 59 -19.67 7.25 66.81
N VAL G 60 -19.29 6.39 65.85
CA VAL G 60 -20.22 5.53 65.05
C VAL G 60 -20.66 4.34 65.90
N ARG G 61 -21.83 3.78 65.60
CA ARG G 61 -22.33 2.50 66.20
C ARG G 61 -23.05 1.69 65.11
N LEU G 62 -22.50 0.53 64.76
CA LEU G 62 -23.01 -0.33 63.66
C LEU G 62 -24.50 -0.66 63.85
N HIS G 63 -25.01 -0.73 65.08
CA HIS G 63 -26.43 -1.09 65.36
C HIS G 63 -27.37 0.08 64.99
N ASN G 64 -26.81 1.23 64.58
CA ASN G 64 -27.57 2.48 64.28
C ASN G 64 -27.99 2.51 62.80
N PHE G 65 -27.17 1.92 61.92
CA PHE G 65 -27.42 1.77 60.45
C PHE G 65 -28.70 0.96 60.22
N SER G 66 -29.46 1.31 59.17
CA SER G 66 -30.73 0.65 58.77
C SER G 66 -30.69 0.26 57.28
N VAL G 67 -29.69 -0.54 56.90
CA VAL G 67 -29.48 -1.04 55.51
C VAL G 67 -30.60 -2.03 55.17
N SER G 68 -31.20 -1.93 53.98
CA SER G 68 -32.35 -2.79 53.56
C SER G 68 -32.53 -2.80 52.03
N LYS G 69 -33.03 -3.91 51.51
CA LYS G 69 -33.66 -4.01 50.17
C LYS G 69 -35.04 -4.64 50.32
N ASN G 70 -36.06 -4.00 49.77
CA ASN G 70 -37.46 -4.48 49.86
C ASN G 70 -37.73 -4.64 51.37
N ASN G 71 -38.30 -5.78 51.79
CA ASN G 71 -38.56 -6.05 53.24
C ASN G 71 -37.52 -7.07 53.75
N VAL G 72 -36.25 -6.83 53.43
CA VAL G 72 -35.07 -7.57 53.95
C VAL G 72 -34.12 -6.59 54.64
N PHE G 73 -34.01 -6.66 55.97
CA PHE G 73 -33.01 -5.91 56.78
C PHE G 73 -31.61 -6.52 56.62
N LEU G 74 -30.56 -5.69 56.69
CA LEU G 74 -29.14 -6.10 56.56
C LEU G 74 -28.32 -5.48 57.69
N GLY G 75 -28.10 -6.25 58.77
CA GLY G 75 -27.26 -5.86 59.92
C GLY G 75 -25.84 -5.60 59.48
N VAL G 76 -25.20 -4.60 60.08
CA VAL G 76 -23.84 -4.13 59.72
C VAL G 76 -22.84 -4.76 60.68
N VAL G 77 -21.88 -5.53 60.17
CA VAL G 77 -20.92 -6.30 61.01
C VAL G 77 -19.59 -5.50 61.11
N SER G 78 -19.19 -4.78 60.05
CA SER G 78 -18.03 -3.84 60.06
C SER G 78 -18.28 -2.65 59.11
N ALA G 79 -17.58 -1.52 59.35
CA ALA G 79 -17.79 -0.23 58.65
C ALA G 79 -16.49 0.56 58.62
N LYS G 80 -15.75 0.47 57.51
CA LYS G 80 -14.51 1.28 57.26
C LYS G 80 -14.81 2.31 56.15
N TYR G 81 -14.15 3.48 56.20
CA TYR G 81 -14.03 4.41 55.06
C TYR G 81 -13.20 3.74 53.98
N LYS G 82 -13.54 3.95 52.72
CA LYS G 82 -12.60 3.89 51.56
C LYS G 82 -12.82 5.14 50.71
N GLY G 83 -11.81 6.01 50.64
CA GLY G 83 -11.95 7.39 50.15
C GLY G 83 -13.16 8.05 50.76
N VAL G 84 -13.97 8.74 49.95
CA VAL G 84 -15.18 9.46 50.42
C VAL G 84 -16.38 8.50 50.48
N ASN G 85 -16.22 7.26 49.99
CA ASN G 85 -17.26 6.21 50.14
C ASN G 85 -17.15 5.57 51.53
N LEU G 86 -18.14 4.77 51.89
CA LEU G 86 -18.23 4.08 53.20
C LEU G 86 -18.61 2.62 52.94
N VAL G 87 -17.63 1.74 52.78
CA VAL G 87 -17.84 0.27 52.65
C VAL G 87 -18.37 -0.30 53.98
N LEU G 88 -19.45 -1.07 53.93
CA LEU G 88 -20.04 -1.79 55.08
C LEU G 88 -20.02 -3.30 54.77
N LYS G 89 -19.54 -4.11 55.70
CA LYS G 89 -19.74 -5.58 55.65
C LYS G 89 -21.13 -5.86 56.23
N VAL G 90 -21.96 -6.62 55.52
CA VAL G 90 -23.36 -6.94 55.93
C VAL G 90 -23.51 -8.47 56.05
N ASN G 91 -24.42 -8.90 56.93
CA ASN G 91 -24.55 -10.29 57.42
C ASN G 91 -25.19 -11.19 56.34
N GLN G 92 -25.40 -10.68 55.11
CA GLN G 92 -25.99 -11.45 53.98
C GLN G 92 -25.29 -11.11 52.66
N VAL G 93 -25.28 -12.06 51.73
CA VAL G 93 -24.72 -11.90 50.37
C VAL G 93 -25.88 -11.60 49.42
N ASN G 94 -25.66 -10.73 48.45
CA ASN G 94 -26.65 -10.40 47.39
C ASN G 94 -26.69 -11.56 46.40
N PRO G 95 -27.77 -12.37 46.40
CA PRO G 95 -27.92 -13.46 45.43
C PRO G 95 -27.94 -12.98 43.97
N ASN G 96 -28.15 -11.68 43.75
CA ASN G 96 -28.38 -11.11 42.39
C ASN G 96 -27.14 -10.29 41.95
N THR G 97 -25.98 -10.50 42.61
CA THR G 97 -24.68 -9.83 42.30
C THR G 97 -24.20 -10.21 40.90
N PRO G 98 -24.06 -9.25 39.98
CA PRO G 98 -23.57 -9.56 38.63
C PRO G 98 -22.04 -9.56 38.50
N GLU G 99 -21.54 -10.29 37.49
CA GLU G 99 -20.23 -10.06 36.82
C GLU G 99 -20.01 -8.55 36.66
N HIS G 100 -18.94 -8.01 37.25
CA HIS G 100 -18.79 -6.57 37.52
C HIS G 100 -17.33 -6.23 37.83
N LYS G 101 -16.68 -5.46 36.96
CA LYS G 101 -15.38 -4.79 37.25
C LYS G 101 -15.67 -3.33 37.63
N PHE G 102 -14.74 -2.67 38.33
CA PHE G 102 -14.75 -1.20 38.60
C PHE G 102 -13.77 -0.52 37.65
N LYS G 103 -14.13 0.65 37.14
CA LYS G 103 -13.22 1.49 36.33
C LYS G 103 -13.60 2.96 36.55
N SER G 104 -12.74 3.85 36.09
CA SER G 104 -12.93 5.32 36.21
C SER G 104 -13.22 5.92 34.82
N ILE G 105 -14.08 6.92 34.79
CA ILE G 105 -14.54 7.55 33.54
C ILE G 105 -13.65 8.76 33.26
N LYS G 106 -13.27 8.96 31.98
CA LYS G 106 -12.42 10.07 31.52
C LYS G 106 -13.30 11.15 30.87
N ALA G 107 -12.78 12.37 30.75
CA ALA G 107 -13.40 13.48 29.99
C ALA G 107 -13.80 12.97 28.60
N GLY G 108 -15.05 13.23 28.20
CA GLY G 108 -15.56 12.95 26.85
C GLY G 108 -16.38 11.68 26.80
N GLU G 109 -16.24 10.81 27.81
CA GLU G 109 -16.81 9.44 27.84
C GLU G 109 -18.24 9.46 28.40
N SER G 110 -19.04 8.49 27.97
CA SER G 110 -20.50 8.40 28.26
C SER G 110 -20.76 7.21 29.19
N PHE G 111 -21.75 7.34 30.06
CA PHE G 111 -22.17 6.26 30.98
C PHE G 111 -23.64 6.48 31.36
N ASN G 112 -24.21 5.53 32.11
CA ASN G 112 -25.63 5.47 32.50
C ASN G 112 -25.73 5.80 33.98
N ILE G 113 -26.71 6.61 34.39
CA ILE G 113 -27.10 6.85 35.80
C ILE G 113 -28.41 6.10 36.07
N LEU G 114 -28.45 5.33 37.15
CA LEU G 114 -29.69 4.79 37.73
C LEU G 114 -30.08 5.69 38.90
N ALA G 115 -30.93 6.67 38.62
CA ALA G 115 -31.44 7.62 39.63
C ALA G 115 -32.18 6.85 40.70
N CYS G 116 -31.68 6.89 41.92
CA CYS G 116 -32.30 6.23 43.11
C CYS G 116 -32.75 7.30 44.11
N TYR G 117 -33.97 7.18 44.58
CA TYR G 117 -34.55 8.07 45.62
C TYR G 117 -34.77 7.24 46.89
N GLU G 118 -33.86 7.35 47.85
CA GLU G 118 -34.02 6.81 49.23
C GLU G 118 -34.17 5.29 49.21
N GLY G 119 -33.51 4.60 48.28
CA GLY G 119 -33.58 3.13 48.20
C GLY G 119 -33.97 2.63 46.83
N CYS G 120 -35.22 2.86 46.38
CA CYS G 120 -35.75 2.25 45.12
C CYS G 120 -35.11 2.92 43.91
N PRO G 121 -34.71 2.14 42.89
CA PRO G 121 -34.42 2.67 41.57
C PRO G 121 -35.72 3.25 40.99
N GLY G 122 -35.61 4.41 40.33
CA GLY G 122 -36.77 5.22 39.86
C GLY G 122 -36.75 5.41 38.35
N SER G 123 -35.61 5.81 37.77
CA SER G 123 -35.45 6.09 36.33
C SER G 123 -33.99 5.91 35.87
N VAL G 124 -33.77 5.95 34.56
CA VAL G 124 -32.49 5.65 33.88
C VAL G 124 -32.27 6.70 32.78
N TYR G 125 -31.09 7.33 32.76
CA TYR G 125 -30.68 8.32 31.73
C TYR G 125 -29.17 8.21 31.48
N GLY G 126 -28.77 8.46 30.24
CA GLY G 126 -27.37 8.61 29.83
C GLY G 126 -26.83 9.95 30.27
N VAL G 127 -25.50 10.02 30.44
CA VAL G 127 -24.73 11.27 30.72
C VAL G 127 -23.37 11.15 30.05
N ASN G 128 -22.54 12.17 30.23
CA ASN G 128 -21.22 12.30 29.56
C ASN G 128 -20.38 13.22 30.43
N MET G 129 -19.14 12.85 30.71
CA MET G 129 -18.34 13.55 31.75
C MET G 129 -17.67 14.77 31.15
N ARG G 130 -17.75 15.88 31.87
CA ARG G 130 -17.14 17.17 31.48
C ARG G 130 -15.65 17.17 31.90
N SER G 131 -14.87 18.04 31.24
CA SER G 131 -13.43 18.34 31.50
C SER G 131 -13.10 18.39 32.99
N GLN G 132 -13.99 18.97 33.80
CA GLN G 132 -13.74 19.31 35.23
C GLN G 132 -14.18 18.17 36.16
N GLY G 133 -14.46 16.97 35.62
CA GLY G 133 -14.88 15.77 36.38
C GLY G 133 -16.34 15.79 36.83
N THR G 134 -17.19 16.67 36.29
CA THR G 134 -18.61 16.81 36.68
C THR G 134 -19.56 16.14 35.66
N ILE G 135 -20.86 16.14 35.95
CA ILE G 135 -21.93 15.79 34.98
C ILE G 135 -23.13 16.71 35.22
N LYS G 136 -23.85 17.04 34.14
CA LYS G 136 -25.17 17.72 34.18
C LYS G 136 -26.27 16.66 34.19
N GLY G 137 -26.69 16.23 35.35
CA GLY G 137 -27.77 15.25 35.46
C GLY G 137 -29.04 15.88 35.96
N SER G 138 -29.86 15.07 36.64
CA SER G 138 -31.02 15.47 37.43
C SER G 138 -30.94 14.75 38.77
N PHE G 139 -30.46 15.46 39.77
CA PHE G 139 -30.16 14.94 41.11
C PHE G 139 -30.85 15.83 42.12
N ILE G 140 -31.31 15.25 43.21
CA ILE G 140 -31.93 16.01 44.35
C ILE G 140 -31.58 15.30 45.68
N ALA G 141 -31.87 15.96 46.79
CA ALA G 141 -31.94 15.36 48.13
C ALA G 141 -32.65 14.01 47.99
N GLY G 142 -32.04 12.95 48.52
CA GLY G 142 -32.56 11.56 48.46
C GLY G 142 -31.73 10.67 47.55
N THR G 143 -30.93 11.25 46.65
CA THR G 143 -30.44 10.55 45.43
C THR G 143 -28.93 10.27 45.52
N CYS G 144 -28.28 10.68 46.62
CA CYS G 144 -26.87 10.32 46.91
C CYS G 144 -26.76 8.79 47.01
N GLY G 145 -25.77 8.20 46.35
CA GLY G 145 -25.62 6.75 46.23
C GLY G 145 -26.06 6.26 44.87
N SER G 146 -26.89 7.05 44.16
CA SER G 146 -27.32 6.73 42.77
C SER G 146 -26.09 6.38 41.98
N VAL G 147 -26.13 5.27 41.25
CA VAL G 147 -24.93 4.58 40.70
C VAL G 147 -24.85 4.86 39.21
N GLY G 148 -23.64 4.92 38.68
CA GLY G 148 -23.36 5.03 37.24
C GLY G 148 -22.59 3.84 36.75
N TYR G 149 -22.93 3.33 35.58
CA TYR G 149 -22.44 2.06 35.03
C TYR G 149 -22.39 2.14 33.51
N VAL G 150 -21.52 1.35 32.90
CA VAL G 150 -21.43 1.16 31.42
C VAL G 150 -21.41 -0.33 31.15
N LEU G 151 -21.84 -0.72 29.96
CA LEU G 151 -21.62 -2.08 29.41
C LEU G 151 -20.72 -1.93 28.18
N GLU G 152 -19.57 -2.63 28.16
CA GLU G 152 -18.66 -2.75 26.99
C GLU G 152 -18.23 -4.21 26.86
N ASN G 153 -18.59 -4.85 25.75
CA ASN G 153 -18.26 -6.26 25.43
C ASN G 153 -18.86 -7.18 26.52
N GLY G 154 -20.09 -6.92 26.95
CA GLY G 154 -20.84 -7.78 27.87
C GLY G 154 -20.37 -7.61 29.30
N ILE G 155 -19.37 -6.75 29.52
CA ILE G 155 -18.78 -6.47 30.86
C ILE G 155 -19.53 -5.29 31.47
N LEU G 156 -19.86 -5.39 32.76
CA LEU G 156 -20.58 -4.36 33.56
C LEU G 156 -19.59 -3.63 34.48
N TYR G 157 -19.24 -2.38 34.15
CA TYR G 157 -18.41 -1.45 34.98
C TYR G 157 -19.33 -0.58 35.86
N PHE G 158 -19.20 -0.68 37.18
CA PHE G 158 -19.59 0.38 38.14
C PHE G 158 -18.51 1.47 38.09
N VAL G 159 -18.90 2.72 37.74
CA VAL G 159 -17.97 3.83 37.38
C VAL G 159 -18.31 5.10 38.16
N TYR G 160 -19.42 5.14 38.91
CA TYR G 160 -19.92 6.40 39.51
C TYR G 160 -20.89 6.11 40.64
N MET G 161 -20.70 6.81 41.75
CA MET G 161 -21.64 6.90 42.90
C MET G 161 -21.77 8.38 43.26
N HIS G 162 -22.98 8.86 43.54
CA HIS G 162 -23.30 10.31 43.57
C HIS G 162 -23.21 10.86 44.99
N HIS G 163 -22.56 12.02 45.15
CA HIS G 163 -22.21 12.67 46.44
C HIS G 163 -22.87 14.05 46.58
N LEU G 164 -22.71 14.95 45.60
CA LEU G 164 -23.06 16.38 45.82
C LEU G 164 -23.36 17.14 44.53
N GLU G 165 -23.83 18.39 44.72
CA GLU G 165 -24.19 19.39 43.71
C GLU G 165 -23.38 20.68 43.97
N LEU G 166 -22.83 21.28 42.91
CA LEU G 166 -22.20 22.62 42.97
C LEU G 166 -23.25 23.71 42.78
N GLY G 167 -22.88 24.97 42.99
CA GLY G 167 -23.80 26.13 42.90
C GLY G 167 -24.26 26.36 41.48
N ASN G 168 -23.52 25.87 40.48
CA ASN G 168 -23.88 26.00 39.05
C ASN G 168 -24.74 24.80 38.63
N GLY G 169 -25.09 23.92 39.58
CA GLY G 169 -26.01 22.78 39.34
C GLY G 169 -25.34 21.62 38.61
N SER G 170 -24.03 21.69 38.41
CA SER G 170 -23.18 20.52 38.10
C SER G 170 -23.31 19.52 39.26
N HIS G 171 -22.94 18.27 39.03
CA HIS G 171 -23.11 17.15 39.99
C HIS G 171 -21.80 16.39 40.11
N VAL G 172 -21.44 16.04 41.34
CA VAL G 172 -20.11 15.46 41.65
C VAL G 172 -20.34 14.09 42.27
N GLY G 173 -19.67 13.10 41.72
CA GLY G 173 -19.65 11.74 42.28
C GLY G 173 -18.24 11.25 42.45
N SER G 174 -18.11 10.08 43.05
CA SER G 174 -16.83 9.34 43.14
C SER G 174 -16.88 8.16 42.19
N ASN G 175 -15.73 7.59 41.91
CA ASN G 175 -15.61 6.20 41.43
C ASN G 175 -15.89 5.27 42.63
N LEU G 176 -15.89 3.96 42.44
CA LEU G 176 -16.27 3.00 43.51
C LEU G 176 -15.09 2.81 44.46
N GLU G 177 -13.89 3.14 43.98
CA GLU G 177 -12.62 3.07 44.74
C GLU G 177 -12.62 4.12 45.85
N GLY G 178 -13.44 5.17 45.72
CA GLY G 178 -13.63 6.18 46.78
C GLY G 178 -13.01 7.53 46.42
N GLU G 179 -12.48 7.68 45.20
CA GLU G 179 -11.80 8.89 44.70
C GLU G 179 -12.82 9.79 43.98
N MET G 180 -13.30 10.84 44.66
CA MET G 180 -14.19 11.88 44.07
C MET G 180 -13.67 12.37 42.72
N TYR G 181 -14.49 12.29 41.68
CA TYR G 181 -14.20 12.84 40.32
C TYR G 181 -13.90 14.34 40.46
N GLY G 182 -12.88 14.82 39.75
CA GLY G 182 -12.54 16.26 39.63
C GLY G 182 -11.87 16.81 40.88
N GLY G 183 -11.52 15.90 41.80
CA GLY G 183 -10.91 16.20 43.11
C GLY G 183 -11.64 17.31 43.86
N TYR G 184 -12.97 17.35 43.78
CA TYR G 184 -13.83 18.11 44.73
C TYR G 184 -13.78 17.39 46.06
N GLU G 185 -13.94 18.10 47.17
CA GLU G 185 -13.95 17.44 48.49
C GLU G 185 -15.40 17.29 48.94
N ASP G 186 -15.60 16.37 49.88
CA ASP G 186 -16.90 15.73 50.21
C ASP G 186 -17.57 16.54 51.33
N GLN G 187 -17.55 17.87 51.21
CA GLN G 187 -18.00 18.84 52.26
C GLN G 187 -19.01 19.81 51.66
N PRO G 188 -19.93 20.41 52.48
CA PRO G 188 -20.94 21.35 51.98
C PRO G 188 -20.57 22.84 51.89
N SER G 189 -19.30 23.19 51.68
CA SER G 189 -18.89 24.55 51.27
C SER G 189 -19.46 24.83 49.87
N MET G 190 -19.75 26.10 49.54
CA MET G 190 -19.86 26.55 48.12
C MET G 190 -18.57 26.14 47.41
N GLN G 191 -18.70 25.41 46.31
CA GLN G 191 -17.54 24.97 45.48
C GLN G 191 -17.80 25.30 44.02
N LEU G 192 -16.93 26.09 43.39
CA LEU G 192 -17.02 26.47 41.96
C LEU G 192 -16.54 25.29 41.09
N GLU G 193 -17.06 25.21 39.86
CA GLU G 193 -16.70 24.16 38.89
C GLU G 193 -15.32 24.46 38.30
N GLY G 194 -15.16 25.62 37.68
CA GLY G 194 -14.06 25.89 36.74
C GLY G 194 -14.55 25.95 35.30
N THR G 195 -13.76 26.57 34.42
CA THR G 195 -13.95 26.62 32.95
C THR G 195 -14.30 25.23 32.45
N ASN G 196 -15.40 25.09 31.68
CA ASN G 196 -15.81 23.83 31.01
C ASN G 196 -15.14 23.76 29.63
N VAL G 197 -14.33 22.74 29.38
CA VAL G 197 -13.64 22.50 28.08
C VAL G 197 -14.42 21.42 27.33
N MET G 198 -14.91 21.77 26.13
CA MET G 198 -15.84 20.94 25.33
C MET G 198 -15.03 19.90 24.56
N SER G 199 -15.51 18.65 24.56
CA SER G 199 -14.96 17.51 23.78
C SER G 199 -15.11 17.77 22.28
N SER G 200 -14.00 18.05 21.61
CA SER G 200 -13.94 18.21 20.14
C SER G 200 -14.35 16.90 19.46
N ASP G 201 -13.90 15.76 19.99
CA ASP G 201 -14.32 14.42 19.49
C ASP G 201 -15.86 14.45 19.33
N ASN G 202 -16.54 14.80 20.41
CA ASN G 202 -18.00 14.60 20.61
C ASN G 202 -18.77 15.68 19.85
N VAL G 203 -18.16 16.85 19.62
CA VAL G 203 -18.83 18.02 18.96
C VAL G 203 -18.73 17.85 17.46
N VAL G 204 -17.77 17.05 16.99
CA VAL G 204 -17.64 16.67 15.55
C VAL G 204 -18.67 15.58 15.26
N ALA G 205 -18.75 14.57 16.14
CA ALA G 205 -19.77 13.50 16.10
C ALA G 205 -21.17 14.12 16.16
N PHE G 206 -21.35 15.21 16.91
CA PHE G 206 -22.65 15.90 17.03
C PHE G 206 -23.04 16.49 15.67
N LEU G 207 -22.07 17.04 14.94
CA LEU G 207 -22.30 17.73 13.64
C LEU G 207 -22.53 16.69 12.53
N TYR G 208 -21.82 15.56 12.59
CA TYR G 208 -21.95 14.44 11.62
C TYR G 208 -23.38 13.91 11.62
N ALA G 209 -23.98 13.70 12.81
CA ALA G 209 -25.38 13.25 12.96
C ALA G 209 -26.32 14.20 12.21
N ALA G 210 -26.11 15.51 12.36
CA ALA G 210 -26.91 16.58 11.71
C ALA G 210 -26.77 16.51 10.18
N LEU G 211 -25.58 16.14 9.67
CA LEU G 211 -25.34 15.91 8.21
C LEU G 211 -26.21 14.75 7.73
N ILE G 212 -26.24 13.65 8.50
CA ILE G 212 -26.99 12.41 8.18
C ILE G 212 -28.49 12.69 8.31
N ASN G 213 -28.89 13.45 9.34
CA ASN G 213 -30.30 13.72 9.70
C ASN G 213 -30.81 14.96 8.93
N GLY G 214 -30.11 15.37 7.87
CA GLY G 214 -30.60 16.37 6.90
C GLY G 214 -30.49 17.79 7.43
N GLU G 215 -29.29 18.19 7.87
CA GLU G 215 -28.91 19.61 8.12
C GLU G 215 -27.48 19.81 7.60
N ARG G 216 -27.27 20.81 6.73
CA ARG G 216 -25.95 21.17 6.15
C ARG G 216 -25.70 22.67 6.23
N TRP G 217 -26.64 23.43 6.81
CA TRP G 217 -26.58 24.92 6.87
C TRP G 217 -25.15 25.39 7.13
N PHE G 218 -24.49 24.81 8.14
CA PHE G 218 -23.20 25.31 8.72
C PHE G 218 -22.03 24.99 7.78
N VAL G 219 -22.04 23.81 7.15
CA VAL G 219 -20.95 23.33 6.25
C VAL G 219 -20.77 24.33 5.10
N THR G 220 -19.54 24.80 4.91
CA THR G 220 -19.09 25.70 3.81
C THR G 220 -18.06 24.91 2.98
N ASN G 221 -17.51 25.49 1.92
CA ASN G 221 -16.45 24.87 1.08
C ASN G 221 -15.12 24.86 1.85
N THR G 222 -14.84 25.95 2.58
CA THR G 222 -13.60 26.21 3.37
C THR G 222 -13.38 25.09 4.41
N SER G 223 -12.16 24.56 4.50
CA SER G 223 -11.78 23.49 5.47
C SER G 223 -10.57 23.95 6.30
N MET G 224 -10.35 23.31 7.46
CA MET G 224 -9.27 23.62 8.43
C MET G 224 -8.47 22.33 8.71
N SER G 225 -7.20 22.44 9.07
CA SER G 225 -6.32 21.26 9.33
C SER G 225 -6.44 20.85 10.80
N LEU G 226 -5.89 19.68 11.13
CA LEU G 226 -5.86 19.10 12.52
C LEU G 226 -5.03 20.01 13.43
N GLU G 227 -3.77 20.28 13.05
CA GLU G 227 -2.74 20.93 13.92
C GLU G 227 -2.99 22.45 13.97
N SER G 228 -3.82 22.98 13.07
CA SER G 228 -4.20 24.41 12.99
C SER G 228 -5.45 24.68 13.84
N TYR G 229 -6.37 23.70 13.92
CA TYR G 229 -7.55 23.70 14.84
C TYR G 229 -7.09 23.47 16.28
N ASN G 230 -6.35 22.38 16.51
CA ASN G 230 -5.75 22.04 17.83
C ASN G 230 -5.16 23.31 18.44
N THR G 231 -4.38 24.05 17.66
CA THR G 231 -3.81 25.38 18.04
C THR G 231 -4.95 26.28 18.51
N TRP G 232 -6.02 26.39 17.70
CA TRP G 232 -7.17 27.30 17.94
C TRP G 232 -7.88 26.92 19.25
N ALA G 233 -8.00 25.61 19.51
CA ALA G 233 -8.79 25.02 20.62
C ALA G 233 -8.12 25.35 21.97
N LYS G 234 -6.79 25.21 22.04
CA LYS G 234 -5.93 25.57 23.21
C LYS G 234 -6.42 26.88 23.84
N THR G 235 -6.65 27.92 23.05
CA THR G 235 -6.95 29.30 23.56
C THR G 235 -8.46 29.55 23.60
N ASN G 236 -9.28 28.51 23.38
CA ASN G 236 -10.74 28.68 23.08
C ASN G 236 -11.61 27.69 23.87
N SER G 237 -11.04 26.95 24.83
CA SER G 237 -11.76 26.02 25.74
C SER G 237 -12.38 24.86 24.96
N PHE G 238 -11.65 24.28 24.00
CA PHE G 238 -12.00 22.99 23.35
C PHE G 238 -10.84 22.02 23.51
N THR G 239 -11.11 20.71 23.50
CA THR G 239 -10.09 19.65 23.54
C THR G 239 -9.36 19.61 22.20
N GLU G 240 -8.36 18.74 22.09
CA GLU G 240 -7.58 18.53 20.86
C GLU G 240 -8.02 17.18 20.28
N LEU G 241 -8.14 17.11 18.96
CA LEU G 241 -8.61 15.90 18.23
C LEU G 241 -7.50 14.83 18.27
N SER G 242 -7.83 13.63 18.77
CA SER G 242 -6.90 12.47 18.89
C SER G 242 -6.33 12.10 17.52
N SER G 243 -7.23 11.86 16.57
CA SER G 243 -6.97 11.44 15.17
C SER G 243 -8.27 11.66 14.39
N ILE G 244 -8.21 11.80 13.06
CA ILE G 244 -9.44 11.78 12.23
C ILE G 244 -9.72 10.34 11.79
N ASP G 245 -8.84 9.41 12.16
CA ASP G 245 -8.95 7.97 11.80
C ASP G 245 -10.18 7.36 12.49
N ALA G 246 -10.54 7.85 13.67
CA ALA G 246 -11.78 7.48 14.42
C ALA G 246 -13.02 7.80 13.57
N PHE G 247 -12.98 8.91 12.83
CA PHE G 247 -14.11 9.46 12.02
C PHE G 247 -13.99 9.00 10.55
N SER G 248 -13.73 7.71 10.33
CA SER G 248 -13.56 7.09 8.99
C SER G 248 -14.93 6.67 8.43
N MET G 249 -15.53 5.61 9.01
CA MET G 249 -16.88 5.11 8.62
C MET G 249 -17.83 6.29 8.40
N LEU G 250 -17.72 7.34 9.23
CA LEU G 250 -18.68 8.48 9.26
C LEU G 250 -18.25 9.54 8.22
N ALA G 251 -16.95 9.65 7.93
CA ALA G 251 -16.40 10.52 6.86
C ALA G 251 -17.00 10.09 5.51
N ALA G 252 -17.13 8.78 5.30
CA ALA G 252 -17.68 8.17 4.07
C ALA G 252 -19.17 8.52 3.93
N LYS G 253 -20.02 7.93 4.79
CA LYS G 253 -21.50 7.99 4.67
C LYS G 253 -21.99 9.45 4.61
N THR G 254 -21.11 10.41 4.94
CA THR G 254 -21.36 11.88 4.79
C THR G 254 -20.81 12.37 3.45
N GLY G 255 -19.63 11.87 3.05
CA GLY G 255 -18.86 12.36 1.89
C GLY G 255 -17.91 13.48 2.28
N GLN G 256 -18.03 13.98 3.50
CA GLN G 256 -17.26 15.14 4.05
C GLN G 256 -16.09 14.61 4.91
N SER G 257 -14.90 15.18 4.73
CA SER G 257 -13.72 14.99 5.62
C SER G 257 -13.95 15.74 6.94
N VAL G 258 -13.23 15.38 7.99
CA VAL G 258 -13.33 16.00 9.35
C VAL G 258 -12.95 17.48 9.26
N GLU G 259 -11.93 17.80 8.46
CA GLU G 259 -11.30 19.14 8.31
C GLU G 259 -12.35 20.16 7.87
N LYS G 260 -13.36 19.71 7.12
CA LYS G 260 -14.53 20.52 6.71
C LYS G 260 -15.22 21.04 7.98
N LEU G 261 -15.40 20.16 8.98
CA LEU G 261 -16.32 20.37 10.14
C LEU G 261 -15.57 21.00 11.32
N LEU G 262 -14.27 20.76 11.44
CA LEU G 262 -13.39 21.51 12.38
C LEU G 262 -13.53 23.01 12.10
N ASP G 263 -13.66 23.37 10.83
CA ASP G 263 -13.91 24.76 10.34
C ASP G 263 -15.27 25.24 10.84
N SER G 264 -16.30 24.38 10.75
CA SER G 264 -17.70 24.64 11.19
C SER G 264 -17.69 25.09 12.66
N ILE G 265 -17.03 24.31 13.52
CA ILE G 265 -16.94 24.56 14.99
C ILE G 265 -16.47 26.00 15.20
N VAL G 266 -15.37 26.37 14.53
CA VAL G 266 -14.61 27.64 14.79
C VAL G 266 -15.54 28.83 14.55
N ARG G 267 -16.36 28.77 13.49
CA ARG G 267 -17.33 29.83 13.10
C ARG G 267 -18.55 29.76 14.04
N LEU G 268 -19.01 28.54 14.33
CA LEU G 268 -20.26 28.28 15.09
C LEU G 268 -20.05 28.67 16.56
N ASN G 269 -18.84 28.49 17.10
CA ASN G 269 -18.51 28.77 18.52
C ASN G 269 -18.87 30.22 18.85
N LYS G 270 -18.31 31.16 18.07
CA LYS G 270 -18.45 32.64 18.23
C LYS G 270 -19.94 33.00 18.36
N GLY G 271 -20.81 32.25 17.67
CA GLY G 271 -22.28 32.38 17.70
C GLY G 271 -22.93 31.54 16.62
N PHE G 272 -24.20 31.15 16.81
CA PHE G 272 -24.96 30.20 15.94
C PHE G 272 -25.71 30.97 14.83
N GLY G 273 -26.15 32.20 15.16
CA GLY G 273 -27.17 32.96 14.42
C GLY G 273 -28.48 32.95 15.18
N GLY G 274 -29.59 32.71 14.46
CA GLY G 274 -30.89 32.35 15.05
C GLY G 274 -31.15 30.85 14.95
N ARG G 275 -30.28 30.13 14.24
CA ARG G 275 -30.49 28.75 13.75
C ARG G 275 -30.57 27.76 14.92
N THR G 276 -30.76 26.48 14.59
CA THR G 276 -30.64 25.33 15.52
C THR G 276 -30.00 24.15 14.76
N ILE G 277 -29.24 23.31 15.45
CA ILE G 277 -28.84 21.96 14.95
C ILE G 277 -29.51 20.91 15.85
N LEU G 278 -30.21 19.94 15.25
CA LEU G 278 -31.02 18.94 15.99
C LEU G 278 -31.83 19.66 17.07
N SER G 279 -32.40 20.81 16.69
CA SER G 279 -33.12 21.77 17.57
C SER G 279 -32.20 22.22 18.72
N TYR G 280 -30.91 22.45 18.43
CA TYR G 280 -29.89 22.88 19.43
C TYR G 280 -29.51 24.35 19.17
N GLY G 281 -29.61 25.18 20.21
CA GLY G 281 -29.22 26.61 20.19
C GLY G 281 -27.81 26.84 20.71
N SER G 282 -26.97 25.79 20.68
CA SER G 282 -25.60 25.77 21.24
C SER G 282 -24.94 24.44 20.84
N LEU G 283 -23.61 24.40 20.73
CA LEU G 283 -22.86 23.17 20.33
C LEU G 283 -23.03 22.12 21.43
N CYS G 284 -23.04 20.84 21.07
CA CYS G 284 -23.34 19.70 21.96
C CYS G 284 -22.17 18.71 21.98
N ASP G 285 -21.57 18.50 23.17
CA ASP G 285 -20.43 17.56 23.40
C ASP G 285 -20.93 16.32 24.14
N GLU G 286 -22.25 16.12 24.19
CA GLU G 286 -22.91 15.08 25.02
C GLU G 286 -22.76 13.70 24.35
N PHE G 287 -22.45 13.66 23.06
CA PHE G 287 -22.59 12.42 22.23
C PHE G 287 -21.23 12.00 21.68
N THR G 288 -20.80 10.75 21.97
CA THR G 288 -19.48 10.19 21.61
C THR G 288 -19.52 9.64 20.19
N PRO G 289 -18.38 9.66 19.44
CA PRO G 289 -18.32 9.06 18.10
C PRO G 289 -18.98 7.68 18.02
N THR G 290 -18.59 6.76 18.90
CA THR G 290 -19.25 5.44 19.12
C THR G 290 -20.77 5.58 19.09
N GLU G 291 -21.30 6.47 19.95
CA GLU G 291 -22.76 6.63 20.22
C GLU G 291 -23.46 7.06 18.93
N VAL G 292 -22.93 8.08 18.27
CA VAL G 292 -23.52 8.69 17.04
C VAL G 292 -23.49 7.65 15.91
N ILE G 293 -22.47 6.78 15.88
CA ILE G 293 -22.37 5.61 14.97
C ILE G 293 -23.55 4.67 15.24
N ARG G 294 -23.61 4.11 16.46
CA ARG G 294 -24.62 3.08 16.88
C ARG G 294 -26.04 3.55 16.51
N GLN G 295 -26.30 4.84 16.65
CA GLN G 295 -27.64 5.45 16.58
C GLN G 295 -27.91 5.96 15.16
N MET G 296 -27.12 5.52 14.18
CA MET G 296 -27.27 5.94 12.75
C MET G 296 -27.11 4.73 11.81
N TYR G 297 -26.34 3.69 12.20
CA TYR G 297 -26.06 2.47 11.38
C TYR G 297 -25.81 1.22 12.27
N GLY G 298 -26.61 1.02 13.32
CA GLY G 298 -26.52 -0.15 14.22
C GLY G 298 -25.10 -0.63 14.39
N SER H 1 -30.00 21.36 40.15
CA SER H 1 -30.84 20.10 40.25
C SER H 1 -30.98 19.46 38.86
N GLY H 2 -31.36 20.24 37.85
CA GLY H 2 -31.33 19.80 36.44
C GLY H 2 -32.63 19.15 36.03
N LEU H 3 -32.87 19.05 34.71
CA LEU H 3 -34.06 18.36 34.15
C LEU H 3 -33.63 17.50 32.97
N ARG H 4 -33.91 16.21 33.05
CA ARG H 4 -33.46 15.21 32.07
C ARG H 4 -34.62 14.28 31.75
N LYS H 5 -34.82 14.01 30.47
CA LYS H 5 -35.82 13.03 29.99
C LYS H 5 -35.33 11.66 30.41
N MET H 6 -36.14 10.95 31.17
CA MET H 6 -35.72 9.71 31.85
C MET H 6 -36.63 8.54 31.43
N ALA H 7 -36.10 7.33 31.44
CA ALA H 7 -36.81 6.08 31.14
C ALA H 7 -37.01 5.30 32.45
N GLN H 8 -38.26 4.92 32.74
CA GLN H 8 -38.60 3.95 33.81
C GLN H 8 -37.89 2.63 33.52
N PRO H 9 -37.20 2.03 34.51
CA PRO H 9 -36.41 0.81 34.30
C PRO H 9 -37.13 -0.32 33.56
N SER H 10 -36.39 -1.06 32.72
CA SER H 10 -36.89 -2.08 31.77
C SER H 10 -36.70 -3.50 32.35
N GLY H 11 -36.20 -3.59 33.59
CA GLY H 11 -35.86 -4.85 34.27
C GLY H 11 -36.93 -5.91 34.10
N LEU H 12 -38.22 -5.54 34.23
CA LEU H 12 -39.37 -6.47 34.15
C LEU H 12 -39.78 -6.67 32.69
N VAL H 13 -39.23 -5.88 31.75
CA VAL H 13 -39.70 -5.86 30.32
C VAL H 13 -38.68 -6.60 29.44
N GLU H 14 -37.37 -6.45 29.73
CA GLU H 14 -36.23 -6.90 28.86
C GLU H 14 -36.40 -8.38 28.49
N PRO H 15 -36.80 -9.26 29.43
CA PRO H 15 -36.81 -10.70 29.16
C PRO H 15 -37.85 -11.18 28.14
N CYS H 16 -38.64 -10.27 27.53
CA CYS H 16 -39.84 -10.62 26.71
C CYS H 16 -39.63 -10.32 25.22
N ILE H 17 -38.41 -10.00 24.81
CA ILE H 17 -38.14 -9.52 23.42
C ILE H 17 -37.53 -10.69 22.63
N VAL H 18 -37.90 -10.83 21.36
CA VAL H 18 -37.44 -11.94 20.48
C VAL H 18 -37.18 -11.41 19.07
N ARG H 19 -36.42 -12.18 18.30
CA ARG H 19 -36.16 -11.98 16.85
C ARG H 19 -37.26 -12.66 16.04
N VAL H 20 -37.58 -12.09 14.86
CA VAL H 20 -38.66 -12.56 13.93
C VAL H 20 -38.22 -12.17 12.50
N SER H 21 -38.10 -13.13 11.59
CA SER H 21 -37.46 -12.94 10.26
C SER H 21 -38.19 -13.74 9.18
N TYR H 22 -38.17 -13.21 7.94
CA TYR H 22 -38.91 -13.72 6.76
C TYR H 22 -38.32 -13.06 5.50
N GLY H 23 -37.63 -13.85 4.66
CA GLY H 23 -37.01 -13.39 3.40
C GLY H 23 -35.72 -12.63 3.66
N ASN H 24 -35.62 -11.40 3.12
CA ASN H 24 -34.51 -10.43 3.39
C ASN H 24 -34.80 -9.67 4.70
N ASN H 25 -36.07 -9.59 5.09
CA ASN H 25 -36.61 -8.61 6.08
C ASN H 25 -36.54 -9.19 7.51
N VAL H 26 -35.98 -8.41 8.45
CA VAL H 26 -35.73 -8.81 9.87
C VAL H 26 -36.32 -7.75 10.81
N LEU H 27 -36.99 -8.17 11.91
CA LEU H 27 -37.47 -7.25 12.98
C LEU H 27 -37.80 -8.02 14.29
N ASN H 28 -38.63 -7.41 15.15
CA ASN H 28 -38.74 -7.67 16.62
C ASN H 28 -40.14 -8.18 16.98
N GLY H 29 -40.35 -8.59 18.23
CA GLY H 29 -41.69 -8.92 18.74
C GLY H 29 -41.67 -9.31 20.21
N LEU H 30 -42.85 -9.53 20.79
CA LEU H 30 -43.07 -9.53 22.26
C LEU H 30 -43.62 -10.89 22.72
N TRP H 31 -42.92 -11.54 23.66
CA TRP H 31 -43.22 -12.91 24.21
C TRP H 31 -43.67 -12.80 25.66
N LEU H 32 -44.89 -12.31 25.88
CA LEU H 32 -45.57 -12.35 27.20
C LEU H 32 -46.35 -13.66 27.31
N GLY H 33 -46.40 -14.25 28.50
CA GLY H 33 -47.01 -15.57 28.75
C GLY H 33 -46.58 -16.58 27.71
N ASP H 34 -47.50 -16.95 26.78
CA ASP H 34 -47.23 -17.86 25.63
C ASP H 34 -47.54 -17.13 24.32
N GLU H 35 -47.58 -15.80 24.36
CA GLU H 35 -48.07 -14.94 23.24
C GLU H 35 -46.88 -14.17 22.66
N VAL H 36 -46.76 -14.11 21.33
CA VAL H 36 -45.71 -13.33 20.60
C VAL H 36 -46.39 -12.50 19.48
N ILE H 37 -46.19 -11.16 19.51
CA ILE H 37 -46.83 -10.17 18.59
C ILE H 37 -45.71 -9.46 17.82
N CYS H 38 -46.01 -8.88 16.66
CA CYS H 38 -45.00 -8.28 15.76
C CYS H 38 -45.67 -7.50 14.65
N PRO H 39 -44.96 -6.57 13.97
CA PRO H 39 -45.47 -5.93 12.76
C PRO H 39 -45.66 -6.93 11.62
N ARG H 40 -46.69 -6.70 10.79
CA ARG H 40 -47.17 -7.67 9.78
C ARG H 40 -46.51 -7.36 8.43
N HIS H 41 -45.73 -6.27 8.33
CA HIS H 41 -44.93 -5.89 7.12
C HIS H 41 -43.60 -6.64 7.10
N VAL H 42 -43.37 -7.53 8.10
CA VAL H 42 -42.23 -8.49 8.15
C VAL H 42 -42.28 -9.38 6.91
N ILE H 43 -43.50 -9.78 6.49
CA ILE H 43 -43.76 -10.82 5.45
C ILE H 43 -43.64 -10.20 4.05
N ALA H 44 -44.04 -8.93 3.89
CA ALA H 44 -44.09 -8.19 2.61
C ALA H 44 -42.75 -8.30 1.88
N SER H 45 -42.72 -8.99 0.74
CA SER H 45 -41.50 -9.28 -0.06
C SER H 45 -40.91 -7.98 -0.61
N ASP H 46 -41.79 -7.01 -0.92
CA ASP H 46 -41.44 -5.65 -1.42
C ASP H 46 -41.99 -4.61 -0.45
N THR H 47 -41.14 -3.97 0.35
CA THR H 47 -41.52 -2.90 1.30
C THR H 47 -41.30 -1.53 0.63
N THR H 48 -40.59 -1.51 -0.50
CA THR H 48 -40.17 -0.29 -1.23
C THR H 48 -41.30 0.18 -2.16
N ARG H 49 -42.38 -0.61 -2.25
CA ARG H 49 -43.51 -0.40 -3.20
C ARG H 49 -44.81 -0.85 -2.52
N VAL H 50 -45.90 -0.09 -2.74
CA VAL H 50 -47.22 -0.26 -2.06
C VAL H 50 -47.63 -1.74 -2.13
N ILE H 51 -48.10 -2.30 -1.01
CA ILE H 51 -48.21 -3.76 -0.73
C ILE H 51 -49.69 -4.15 -0.73
N ASN H 52 -49.99 -5.45 -0.59
CA ASN H 52 -51.35 -5.97 -0.28
C ASN H 52 -51.24 -7.10 0.76
N TYR H 53 -52.09 -7.05 1.79
CA TYR H 53 -51.98 -7.85 3.05
C TYR H 53 -53.04 -8.95 3.09
N GLU H 54 -53.95 -8.98 2.10
CA GLU H 54 -54.86 -10.13 1.81
C GLU H 54 -54.01 -11.29 1.27
N ASN H 55 -53.11 -10.99 0.33
CA ASN H 55 -52.41 -11.99 -0.55
C ASN H 55 -51.28 -12.66 0.23
N GLU H 56 -50.46 -11.87 0.95
CA GLU H 56 -49.26 -12.33 1.70
C GLU H 56 -49.69 -13.16 2.93
N MET H 57 -51.00 -13.26 3.19
CA MET H 57 -51.59 -14.15 4.22
C MET H 57 -52.28 -15.36 3.56
N SER H 58 -52.32 -15.39 2.22
CA SER H 58 -52.88 -16.51 1.40
C SER H 58 -51.76 -17.27 0.66
N SER H 59 -50.49 -17.04 1.05
CA SER H 59 -49.30 -17.78 0.54
C SER H 59 -48.16 -17.74 1.57
N VAL H 60 -48.43 -18.23 2.78
CA VAL H 60 -47.52 -18.14 3.97
C VAL H 60 -47.31 -19.55 4.53
N ARG H 61 -46.13 -19.77 5.13
CA ARG H 61 -45.72 -21.05 5.78
C ARG H 61 -46.23 -21.04 7.24
N LEU H 62 -45.31 -21.28 8.19
CA LEU H 62 -45.55 -21.20 9.66
C LEU H 62 -44.20 -21.37 10.38
N SER H 66 -38.47 -17.19 11.11
CA SER H 66 -37.47 -17.53 12.17
C SER H 66 -37.71 -16.64 13.40
N VAL H 67 -38.23 -17.24 14.48
CA VAL H 67 -38.56 -16.53 15.76
C VAL H 67 -37.72 -17.15 16.89
N SER H 68 -37.02 -16.31 17.68
CA SER H 68 -35.99 -16.76 18.67
C SER H 68 -35.70 -15.70 19.73
N LYS H 69 -35.42 -16.16 20.96
CA LYS H 69 -34.90 -15.39 22.11
C LYS H 69 -33.66 -16.09 22.69
N ASN H 70 -32.54 -15.37 22.83
CA ASN H 70 -31.26 -15.88 23.40
C ASN H 70 -30.91 -17.24 22.76
N SER H 78 -49.73 -21.58 17.34
CA SER H 78 -50.77 -20.97 16.46
C SER H 78 -50.31 -19.57 16.00
N ALA H 79 -51.02 -19.00 15.01
CA ALA H 79 -50.75 -17.69 14.38
C ALA H 79 -52.08 -17.08 13.89
N LYS H 80 -52.15 -15.74 13.81
CA LYS H 80 -53.35 -14.98 13.36
C LYS H 80 -52.99 -13.51 13.10
N TYR H 81 -54.02 -12.65 13.00
CA TYR H 81 -53.92 -11.17 13.00
C TYR H 81 -54.56 -10.59 14.27
N LYS H 82 -54.17 -9.36 14.62
CA LYS H 82 -54.84 -8.50 15.63
C LYS H 82 -54.63 -7.03 15.22
N GLY H 83 -55.25 -6.61 14.11
CA GLY H 83 -55.08 -5.27 13.51
C GLY H 83 -53.85 -5.22 12.61
N VAL H 84 -53.16 -4.05 12.57
CA VAL H 84 -51.93 -3.82 11.75
C VAL H 84 -50.78 -4.65 12.33
N ASN H 85 -50.99 -5.27 13.50
CA ASN H 85 -50.02 -6.21 14.13
C ASN H 85 -50.28 -7.64 13.63
N LEU H 86 -49.25 -8.48 13.66
CA LEU H 86 -49.29 -9.94 13.34
C LEU H 86 -49.04 -10.72 14.64
N VAL H 87 -49.96 -11.62 14.99
CA VAL H 87 -49.93 -12.35 16.30
C VAL H 87 -49.27 -13.72 16.09
N LEU H 88 -48.81 -14.34 17.20
CA LEU H 88 -48.30 -15.74 17.29
C LEU H 88 -48.45 -16.22 18.75
N LYS H 89 -48.27 -17.51 18.99
CA LYS H 89 -48.28 -18.13 20.35
C LYS H 89 -47.38 -19.37 20.35
N VAL H 90 -46.76 -19.66 21.50
CA VAL H 90 -45.61 -20.60 21.63
C VAL H 90 -45.94 -21.72 22.63
N ASN H 91 -45.14 -22.78 22.58
CA ASN H 91 -45.17 -23.98 23.47
C ASN H 91 -44.60 -23.61 24.86
N GLN H 92 -43.41 -23.00 24.86
CA GLN H 92 -42.69 -22.57 26.08
C GLN H 92 -43.39 -21.32 26.62
N VAL H 93 -43.51 -21.21 27.95
CA VAL H 93 -44.13 -20.02 28.63
C VAL H 93 -43.02 -19.24 29.34
N ASN H 94 -42.78 -17.99 28.95
CA ASN H 94 -41.73 -17.15 29.58
C ASN H 94 -41.89 -17.24 31.09
N PRO H 95 -40.92 -17.84 31.81
CA PRO H 95 -41.01 -17.98 33.26
C PRO H 95 -41.22 -16.63 33.97
N ASN H 96 -40.48 -15.60 33.54
CA ASN H 96 -40.44 -14.24 34.18
C ASN H 96 -41.59 -13.36 33.69
N THR H 97 -42.37 -13.81 32.69
CA THR H 97 -43.46 -13.02 32.04
C THR H 97 -44.22 -12.27 33.13
N PRO H 98 -44.42 -10.95 32.98
CA PRO H 98 -44.87 -10.10 34.08
C PRO H 98 -46.39 -9.85 34.06
N GLU H 99 -46.95 -9.58 35.24
CA GLU H 99 -48.38 -9.18 35.38
C GLU H 99 -48.57 -7.84 34.67
N HIS H 100 -48.94 -7.89 33.39
CA HIS H 100 -48.97 -6.74 32.44
C HIS H 100 -50.40 -6.24 32.26
N LYS H 101 -50.58 -5.20 31.43
CA LYS H 101 -51.88 -4.78 30.82
C LYS H 101 -51.59 -4.03 29.52
N PHE H 102 -52.52 -4.05 28.56
CA PHE H 102 -52.50 -3.20 27.33
C PHE H 102 -53.36 -1.94 27.59
N LYS H 103 -52.87 -0.78 27.14
CA LYS H 103 -53.62 0.51 27.14
C LYS H 103 -52.96 1.46 26.14
N SER H 104 -53.76 2.30 25.48
CA SER H 104 -53.28 3.25 24.44
C SER H 104 -52.70 4.51 25.11
N ILE H 105 -51.97 5.33 24.34
CA ILE H 105 -51.33 6.60 24.83
C ILE H 105 -51.99 7.82 24.15
N LYS H 106 -52.61 8.68 24.97
CA LYS H 106 -53.17 9.99 24.56
C LYS H 106 -52.02 10.98 24.39
N ALA H 107 -52.17 11.93 23.47
CA ALA H 107 -51.22 13.04 23.20
C ALA H 107 -50.83 13.75 24.50
N GLY H 108 -49.58 14.22 24.58
CA GLY H 108 -49.01 14.93 25.73
C GLY H 108 -48.43 13.98 26.78
N GLU H 109 -48.98 12.77 26.86
CA GLU H 109 -48.56 11.70 27.82
C GLU H 109 -47.19 11.13 27.42
N SER H 110 -46.52 10.48 28.36
CA SER H 110 -45.11 10.04 28.27
C SER H 110 -45.04 8.53 28.40
N PHE H 111 -44.00 7.95 27.84
CA PHE H 111 -43.76 6.49 27.91
C PHE H 111 -42.32 6.18 27.49
N ASN H 112 -41.90 4.94 27.78
CA ASN H 112 -40.53 4.41 27.60
C ASN H 112 -40.49 3.58 26.31
N ILE H 113 -39.47 3.77 25.48
CA ILE H 113 -39.12 2.87 24.35
C ILE H 113 -37.94 2.02 24.80
N LEU H 114 -38.02 0.69 24.63
CA LEU H 114 -36.85 -0.21 24.67
C LEU H 114 -36.39 -0.49 23.24
N ALA H 115 -35.44 0.29 22.73
CA ALA H 115 -34.90 0.19 21.35
C ALA H 115 -34.23 -1.18 21.20
N CYS H 116 -34.64 -1.94 20.18
CA CYS H 116 -34.24 -3.34 19.95
C CYS H 116 -33.85 -3.51 18.48
N TYR H 117 -32.57 -3.81 18.22
CA TYR H 117 -32.02 -4.23 16.91
C TYR H 117 -32.18 -5.75 16.81
N GLU H 118 -33.15 -6.20 16.01
CA GLU H 118 -33.33 -7.61 15.60
C GLU H 118 -33.12 -8.53 16.81
N GLY H 119 -33.77 -8.23 17.94
CA GLY H 119 -33.98 -9.19 19.03
C GLY H 119 -33.30 -8.80 20.33
N CYS H 120 -32.23 -7.99 20.29
CA CYS H 120 -31.45 -7.64 21.51
C CYS H 120 -31.87 -6.28 22.03
N PRO H 121 -32.39 -6.21 23.28
CA PRO H 121 -32.62 -4.93 23.97
C PRO H 121 -31.36 -4.06 23.97
N GLY H 122 -31.42 -2.88 23.37
CA GLY H 122 -30.27 -2.01 23.11
C GLY H 122 -30.16 -0.90 24.13
N SER H 123 -31.22 -0.11 24.27
CA SER H 123 -31.25 1.08 25.14
C SER H 123 -32.68 1.40 25.54
N VAL H 124 -32.83 2.22 26.59
CA VAL H 124 -34.14 2.75 27.07
C VAL H 124 -34.06 4.26 27.07
N TYR H 125 -35.10 4.92 26.59
CA TYR H 125 -35.28 6.38 26.67
C TYR H 125 -36.78 6.70 26.79
N GLY H 126 -37.08 7.85 27.38
CA GLY H 126 -38.44 8.42 27.45
C GLY H 126 -38.77 9.22 26.20
N VAL H 127 -40.03 9.13 25.76
CA VAL H 127 -40.59 9.84 24.58
C VAL H 127 -41.88 10.51 25.03
N ASN H 128 -42.42 11.42 24.23
CA ASN H 128 -43.71 12.08 24.57
C ASN H 128 -44.61 12.03 23.34
N MET H 129 -45.84 11.54 23.50
CA MET H 129 -46.83 11.40 22.41
C MET H 129 -47.23 12.81 21.94
N ARG H 130 -46.82 13.17 20.71
CA ARG H 130 -47.24 14.39 19.98
C ARG H 130 -48.76 14.31 19.68
N SER H 131 -49.37 15.39 19.18
CA SER H 131 -50.84 15.51 18.99
C SER H 131 -51.30 14.68 17.77
N GLN H 132 -50.47 14.60 16.72
CA GLN H 132 -50.82 13.95 15.44
C GLN H 132 -50.45 12.46 15.53
N GLY H 133 -50.53 11.87 16.74
CA GLY H 133 -50.31 10.42 17.01
C GLY H 133 -48.87 9.94 16.75
N THR H 134 -47.85 10.80 16.91
CA THR H 134 -46.44 10.52 16.51
C THR H 134 -45.48 10.66 17.71
N ILE H 135 -44.24 10.18 17.55
CA ILE H 135 -43.08 10.43 18.46
C ILE H 135 -41.83 10.80 17.63
N LYS H 136 -41.13 11.85 18.05
CA LYS H 136 -39.74 12.18 17.61
C LYS H 136 -38.76 11.32 18.41
N GLY H 137 -38.66 10.03 18.07
CA GLY H 137 -37.77 9.09 18.76
C GLY H 137 -36.38 9.05 18.12
N SER H 138 -35.68 7.95 18.33
CA SER H 138 -34.54 7.50 17.51
C SER H 138 -34.79 6.06 17.07
N PHE H 139 -34.88 5.85 15.77
CA PHE H 139 -35.44 4.64 15.12
C PHE H 139 -34.81 4.48 13.73
N ILE H 140 -34.26 3.30 13.46
CA ILE H 140 -33.51 3.00 12.20
C ILE H 140 -33.91 1.60 11.69
N ALA H 141 -33.71 1.36 10.40
CA ALA H 141 -33.87 0.04 9.75
C ALA H 141 -33.42 -1.05 10.73
N GLY H 142 -34.35 -1.86 11.25
CA GLY H 142 -34.05 -3.03 12.09
C GLY H 142 -34.81 -3.04 13.41
N THR H 143 -35.32 -1.88 13.86
CA THR H 143 -35.89 -1.70 15.23
C THR H 143 -37.37 -2.07 15.26
N CYS H 144 -38.02 -2.13 14.07
CA CYS H 144 -39.47 -2.44 13.91
C CYS H 144 -39.87 -3.60 14.84
N GLY H 145 -40.79 -3.34 15.76
CA GLY H 145 -41.27 -4.31 16.76
C GLY H 145 -40.88 -3.93 18.18
N SER H 146 -40.12 -2.85 18.34
CA SER H 146 -39.63 -2.36 19.65
C SER H 146 -40.79 -1.82 20.48
N VAL H 147 -40.74 -1.99 21.79
CA VAL H 147 -41.92 -2.04 22.71
C VAL H 147 -41.85 -0.88 23.71
N GLY H 148 -42.71 0.14 23.54
CA GLY H 148 -42.93 1.21 24.51
C GLY H 148 -43.83 0.76 25.65
N TYR H 149 -43.62 1.28 26.87
CA TYR H 149 -44.24 0.80 28.13
C TYR H 149 -44.27 1.92 29.17
N VAL H 150 -45.06 1.76 30.23
CA VAL H 150 -45.12 2.68 31.40
C VAL H 150 -45.32 1.86 32.68
N LEU H 151 -45.12 2.47 33.84
CA LEU H 151 -45.35 1.87 35.17
C LEU H 151 -46.14 2.85 36.03
N GLU H 152 -47.47 2.74 36.02
CA GLU H 152 -48.38 3.58 36.85
C GLU H 152 -48.83 2.77 38.07
N ASN H 153 -48.60 3.31 39.27
CA ASN H 153 -48.98 2.70 40.56
C ASN H 153 -48.75 1.18 40.46
N GLY H 154 -47.47 0.78 40.29
CA GLY H 154 -47.00 -0.61 40.23
C GLY H 154 -47.90 -1.49 39.39
N ILE H 155 -48.29 -1.02 38.21
CA ILE H 155 -48.87 -1.87 37.12
C ILE H 155 -48.02 -1.64 35.86
N LEU H 156 -47.56 -2.71 35.22
CA LEU H 156 -46.85 -2.63 33.92
C LEU H 156 -47.88 -2.63 32.79
N TYR H 157 -47.93 -1.54 32.02
CA TYR H 157 -48.68 -1.43 30.74
C TYR H 157 -47.68 -1.35 29.59
N PHE H 158 -47.81 -2.25 28.63
CA PHE H 158 -47.25 -2.13 27.27
C PHE H 158 -48.20 -1.24 26.47
N VAL H 159 -47.68 -0.33 25.64
CA VAL H 159 -48.48 0.77 25.04
C VAL H 159 -48.03 1.08 23.61
N TYR H 160 -46.93 0.51 23.14
CA TYR H 160 -46.37 0.88 21.81
C TYR H 160 -45.59 -0.31 21.24
N MET H 161 -45.69 -0.46 19.92
CA MET H 161 -44.83 -1.34 19.10
C MET H 161 -44.57 -0.60 17.77
N HIS H 162 -43.30 -0.47 17.38
CA HIS H 162 -42.86 0.51 16.36
C HIS H 162 -43.19 -0.08 14.97
N HIS H 163 -43.32 0.77 13.93
CA HIS H 163 -43.69 0.33 12.55
C HIS H 163 -42.90 1.13 11.48
N LEU H 164 -43.08 2.46 11.38
CA LEU H 164 -42.61 3.24 10.21
C LEU H 164 -42.16 4.65 10.62
N GLU H 165 -41.36 5.30 9.77
CA GLU H 165 -40.93 6.72 9.91
C GLU H 165 -41.53 7.51 8.75
N LEU H 166 -42.21 8.62 9.04
CA LEU H 166 -42.70 9.60 8.03
C LEU H 166 -41.53 10.42 7.51
N GLY H 167 -41.73 11.12 6.39
CA GLY H 167 -40.67 11.86 5.68
C GLY H 167 -40.19 13.08 6.45
N ASN H 168 -40.93 13.52 7.50
CA ASN H 168 -40.60 14.75 8.28
C ASN H 168 -39.69 14.39 9.45
N GLY H 169 -39.60 13.10 9.78
CA GLY H 169 -38.72 12.56 10.85
C GLY H 169 -39.49 11.85 11.95
N SER H 170 -40.80 12.14 12.10
CA SER H 170 -41.71 11.53 13.12
C SER H 170 -41.71 9.99 12.97
N HIS H 171 -42.08 9.27 14.04
CA HIS H 171 -42.02 7.78 14.13
C HIS H 171 -43.38 7.21 14.56
N VAL H 172 -43.98 6.41 13.68
CA VAL H 172 -45.36 5.86 13.85
C VAL H 172 -45.26 4.42 14.30
N GLY H 173 -45.97 4.09 15.37
CA GLY H 173 -46.11 2.73 15.92
C GLY H 173 -47.56 2.47 16.32
N SER H 174 -47.81 1.48 17.15
CA SER H 174 -49.20 1.03 17.43
C SER H 174 -49.32 0.45 18.84
N ASN H 175 -50.54 0.34 19.30
CA ASN H 175 -50.88 -0.34 20.57
C ASN H 175 -50.72 -1.85 20.36
N LEU H 176 -50.79 -2.62 21.44
CA LEU H 176 -50.72 -4.11 21.39
C LEU H 176 -52.11 -4.68 21.04
N GLU H 177 -52.99 -3.85 20.46
CA GLU H 177 -54.35 -4.22 19.99
C GLU H 177 -54.46 -4.04 18.48
N GLY H 178 -53.55 -3.27 17.87
CA GLY H 178 -53.24 -3.38 16.43
C GLY H 178 -53.52 -2.10 15.64
N GLU H 179 -54.15 -1.09 16.26
CA GLU H 179 -54.48 0.20 15.58
C GLU H 179 -53.28 1.14 15.62
N MET H 180 -52.99 1.77 14.50
CA MET H 180 -51.88 2.75 14.37
C MET H 180 -52.33 4.12 14.91
N TYR H 181 -51.72 4.55 16.03
CA TYR H 181 -51.74 5.94 16.53
C TYR H 181 -51.66 6.91 15.35
N GLY H 182 -52.62 7.83 15.25
CA GLY H 182 -52.71 8.85 14.18
C GLY H 182 -53.34 8.28 12.90
N GLY H 183 -54.02 7.12 13.01
CA GLY H 183 -54.78 6.49 11.92
C GLY H 183 -53.98 6.38 10.62
N TYR H 184 -52.65 6.47 10.73
CA TYR H 184 -51.69 6.22 9.63
C TYR H 184 -51.81 4.76 9.16
N GLU H 185 -51.75 4.55 7.84
CA GLU H 185 -51.55 3.20 7.23
C GLU H 185 -50.10 2.78 7.48
N ASP H 186 -49.85 1.47 7.67
CA ASP H 186 -48.51 0.85 7.57
C ASP H 186 -48.27 0.47 6.10
N GLN H 187 -48.22 1.50 5.24
CA GLN H 187 -47.85 1.45 3.80
C GLN H 187 -46.93 2.64 3.53
N PRO H 188 -45.99 2.53 2.57
CA PRO H 188 -44.97 3.57 2.40
C PRO H 188 -45.28 4.77 1.49
N SER H 189 -46.52 4.92 1.01
CA SER H 189 -46.87 5.92 -0.04
C SER H 189 -46.23 7.27 0.35
N MET H 190 -46.87 8.03 1.25
CA MET H 190 -46.38 9.37 1.72
C MET H 190 -47.41 9.98 2.68
N GLN H 191 -47.92 9.20 3.65
CA GLN H 191 -48.86 9.70 4.68
C GLN H 191 -48.22 10.89 5.40
N LEU H 192 -48.90 12.04 5.43
CA LEU H 192 -48.38 13.29 6.06
C LEU H 192 -48.88 13.39 7.50
N GLU H 193 -48.10 14.04 8.36
CA GLU H 193 -48.33 14.10 9.82
C GLU H 193 -49.50 15.02 10.10
N GLY H 194 -49.41 16.28 9.63
CA GLY H 194 -50.39 17.33 9.94
C GLY H 194 -49.73 18.49 10.66
N THR H 195 -50.53 19.26 11.42
CA THR H 195 -50.14 20.58 12.00
C THR H 195 -49.17 20.36 13.18
N ASN H 196 -49.58 19.55 14.17
CA ASN H 196 -48.83 19.21 15.41
C ASN H 196 -48.99 20.33 16.46
N VAL H 197 -49.71 20.00 17.53
CA VAL H 197 -50.20 20.94 18.59
C VAL H 197 -49.40 20.70 19.87
N MET H 198 -48.71 21.74 20.36
CA MET H 198 -47.86 21.73 21.58
C MET H 198 -48.75 21.60 22.81
N SER H 199 -48.41 20.67 23.72
CA SER H 199 -49.09 20.48 25.02
C SER H 199 -48.85 21.71 25.91
N SER H 200 -49.91 22.36 26.34
CA SER H 200 -49.83 23.58 27.16
C SER H 200 -49.52 23.21 28.60
N ASP H 201 -50.04 22.06 29.07
CA ASP H 201 -49.74 21.49 30.41
C ASP H 201 -48.24 21.24 30.49
N ASN H 202 -47.68 20.60 29.47
CA ASN H 202 -46.28 20.14 29.48
C ASN H 202 -45.33 21.36 29.51
N VAL H 203 -45.66 22.45 28.80
CA VAL H 203 -44.81 23.69 28.69
C VAL H 203 -44.79 24.42 30.05
N VAL H 204 -45.95 24.58 30.67
CA VAL H 204 -46.08 25.14 32.04
C VAL H 204 -45.14 24.32 32.94
N ALA H 205 -45.33 22.99 32.96
CA ALA H 205 -44.47 22.04 33.71
C ALA H 205 -43.01 22.41 33.49
N PHE H 206 -42.60 22.58 32.22
CA PHE H 206 -41.20 22.83 31.78
C PHE H 206 -40.72 24.19 32.29
N LEU H 207 -41.60 25.18 32.33
CA LEU H 207 -41.21 26.55 32.70
C LEU H 207 -41.03 26.61 34.23
N TYR H 208 -41.89 25.93 34.99
CA TYR H 208 -41.73 25.74 36.46
C TYR H 208 -40.39 25.06 36.70
N ALA H 209 -40.14 23.95 36.01
CA ALA H 209 -38.86 23.26 36.04
C ALA H 209 -37.72 24.30 35.96
N ALA H 210 -37.89 25.33 35.12
CA ALA H 210 -36.84 26.33 34.81
C ALA H 210 -36.75 27.38 35.93
N LEU H 211 -37.88 27.78 36.52
CA LEU H 211 -37.93 28.66 37.72
C LEU H 211 -37.14 28.02 38.87
N ILE H 212 -37.44 26.76 39.18
CA ILE H 212 -36.79 26.01 40.29
C ILE H 212 -35.30 25.89 39.97
N ASN H 213 -34.95 25.86 38.69
CA ASN H 213 -33.53 25.70 38.24
C ASN H 213 -32.82 27.05 38.05
N GLY H 214 -33.37 28.15 38.59
CA GLY H 214 -32.71 29.47 38.66
C GLY H 214 -32.87 30.33 37.40
N GLU H 215 -33.69 29.93 36.41
CA GLU H 215 -34.02 30.81 35.23
C GLU H 215 -35.19 31.70 35.60
N ARG H 216 -35.16 32.97 35.19
CA ARG H 216 -36.19 33.98 35.59
C ARG H 216 -36.36 35.10 34.53
N TRP H 217 -35.59 35.10 33.44
CA TRP H 217 -35.58 36.21 32.48
C TRP H 217 -36.94 36.31 31.77
N PHE H 218 -37.64 35.19 31.59
CA PHE H 218 -38.92 35.09 30.82
C PHE H 218 -40.11 35.46 31.69
N VAL H 219 -39.90 35.84 32.95
CA VAL H 219 -40.99 36.17 33.90
C VAL H 219 -41.03 37.69 34.06
N THR H 220 -42.23 38.25 33.98
CA THR H 220 -42.53 39.70 34.09
C THR H 220 -43.60 39.87 35.15
N ASN H 221 -44.26 41.03 35.17
CA ASN H 221 -45.33 41.37 36.15
C ASN H 221 -46.71 41.12 35.53
N THR H 222 -46.79 40.46 34.37
CA THR H 222 -48.06 40.18 33.64
C THR H 222 -48.53 38.73 33.93
N SER H 223 -49.77 38.57 34.41
CA SER H 223 -50.54 37.30 34.46
C SER H 223 -51.67 37.33 33.42
N MET H 224 -51.90 36.22 32.74
CA MET H 224 -52.96 36.05 31.73
C MET H 224 -54.04 35.10 32.25
N SER H 225 -55.29 35.40 31.96
CA SER H 225 -56.51 34.63 32.35
C SER H 225 -56.50 33.28 31.64
N LEU H 226 -57.02 32.26 32.32
CA LEU H 226 -57.19 30.89 31.77
C LEU H 226 -57.94 30.97 30.43
N GLU H 227 -59.16 31.56 30.45
CA GLU H 227 -60.03 31.80 29.26
C GLU H 227 -59.19 32.52 28.20
N SER H 228 -58.51 33.57 28.60
CA SER H 228 -57.65 34.40 27.72
C SER H 228 -56.61 33.50 27.05
N TYR H 229 -55.90 32.69 27.82
CA TYR H 229 -54.88 31.76 27.27
C TYR H 229 -55.59 30.77 26.34
N ASN H 230 -56.69 30.18 26.81
CA ASN H 230 -57.38 29.08 26.09
C ASN H 230 -57.85 29.61 24.71
N THR H 231 -58.45 30.80 24.66
CA THR H 231 -58.78 31.53 23.41
C THR H 231 -57.51 31.70 22.55
N TRP H 232 -56.45 32.35 23.07
CA TRP H 232 -55.19 32.57 22.33
C TRP H 232 -54.73 31.23 21.74
N ALA H 233 -54.85 30.15 22.52
CA ALA H 233 -54.23 28.85 22.24
C ALA H 233 -54.81 28.27 20.94
N LYS H 234 -56.14 28.17 20.85
CA LYS H 234 -56.89 27.49 19.74
C LYS H 234 -56.34 28.00 18.39
N THR H 235 -56.05 29.30 18.29
CA THR H 235 -55.58 29.95 17.05
C THR H 235 -54.05 29.92 16.96
N ASN H 236 -53.36 29.19 17.85
CA ASN H 236 -51.88 29.32 18.02
C ASN H 236 -51.19 27.95 18.10
N SER H 237 -51.91 26.85 17.92
CA SER H 237 -51.38 25.46 17.92
C SER H 237 -50.91 25.09 19.34
N PHE H 238 -51.78 25.24 20.33
CA PHE H 238 -51.51 24.87 21.74
C PHE H 238 -52.78 24.30 22.36
N THR H 239 -52.67 23.20 23.07
CA THR H 239 -53.80 22.57 23.77
C THR H 239 -54.41 23.59 24.74
N GLU H 240 -55.71 23.53 24.95
CA GLU H 240 -56.38 24.20 26.08
C GLU H 240 -55.72 23.69 27.36
N LEU H 241 -55.36 24.58 28.28
CA LEU H 241 -54.97 24.14 29.63
C LEU H 241 -56.21 23.51 30.26
N SER H 242 -56.14 22.22 30.56
CA SER H 242 -57.25 21.42 31.14
C SER H 242 -57.68 22.04 32.47
N SER H 243 -56.76 22.03 33.43
CA SER H 243 -56.98 22.37 34.85
C SER H 243 -55.72 23.08 35.38
N ILE H 244 -55.86 23.80 36.48
CA ILE H 244 -54.74 24.50 37.19
C ILE H 244 -54.36 23.70 38.44
N ASP H 245 -55.25 22.80 38.90
CA ASP H 245 -55.04 21.88 40.05
C ASP H 245 -53.71 21.15 39.91
N ALA H 246 -53.43 20.66 38.70
CA ALA H 246 -52.22 19.89 38.34
C ALA H 246 -50.95 20.62 38.84
N PHE H 247 -51.04 21.94 39.05
CA PHE H 247 -49.88 22.84 39.24
C PHE H 247 -49.84 23.45 40.65
N SER H 248 -50.73 23.05 41.55
CA SER H 248 -50.89 23.71 42.88
C SER H 248 -49.55 23.73 43.63
N MET H 249 -48.87 22.57 43.75
CA MET H 249 -47.63 22.43 44.55
C MET H 249 -46.53 23.33 43.99
N LEU H 250 -46.42 23.42 42.65
CA LEU H 250 -45.33 24.16 41.95
C LEU H 250 -45.56 25.67 42.09
N ALA H 251 -46.78 26.13 41.90
CA ALA H 251 -47.19 27.53 42.13
C ALA H 251 -46.90 27.90 43.58
N ALA H 252 -47.14 26.98 44.52
CA ALA H 252 -46.85 27.12 45.97
C ALA H 252 -45.35 27.28 46.19
N LYS H 253 -44.56 26.30 45.77
CA LYS H 253 -43.09 26.26 45.96
C LYS H 253 -42.43 27.50 45.32
N THR H 254 -42.68 27.78 44.03
CA THR H 254 -41.97 28.83 43.23
C THR H 254 -42.51 30.24 43.52
N GLY H 255 -43.76 30.31 44.01
CA GLY H 255 -44.49 31.58 44.23
C GLY H 255 -44.87 32.27 42.92
N GLN H 256 -45.08 31.50 41.84
CA GLN H 256 -45.44 32.00 40.49
C GLN H 256 -46.68 31.25 39.99
N SER H 257 -47.79 31.98 39.75
CA SER H 257 -49.10 31.42 39.35
C SER H 257 -49.03 30.85 37.92
N VAL H 258 -49.86 29.84 37.64
CA VAL H 258 -50.02 29.25 36.29
C VAL H 258 -50.20 30.37 35.28
N GLU H 259 -50.96 31.37 35.67
CA GLU H 259 -51.36 32.51 34.81
C GLU H 259 -50.14 33.39 34.52
N LYS H 260 -49.16 33.49 35.44
CA LYS H 260 -47.86 34.20 35.18
C LYS H 260 -47.16 33.48 34.04
N LEU H 261 -47.22 32.16 34.07
CA LEU H 261 -46.52 31.30 33.09
C LEU H 261 -47.32 31.24 31.79
N LEU H 262 -48.66 31.23 31.90
CA LEU H 262 -49.55 31.29 30.71
C LEU H 262 -49.17 32.52 29.88
N ASP H 263 -49.07 33.69 30.51
CA ASP H 263 -48.64 34.95 29.85
C ASP H 263 -47.23 34.76 29.29
N SER H 264 -46.34 34.10 30.03
CA SER H 264 -44.94 33.84 29.59
C SER H 264 -44.95 33.00 28.30
N ILE H 265 -45.79 31.95 28.22
CA ILE H 265 -45.88 31.09 27.00
C ILE H 265 -46.19 31.99 25.80
N VAL H 266 -47.12 32.95 25.95
CA VAL H 266 -47.61 33.86 24.87
C VAL H 266 -46.44 34.72 24.38
N ARG H 267 -45.79 35.48 25.26
CA ARG H 267 -44.61 36.34 24.91
C ARG H 267 -43.53 35.48 24.24
N LEU H 268 -43.18 34.34 24.85
CA LEU H 268 -42.00 33.52 24.50
C LEU H 268 -42.17 32.86 23.12
N ASN H 269 -43.37 32.33 22.85
CA ASN H 269 -43.72 31.59 21.60
C ASN H 269 -43.37 32.46 20.38
N LYS H 270 -43.59 33.78 20.51
CA LYS H 270 -43.13 34.82 19.53
C LYS H 270 -41.64 34.61 19.23
N GLY H 271 -40.79 34.56 20.27
CA GLY H 271 -39.37 34.19 20.12
C GLY H 271 -38.58 34.38 21.41
N PHE H 272 -37.39 33.76 21.48
CA PHE H 272 -36.49 33.78 22.67
C PHE H 272 -35.50 34.95 22.55
N GLY H 273 -35.02 35.24 21.33
CA GLY H 273 -34.17 36.40 21.02
C GLY H 273 -32.72 36.20 21.43
N GLY H 274 -32.20 34.98 21.28
CA GLY H 274 -30.81 34.61 21.62
C GLY H 274 -30.70 33.96 22.99
N ARG H 275 -31.62 34.28 23.91
CA ARG H 275 -31.74 33.66 25.26
C ARG H 275 -32.08 32.16 25.13
N THR H 276 -31.87 31.39 26.20
CA THR H 276 -32.23 29.94 26.31
C THR H 276 -32.98 29.70 27.61
N ILE H 277 -33.82 28.66 27.65
CA ILE H 277 -34.42 28.12 28.92
C ILE H 277 -33.95 26.67 29.10
N LEU H 278 -33.31 26.36 30.23
CA LEU H 278 -32.53 25.12 30.48
C LEU H 278 -31.91 24.64 29.18
N SER H 279 -31.20 25.53 28.49
CA SER H 279 -30.30 25.20 27.34
C SER H 279 -31.11 25.06 26.04
N TYR H 280 -32.43 24.88 26.13
CA TYR H 280 -33.33 24.82 24.96
C TYR H 280 -33.47 26.23 24.34
N GLY H 281 -33.42 26.29 23.00
CA GLY H 281 -33.61 27.53 22.21
C GLY H 281 -35.07 27.91 22.04
N SER H 282 -35.98 26.94 22.18
CA SER H 282 -37.45 27.07 21.97
C SER H 282 -38.20 26.33 23.10
N LEU H 283 -39.49 26.63 23.30
CA LEU H 283 -40.31 26.00 24.36
C LEU H 283 -40.31 24.48 24.17
N CYS H 284 -40.18 23.74 25.28
CA CYS H 284 -40.14 22.25 25.34
C CYS H 284 -41.46 21.72 25.91
N ASP H 285 -42.04 20.71 25.26
CA ASP H 285 -43.31 20.06 25.68
C ASP H 285 -43.11 18.55 25.82
N GLU H 286 -41.87 18.10 26.12
CA GLU H 286 -41.50 16.66 26.26
C GLU H 286 -41.83 16.18 27.69
N PHE H 287 -41.95 17.11 28.63
CA PHE H 287 -42.04 16.83 30.08
C PHE H 287 -43.45 17.18 30.59
N THR H 288 -44.13 16.23 31.21
CA THR H 288 -45.46 16.41 31.82
C THR H 288 -45.31 16.91 33.24
N PRO H 289 -46.36 17.49 33.85
CA PRO H 289 -46.31 17.90 35.24
C PRO H 289 -45.77 16.80 36.16
N THR H 290 -46.21 15.57 35.95
CA THR H 290 -45.90 14.36 36.78
C THR H 290 -44.39 14.14 36.81
N GLU H 291 -43.75 14.08 35.64
CA GLU H 291 -42.28 14.01 35.45
C GLU H 291 -41.56 15.14 36.20
N VAL H 292 -42.01 16.39 36.03
CA VAL H 292 -41.31 17.55 36.65
C VAL H 292 -41.43 17.43 38.17
N ILE H 293 -42.65 17.27 38.67
CA ILE H 293 -42.92 17.11 40.12
C ILE H 293 -41.97 16.02 40.68
N ARG H 294 -41.81 14.91 39.97
CA ARG H 294 -41.00 13.74 40.43
C ARG H 294 -39.53 14.12 40.44
N GLN H 295 -39.08 14.81 39.43
CA GLN H 295 -37.64 15.09 39.17
C GLN H 295 -37.20 16.21 40.12
N MET H 296 -38.15 17.06 40.53
CA MET H 296 -37.95 18.26 41.37
C MET H 296 -38.03 17.90 42.85
N TYR H 297 -38.93 16.99 43.24
CA TYR H 297 -39.26 16.75 44.67
C TYR H 297 -39.29 15.25 45.04
N GLY H 298 -39.34 14.31 44.08
CA GLY H 298 -39.35 12.85 44.34
C GLY H 298 -40.73 12.28 44.67
N VAL H 299 -41.82 13.02 44.35
CA VAL H 299 -43.24 12.56 44.49
C VAL H 299 -43.74 12.12 43.10
#